data_1WEZ
#
_entry.id   1WEZ
#
_entity_poly.entity_id   1
_entity_poly.type   'polypeptide(L)'
_entity_poly.pdbx_seq_one_letter_code
;GSSGSSGSSFQSTTGHCVHMRGLPYRATENDIYNFFSPLNPMRVHIEIGPDGRVTGEADVEFATHEDAVAAMAKDKANMQ
HRYVELFLNSTAGTSGSGPSSG
;
_entity_poly.pdbx_strand_id   A
#
# COMPACT_ATOMS: atom_id res chain seq x y z
N GLY A 1 6.98 20.25 18.83
CA GLY A 1 6.68 20.38 17.41
C GLY A 1 5.44 19.56 17.03
N SER A 2 5.70 18.46 16.32
CA SER A 2 4.62 17.59 15.90
C SER A 2 3.51 18.41 15.22
N SER A 3 3.63 18.52 13.91
CA SER A 3 2.65 19.28 13.14
C SER A 3 1.78 18.31 12.32
N GLY A 4 2.45 17.54 11.49
CA GLY A 4 1.76 16.58 10.64
C GLY A 4 2.74 15.80 9.77
N SER A 5 2.42 14.53 9.54
CA SER A 5 3.27 13.67 8.74
C SER A 5 4.49 13.22 9.56
N SER A 6 5.35 14.18 9.83
CA SER A 6 6.56 13.89 10.60
C SER A 6 6.25 13.95 12.10
N GLY A 7 7.01 13.17 12.86
CA GLY A 7 6.83 13.12 14.30
C GLY A 7 7.97 12.37 14.97
N SER A 8 7.66 11.76 16.11
CA SER A 8 8.66 11.01 16.85
C SER A 8 8.12 9.61 17.16
N SER A 9 9.03 8.66 17.18
CA SER A 9 8.67 7.28 17.45
C SER A 9 7.78 6.73 16.34
N PHE A 10 7.71 5.41 16.27
CA PHE A 10 6.89 4.75 15.26
C PHE A 10 5.42 5.10 15.42
N GLN A 11 4.91 4.80 16.61
CA GLN A 11 3.50 5.07 16.92
C GLN A 11 2.63 4.70 15.72
N SER A 12 2.20 3.44 15.71
CA SER A 12 1.35 2.94 14.64
C SER A 12 0.29 3.98 14.30
N THR A 13 0.36 4.46 13.06
CA THR A 13 -0.59 5.46 12.59
C THR A 13 -2.00 4.89 12.59
N THR A 14 -2.11 3.63 12.17
CA THR A 14 -3.40 2.96 12.13
C THR A 14 -3.22 1.46 12.26
N GLY A 15 -2.23 0.94 11.54
CA GLY A 15 -1.94 -0.48 11.58
C GLY A 15 -2.09 -1.11 10.18
N HIS A 16 -3.25 -0.87 9.59
CA HIS A 16 -3.53 -1.39 8.26
C HIS A 16 -2.77 -0.57 7.21
N CYS A 17 -1.79 -1.20 6.59
CA CYS A 17 -1.00 -0.55 5.57
C CYS A 17 -0.71 -1.56 4.46
N VAL A 18 -0.22 -1.04 3.34
CA VAL A 18 0.10 -1.88 2.20
C VAL A 18 1.40 -1.39 1.56
N HIS A 19 2.35 -2.31 1.47
CA HIS A 19 3.64 -1.99 0.88
C HIS A 19 3.59 -2.23 -0.63
N MET A 20 4.30 -1.38 -1.35
CA MET A 20 4.35 -1.49 -2.80
C MET A 20 5.80 -1.66 -3.30
N ARG A 21 5.94 -2.51 -4.30
CA ARG A 21 7.26 -2.76 -4.86
C ARG A 21 7.13 -3.14 -6.34
N GLY A 22 8.20 -2.86 -7.08
CA GLY A 22 8.22 -3.16 -8.50
C GLY A 22 7.13 -2.39 -9.24
N LEU A 23 7.13 -1.08 -9.06
CA LEU A 23 6.16 -0.23 -9.70
C LEU A 23 6.72 0.30 -11.02
N PRO A 24 5.79 0.67 -11.94
CA PRO A 24 6.17 1.19 -13.25
C PRO A 24 6.69 2.62 -13.13
N TYR A 25 7.54 2.98 -14.09
CA TYR A 25 8.11 4.32 -14.11
C TYR A 25 7.03 5.38 -14.35
N ARG A 26 6.04 5.00 -15.14
CA ARG A 26 4.95 5.90 -15.45
C ARG A 26 3.76 5.65 -14.51
N ALA A 27 4.09 5.43 -13.25
CA ALA A 27 3.08 5.17 -12.24
C ALA A 27 3.04 6.34 -11.26
N THR A 28 1.85 6.93 -11.14
CA THR A 28 1.67 8.05 -10.24
C THR A 28 0.54 7.75 -9.23
N GLU A 29 0.60 8.46 -8.11
CA GLU A 29 -0.40 8.28 -7.07
C GLU A 29 -1.79 8.12 -7.68
N ASN A 30 -2.16 9.10 -8.50
CA ASN A 30 -3.46 9.08 -9.16
C ASN A 30 -3.76 7.67 -9.64
N ASP A 31 -2.73 7.01 -10.16
CA ASP A 31 -2.87 5.66 -10.66
C ASP A 31 -2.97 4.69 -9.48
N ILE A 32 -2.05 4.87 -8.53
CA ILE A 32 -2.02 4.04 -7.35
C ILE A 32 -3.36 4.12 -6.63
N TYR A 33 -4.11 5.18 -6.95
CA TYR A 33 -5.40 5.39 -6.34
C TYR A 33 -6.49 4.59 -7.07
N ASN A 34 -6.37 4.58 -8.40
CA ASN A 34 -7.33 3.86 -9.21
C ASN A 34 -6.92 2.39 -9.31
N PHE A 35 -5.67 2.14 -8.96
CA PHE A 35 -5.14 0.78 -9.01
C PHE A 35 -5.64 -0.03 -7.81
N PHE A 36 -6.24 0.66 -6.86
CA PHE A 36 -6.76 0.02 -5.67
C PHE A 36 -8.27 0.23 -5.54
N SER A 37 -8.79 1.07 -6.43
CA SER A 37 -10.21 1.36 -6.43
C SER A 37 -11.00 0.13 -6.87
N PRO A 38 -12.30 0.12 -6.47
CA PRO A 38 -12.87 1.20 -5.70
C PRO A 38 -12.39 1.16 -4.25
N LEU A 39 -11.67 2.19 -3.86
CA LEU A 39 -11.15 2.28 -2.50
C LEU A 39 -10.66 3.71 -2.24
N ASN A 40 -10.28 3.95 -0.99
CA ASN A 40 -9.80 5.27 -0.59
C ASN A 40 -8.60 5.10 0.34
N PRO A 41 -7.38 5.13 -0.28
CA PRO A 41 -6.16 4.99 0.49
C PRO A 41 -5.84 6.26 1.26
N MET A 42 -5.76 6.12 2.58
CA MET A 42 -5.46 7.26 3.44
C MET A 42 -4.40 8.15 2.82
N ARG A 43 -3.38 7.51 2.24
CA ARG A 43 -2.30 8.25 1.61
C ARG A 43 -1.36 7.27 0.88
N VAL A 44 -0.84 7.74 -0.24
CA VAL A 44 0.08 6.93 -1.03
C VAL A 44 1.44 7.60 -1.08
N HIS A 45 2.39 6.99 -0.39
CA HIS A 45 3.75 7.52 -0.35
C HIS A 45 4.53 7.05 -1.57
N ILE A 46 5.23 7.99 -2.20
CA ILE A 46 6.02 7.67 -3.37
C ILE A 46 7.50 7.80 -3.03
N GLU A 47 8.18 6.66 -3.07
CA GLU A 47 9.60 6.63 -2.77
C GLU A 47 10.41 7.07 -3.98
N ILE A 48 11.24 8.08 -3.77
CA ILE A 48 12.07 8.62 -4.84
C ILE A 48 13.51 8.16 -4.62
N GLY A 49 14.16 7.79 -5.72
CA GLY A 49 15.53 7.34 -5.67
C GLY A 49 16.48 8.50 -5.42
N PRO A 50 16.90 9.16 -6.54
CA PRO A 50 17.81 10.29 -6.45
C PRO A 50 17.08 11.54 -5.95
N ASP A 51 16.42 12.20 -6.88
CA ASP A 51 15.69 13.42 -6.55
C ASP A 51 14.58 13.63 -7.57
N GLY A 52 14.05 12.53 -8.07
CA GLY A 52 12.99 12.58 -9.06
C GLY A 52 12.62 11.18 -9.54
N ARG A 53 13.65 10.41 -9.90
CA ARG A 53 13.44 9.07 -10.38
C ARG A 53 12.88 8.18 -9.26
N VAL A 54 11.76 7.55 -9.57
CA VAL A 54 11.11 6.67 -8.60
C VAL A 54 11.98 5.43 -8.38
N THR A 55 11.59 4.66 -7.38
CA THR A 55 12.32 3.44 -7.06
C THR A 55 11.49 2.21 -7.40
N GLY A 56 10.18 2.40 -7.40
CA GLY A 56 9.26 1.31 -7.71
C GLY A 56 8.54 0.83 -6.45
N GLU A 57 8.77 1.55 -5.36
CA GLU A 57 8.15 1.21 -4.09
C GLU A 57 7.13 2.28 -3.68
N ALA A 58 6.18 1.87 -2.87
CA ALA A 58 5.14 2.77 -2.40
C ALA A 58 4.52 2.20 -1.11
N ASP A 59 3.83 3.08 -0.39
CA ASP A 59 3.20 2.68 0.85
C ASP A 59 1.75 3.20 0.85
N VAL A 60 0.82 2.27 1.00
CA VAL A 60 -0.58 2.61 1.03
C VAL A 60 -1.13 2.43 2.45
N GLU A 61 -1.82 3.46 2.93
CA GLU A 61 -2.39 3.42 4.26
C GLU A 61 -3.92 3.42 4.18
N PHE A 62 -4.52 2.66 5.09
CA PHE A 62 -5.98 2.56 5.13
C PHE A 62 -6.49 2.76 6.55
N ALA A 63 -7.71 3.27 6.64
CA ALA A 63 -8.33 3.51 7.93
C ALA A 63 -8.59 2.17 8.62
N THR A 64 -9.21 1.27 7.89
CA THR A 64 -9.52 -0.05 8.42
C THR A 64 -8.67 -1.11 7.73
N HIS A 65 -8.89 -2.36 8.14
CA HIS A 65 -8.16 -3.47 7.56
C HIS A 65 -8.78 -3.88 6.23
N GLU A 66 -10.10 -3.94 6.23
CA GLU A 66 -10.84 -4.32 5.03
C GLU A 66 -10.28 -3.57 3.82
N ASP A 67 -10.22 -2.25 3.95
CA ASP A 67 -9.72 -1.41 2.88
C ASP A 67 -8.39 -1.98 2.37
N ALA A 68 -7.68 -2.63 3.28
CA ALA A 68 -6.40 -3.23 2.94
C ALA A 68 -6.62 -4.45 2.04
N VAL A 69 -7.22 -5.47 2.64
CA VAL A 69 -7.50 -6.69 1.91
C VAL A 69 -8.14 -6.34 0.57
N ALA A 70 -9.03 -5.37 0.61
CA ALA A 70 -9.72 -4.93 -0.59
C ALA A 70 -8.69 -4.44 -1.62
N ALA A 71 -7.73 -3.67 -1.12
CA ALA A 71 -6.68 -3.14 -1.97
C ALA A 71 -5.72 -4.26 -2.37
N MET A 72 -5.57 -5.22 -1.46
CA MET A 72 -4.70 -6.35 -1.70
C MET A 72 -5.22 -7.21 -2.86
N ALA A 73 -6.46 -6.97 -3.22
CA ALA A 73 -7.09 -7.72 -4.30
C ALA A 73 -6.33 -7.43 -5.60
N LYS A 74 -5.62 -6.32 -5.60
CA LYS A 74 -4.85 -5.93 -6.77
C LYS A 74 -3.37 -6.26 -6.54
N ASP A 75 -3.15 -7.38 -5.88
CA ASP A 75 -1.79 -7.82 -5.59
C ASP A 75 -1.23 -8.58 -6.79
N LYS A 76 -0.11 -8.08 -7.30
CA LYS A 76 0.54 -8.69 -8.45
C LYS A 76 -0.04 -8.09 -9.73
N ALA A 77 -1.35 -7.93 -9.74
CA ALA A 77 -2.04 -7.38 -10.89
C ALA A 77 -1.20 -6.23 -11.47
N ASN A 78 -0.93 -6.32 -12.75
CA ASN A 78 -0.15 -5.29 -13.43
C ASN A 78 -0.94 -3.99 -13.47
N MET A 79 -0.37 -2.97 -12.85
CA MET A 79 -1.00 -1.67 -12.80
C MET A 79 -1.05 -1.03 -14.19
N GLN A 80 0.10 -1.01 -14.84
CA GLN A 80 0.21 -0.44 -16.17
C GLN A 80 0.78 -1.46 -17.14
N HIS A 81 2.08 -1.69 -17.04
CA HIS A 81 2.75 -2.64 -17.90
C HIS A 81 3.81 -3.40 -17.11
N ARG A 82 3.71 -3.29 -15.79
CA ARG A 82 4.66 -3.96 -14.91
C ARG A 82 3.90 -4.66 -13.78
N TYR A 83 4.62 -5.56 -13.11
CA TYR A 83 4.04 -6.30 -12.01
C TYR A 83 4.56 -5.77 -10.65
N VAL A 84 3.68 -5.04 -9.97
CA VAL A 84 4.04 -4.47 -8.68
C VAL A 84 3.67 -5.47 -7.58
N GLU A 85 4.57 -5.59 -6.62
CA GLU A 85 4.34 -6.50 -5.50
C GLU A 85 3.65 -5.77 -4.35
N LEU A 86 2.57 -6.37 -3.88
CA LEU A 86 1.80 -5.79 -2.79
C LEU A 86 1.85 -6.73 -1.58
N PHE A 87 2.31 -6.18 -0.47
CA PHE A 87 2.40 -6.95 0.76
C PHE A 87 1.41 -6.46 1.81
N LEU A 88 0.43 -7.31 2.09
CA LEU A 88 -0.59 -6.97 3.06
C LEU A 88 0.06 -6.83 4.45
N ASN A 89 0.01 -5.62 4.97
CA ASN A 89 0.59 -5.33 6.28
C ASN A 89 -0.46 -4.63 7.14
N SER A 90 -0.98 -5.37 8.11
CA SER A 90 -1.98 -4.82 9.01
C SER A 90 -1.76 -5.37 10.42
N THR A 91 -2.45 -4.77 11.37
CA THR A 91 -2.35 -5.18 12.76
C THR A 91 -3.58 -5.96 13.18
N ALA A 92 -4.73 -5.50 12.70
CA ALA A 92 -5.99 -6.16 13.02
C ALA A 92 -6.24 -6.08 14.52
N GLY A 93 -7.48 -5.78 14.89
CA GLY A 93 -7.85 -5.67 16.28
C GLY A 93 -8.20 -7.04 16.87
N THR A 94 -9.31 -7.07 17.58
CA THR A 94 -9.75 -8.31 18.19
C THR A 94 -11.09 -8.76 17.58
N SER A 95 -11.31 -10.07 17.61
CA SER A 95 -12.53 -10.63 17.05
C SER A 95 -12.75 -12.04 17.61
N GLY A 96 -13.96 -12.54 17.41
CA GLY A 96 -14.32 -13.86 17.88
C GLY A 96 -15.29 -13.79 19.06
N SER A 97 -16.50 -14.25 18.81
CA SER A 97 -17.54 -14.23 19.83
C SER A 97 -18.05 -15.66 20.07
N GLY A 98 -18.16 -16.00 21.35
CA GLY A 98 -18.64 -17.33 21.72
C GLY A 98 -19.76 -17.23 22.77
N PRO A 99 -20.14 -18.42 23.30
CA PRO A 99 -21.18 -18.48 24.31
C PRO A 99 -20.67 -17.99 25.66
N SER A 100 -21.52 -17.23 26.35
CA SER A 100 -21.17 -16.69 27.65
C SER A 100 -19.70 -16.22 27.65
N SER A 101 -19.52 -14.98 27.21
CA SER A 101 -18.19 -14.41 27.16
C SER A 101 -17.43 -14.70 28.45
N GLY A 102 -16.49 -15.63 28.35
CA GLY A 102 -15.70 -16.02 29.51
C GLY A 102 -14.96 -14.81 30.09
N GLY A 1 -5.85 12.05 11.70
CA GLY A 1 -6.95 12.99 11.58
C GLY A 1 -6.45 14.42 11.41
N SER A 2 -7.40 15.35 11.37
CA SER A 2 -7.06 16.76 11.22
C SER A 2 -5.86 17.10 12.09
N SER A 3 -4.93 17.85 11.50
CA SER A 3 -3.74 18.26 12.21
C SER A 3 -2.99 19.33 11.41
N GLY A 4 -2.63 18.96 10.18
CA GLY A 4 -1.91 19.87 9.30
C GLY A 4 -0.41 19.63 9.38
N SER A 5 0.33 20.50 8.70
CA SER A 5 1.78 20.39 8.69
C SER A 5 2.21 19.08 8.01
N SER A 6 2.62 19.22 6.76
CA SER A 6 3.05 18.06 5.99
C SER A 6 4.54 18.20 5.63
N GLY A 7 5.18 17.04 5.52
CA GLY A 7 6.60 17.02 5.19
C GLY A 7 6.85 16.19 3.92
N SER A 8 7.83 15.31 4.02
CA SER A 8 8.17 14.46 2.89
C SER A 8 7.98 12.99 3.26
N SER A 9 8.66 12.57 4.31
CA SER A 9 8.56 11.20 4.78
C SER A 9 7.14 10.91 5.25
N PHE A 10 6.74 9.66 5.09
CA PHE A 10 5.41 9.23 5.49
C PHE A 10 5.37 8.93 7.00
N GLN A 11 4.17 9.01 7.55
CA GLN A 11 3.98 8.75 8.97
C GLN A 11 3.44 7.34 9.17
N SER A 12 4.01 6.64 10.14
CA SER A 12 3.59 5.28 10.45
C SER A 12 2.35 5.31 11.32
N THR A 13 1.22 4.96 10.70
CA THR A 13 -0.05 4.93 11.41
C THR A 13 -0.95 3.84 10.84
N THR A 14 -2.13 3.71 11.45
CA THR A 14 -3.09 2.72 11.02
C THR A 14 -2.39 1.39 10.70
N GLY A 15 -2.41 0.50 11.69
CA GLY A 15 -1.79 -0.81 11.54
C GLY A 15 -1.99 -1.35 10.12
N HIS A 16 -3.17 -1.07 9.58
CA HIS A 16 -3.49 -1.54 8.24
C HIS A 16 -2.73 -0.69 7.21
N CYS A 17 -1.74 -1.31 6.60
CA CYS A 17 -0.93 -0.64 5.60
C CYS A 17 -0.57 -1.64 4.50
N VAL A 18 -0.32 -1.12 3.31
CA VAL A 18 0.02 -1.95 2.18
C VAL A 18 1.26 -1.38 1.49
N HIS A 19 2.31 -2.19 1.44
CA HIS A 19 3.55 -1.78 0.82
C HIS A 19 3.48 -2.07 -0.69
N MET A 20 4.30 -1.33 -1.43
CA MET A 20 4.35 -1.50 -2.88
C MET A 20 5.78 -1.64 -3.37
N ARG A 21 5.97 -2.57 -4.29
CA ARG A 21 7.30 -2.81 -4.85
C ARG A 21 7.18 -3.27 -6.30
N GLY A 22 8.17 -2.87 -7.09
CA GLY A 22 8.19 -3.24 -8.50
C GLY A 22 7.11 -2.48 -9.28
N LEU A 23 7.13 -1.16 -9.13
CA LEU A 23 6.16 -0.32 -9.80
C LEU A 23 6.76 0.21 -11.10
N PRO A 24 5.86 0.60 -12.04
CA PRO A 24 6.30 1.12 -13.33
C PRO A 24 6.83 2.55 -13.19
N TYR A 25 7.66 2.94 -14.14
CA TYR A 25 8.23 4.27 -14.15
C TYR A 25 7.17 5.33 -14.42
N ARG A 26 5.99 4.86 -14.80
CA ARG A 26 4.88 5.74 -15.10
C ARG A 26 3.73 5.51 -14.13
N ALA A 27 4.10 5.17 -12.89
CA ALA A 27 3.10 4.92 -11.86
C ALA A 27 3.09 6.08 -10.86
N THR A 28 1.97 6.79 -10.84
CA THR A 28 1.82 7.92 -9.94
C THR A 28 0.69 7.67 -8.95
N GLU A 29 0.69 8.46 -7.89
CA GLU A 29 -0.33 8.33 -6.85
C GLU A 29 -1.72 8.26 -7.49
N ASN A 30 -1.94 9.13 -8.48
CA ASN A 30 -3.21 9.18 -9.17
C ASN A 30 -3.55 7.78 -9.70
N ASP A 31 -2.52 7.10 -10.19
CA ASP A 31 -2.70 5.77 -10.73
C ASP A 31 -2.88 4.78 -9.57
N ILE A 32 -1.99 4.89 -8.60
CA ILE A 32 -2.02 4.01 -7.44
C ILE A 32 -3.41 4.10 -6.80
N TYR A 33 -4.05 5.24 -6.98
CA TYR A 33 -5.36 5.46 -6.42
C TYR A 33 -6.42 4.66 -7.18
N ASN A 34 -6.25 4.61 -8.50
CA ASN A 34 -7.18 3.89 -9.35
C ASN A 34 -6.75 2.42 -9.43
N PHE A 35 -5.53 2.17 -8.97
CA PHE A 35 -4.99 0.82 -8.98
C PHE A 35 -5.51 0.01 -7.78
N PHE A 36 -6.03 0.74 -6.81
CA PHE A 36 -6.57 0.11 -5.61
C PHE A 36 -8.09 0.27 -5.54
N SER A 37 -8.61 1.11 -6.43
CA SER A 37 -10.04 1.36 -6.47
C SER A 37 -10.78 0.10 -6.91
N PRO A 38 -12.08 0.03 -6.54
CA PRO A 38 -12.70 1.10 -5.78
C PRO A 38 -12.24 1.07 -4.32
N LEU A 39 -11.57 2.13 -3.91
CA LEU A 39 -11.08 2.23 -2.55
C LEU A 39 -10.65 3.67 -2.27
N ASN A 40 -10.27 3.91 -1.02
CA ASN A 40 -9.84 5.25 -0.62
C ASN A 40 -8.64 5.11 0.33
N PRO A 41 -7.42 5.21 -0.28
CA PRO A 41 -6.19 5.10 0.49
C PRO A 41 -5.93 6.38 1.28
N MET A 42 -5.78 6.20 2.58
CA MET A 42 -5.52 7.34 3.47
C MET A 42 -4.37 8.19 2.93
N ARG A 43 -3.34 7.52 2.45
CA ARG A 43 -2.18 8.21 1.90
C ARG A 43 -1.31 7.23 1.10
N VAL A 44 -0.84 7.71 -0.04
CA VAL A 44 0.00 6.90 -0.90
C VAL A 44 1.39 7.54 -1.00
N HIS A 45 2.34 6.90 -0.34
CA HIS A 45 3.71 7.39 -0.36
C HIS A 45 4.41 6.94 -1.64
N ILE A 46 5.11 7.88 -2.25
CA ILE A 46 5.83 7.60 -3.48
C ILE A 46 7.33 7.58 -3.21
N GLU A 47 7.88 6.36 -3.16
CA GLU A 47 9.29 6.19 -2.90
C GLU A 47 10.12 6.81 -4.04
N ILE A 48 10.77 7.92 -3.71
CA ILE A 48 11.59 8.62 -4.68
C ILE A 48 13.07 8.34 -4.39
N GLY A 49 13.82 8.11 -5.46
CA GLY A 49 15.24 7.83 -5.32
C GLY A 49 16.02 9.11 -4.99
N PRO A 50 17.36 8.94 -4.87
CA PRO A 50 18.22 10.06 -4.55
C PRO A 50 18.42 10.97 -5.77
N ASP A 51 17.36 11.68 -6.12
CA ASP A 51 17.41 12.58 -7.26
C ASP A 51 15.98 13.00 -7.63
N GLY A 52 15.11 12.01 -7.71
CA GLY A 52 13.72 12.27 -8.06
C GLY A 52 13.07 11.04 -8.69
N ARG A 53 13.89 10.30 -9.42
CA ARG A 53 13.41 9.10 -10.10
C ARG A 53 12.81 8.13 -9.07
N VAL A 54 11.64 7.60 -9.42
CA VAL A 54 10.96 6.66 -8.54
C VAL A 54 11.78 5.38 -8.42
N THR A 55 11.68 4.75 -7.27
CA THR A 55 12.41 3.52 -7.02
C THR A 55 11.57 2.31 -7.41
N GLY A 56 10.26 2.52 -7.44
CA GLY A 56 9.33 1.45 -7.79
C GLY A 56 8.56 0.96 -6.57
N GLU A 57 8.78 1.65 -5.45
CA GLU A 57 8.12 1.30 -4.22
C GLU A 57 7.09 2.36 -3.84
N ALA A 58 6.11 1.95 -3.05
CA ALA A 58 5.05 2.85 -2.62
C ALA A 58 4.43 2.31 -1.33
N ASP A 59 3.92 3.24 -0.52
CA ASP A 59 3.29 2.88 0.73
C ASP A 59 1.82 3.29 0.70
N VAL A 60 0.96 2.34 1.03
CA VAL A 60 -0.47 2.60 1.05
C VAL A 60 -1.00 2.46 2.48
N GLU A 61 -1.77 3.47 2.88
CA GLU A 61 -2.34 3.48 4.22
C GLU A 61 -3.86 3.49 4.15
N PHE A 62 -4.46 2.65 4.98
CA PHE A 62 -5.91 2.54 5.03
C PHE A 62 -6.43 2.76 6.45
N ALA A 63 -7.65 3.28 6.52
CA ALA A 63 -8.27 3.54 7.80
C ALA A 63 -8.51 2.21 8.53
N THR A 64 -9.11 1.28 7.81
CA THR A 64 -9.41 -0.03 8.37
C THR A 64 -8.58 -1.10 7.66
N HIS A 65 -8.86 -2.35 8.01
CA HIS A 65 -8.16 -3.47 7.42
C HIS A 65 -8.84 -3.87 6.10
N GLU A 66 -10.16 -3.87 6.13
CA GLU A 66 -10.93 -4.23 4.95
C GLU A 66 -10.40 -3.48 3.72
N ASP A 67 -10.29 -2.17 3.86
CA ASP A 67 -9.80 -1.35 2.77
C ASP A 67 -8.41 -1.84 2.35
N ALA A 68 -7.76 -2.52 3.27
CA ALA A 68 -6.43 -3.05 3.02
C ALA A 68 -6.54 -4.29 2.15
N VAL A 69 -7.19 -5.31 2.69
CA VAL A 69 -7.36 -6.57 1.98
C VAL A 69 -7.98 -6.28 0.60
N ALA A 70 -8.97 -5.41 0.61
CA ALA A 70 -9.65 -5.04 -0.63
C ALA A 70 -8.62 -4.51 -1.64
N ALA A 71 -7.65 -3.79 -1.11
CA ALA A 71 -6.60 -3.23 -1.95
C ALA A 71 -5.58 -4.32 -2.28
N MET A 72 -5.55 -5.33 -1.41
CA MET A 72 -4.62 -6.44 -1.61
C MET A 72 -5.11 -7.37 -2.71
N ALA A 73 -6.25 -7.01 -3.29
CA ALA A 73 -6.82 -7.81 -4.36
C ALA A 73 -6.08 -7.51 -5.66
N LYS A 74 -5.32 -6.43 -5.65
CA LYS A 74 -4.56 -6.03 -6.82
C LYS A 74 -3.09 -6.41 -6.62
N ASP A 75 -2.89 -7.49 -5.88
CA ASP A 75 -1.55 -7.98 -5.60
C ASP A 75 -1.02 -8.72 -6.83
N LYS A 76 0.09 -8.22 -7.36
CA LYS A 76 0.70 -8.81 -8.53
C LYS A 76 0.10 -8.19 -9.79
N ALA A 77 -1.20 -7.92 -9.71
CA ALA A 77 -1.91 -7.33 -10.83
C ALA A 77 -1.02 -6.29 -11.50
N ASN A 78 -0.95 -6.37 -12.83
CA ASN A 78 -0.14 -5.45 -13.60
C ASN A 78 -0.86 -4.10 -13.69
N MET A 79 -0.40 -3.16 -12.87
CA MET A 79 -1.00 -1.84 -12.85
C MET A 79 -1.05 -1.23 -14.26
N GLN A 80 0.14 -0.91 -14.76
CA GLN A 80 0.24 -0.34 -16.10
C GLN A 80 0.73 -1.39 -17.09
N HIS A 81 2.02 -1.66 -17.03
CA HIS A 81 2.63 -2.64 -17.91
C HIS A 81 3.70 -3.43 -17.16
N ARG A 82 3.63 -3.33 -15.84
CA ARG A 82 4.59 -4.03 -15.00
C ARG A 82 3.86 -4.73 -13.84
N TYR A 83 4.51 -5.75 -13.31
CA TYR A 83 3.94 -6.51 -12.20
C TYR A 83 4.47 -5.99 -10.86
N VAL A 84 3.64 -5.20 -10.18
CA VAL A 84 4.01 -4.64 -8.91
C VAL A 84 3.60 -5.61 -7.80
N GLU A 85 4.47 -5.72 -6.79
CA GLU A 85 4.19 -6.61 -5.68
C GLU A 85 3.46 -5.84 -4.56
N LEU A 86 2.66 -6.58 -3.81
CA LEU A 86 1.91 -6.00 -2.72
C LEU A 86 2.06 -6.87 -1.47
N PHE A 87 2.29 -6.20 -0.35
CA PHE A 87 2.45 -6.89 0.92
C PHE A 87 1.42 -6.44 1.94
N LEU A 88 0.52 -7.34 2.27
CA LEU A 88 -0.54 -7.05 3.23
C LEU A 88 0.08 -6.90 4.62
N ASN A 89 0.02 -5.69 5.15
CA ASN A 89 0.56 -5.41 6.46
C ASN A 89 -0.51 -4.75 7.32
N SER A 90 -1.04 -5.54 8.26
CA SER A 90 -2.08 -5.04 9.15
C SER A 90 -1.88 -5.62 10.55
N THR A 91 -2.62 -5.08 11.49
CA THR A 91 -2.55 -5.53 12.87
C THR A 91 -3.84 -6.25 13.27
N ALA A 92 -4.94 -5.76 12.72
CA ALA A 92 -6.24 -6.33 13.01
C ALA A 92 -6.52 -6.24 14.52
N GLY A 93 -6.00 -7.20 15.24
CA GLY A 93 -6.18 -7.24 16.69
C GLY A 93 -5.67 -8.57 17.27
N THR A 94 -6.59 -9.51 17.38
CA THR A 94 -6.24 -10.81 17.93
C THR A 94 -7.37 -11.82 17.64
N SER A 95 -6.97 -12.98 17.15
CA SER A 95 -7.93 -14.03 16.84
C SER A 95 -7.30 -15.40 17.05
N GLY A 96 -8.15 -16.39 17.28
CA GLY A 96 -7.69 -17.75 17.49
C GLY A 96 -8.78 -18.77 17.12
N SER A 97 -9.13 -19.59 18.09
CA SER A 97 -10.14 -20.61 17.87
C SER A 97 -9.67 -21.60 16.80
N GLY A 98 -9.74 -22.87 17.13
CA GLY A 98 -9.33 -23.92 16.22
C GLY A 98 -10.17 -25.19 16.41
N PRO A 99 -10.29 -25.97 15.30
CA PRO A 99 -11.06 -27.20 15.34
C PRO A 99 -10.31 -28.31 16.10
N SER A 100 -10.97 -29.44 16.22
CA SER A 100 -10.39 -30.58 16.92
C SER A 100 -10.81 -31.88 16.25
N SER A 101 -9.85 -32.51 15.58
CA SER A 101 -10.10 -33.76 14.89
C SER A 101 -10.80 -34.74 15.85
N GLY A 102 -11.77 -35.46 15.29
CA GLY A 102 -12.51 -36.43 16.08
C GLY A 102 -13.75 -35.80 16.71
N GLY A 1 9.39 29.17 1.69
CA GLY A 1 8.04 29.07 2.24
C GLY A 1 8.09 28.78 3.75
N SER A 2 8.03 27.49 4.06
CA SER A 2 8.07 27.06 5.46
C SER A 2 8.74 25.70 5.56
N SER A 3 9.49 25.52 6.65
CA SER A 3 10.19 24.28 6.88
C SER A 3 9.56 23.54 8.06
N GLY A 4 9.65 22.22 8.01
CA GLY A 4 9.09 21.38 9.06
C GLY A 4 10.21 20.74 9.90
N SER A 5 9.79 19.99 10.90
CA SER A 5 10.73 19.31 11.78
C SER A 5 10.04 18.15 12.50
N SER A 6 10.46 16.95 12.13
CA SER A 6 9.89 15.75 12.72
C SER A 6 10.67 14.51 12.26
N GLY A 7 10.61 13.48 13.08
CA GLY A 7 11.31 12.24 12.76
C GLY A 7 11.53 11.40 14.03
N SER A 8 10.99 10.19 14.00
CA SER A 8 11.13 9.29 15.13
C SER A 8 11.07 7.84 14.65
N SER A 9 11.48 6.94 15.52
CA SER A 9 11.48 5.51 15.20
C SER A 9 10.04 4.97 15.27
N PHE A 10 9.73 4.12 14.30
CA PHE A 10 8.41 3.53 14.24
C PHE A 10 7.32 4.60 14.24
N GLN A 11 6.79 4.86 13.07
CA GLN A 11 5.75 5.86 12.91
C GLN A 11 4.36 5.20 12.93
N SER A 12 3.75 5.22 14.11
CA SER A 12 2.44 4.63 14.28
C SER A 12 1.36 5.66 13.95
N THR A 13 0.32 5.19 13.26
CA THR A 13 -0.78 6.05 12.88
C THR A 13 -2.11 5.31 12.99
N THR A 14 -2.18 4.19 12.27
CA THR A 14 -3.38 3.38 12.28
C THR A 14 -3.03 1.92 12.56
N GLY A 15 -2.41 1.29 11.58
CA GLY A 15 -2.02 -0.10 11.71
C GLY A 15 -2.08 -0.82 10.36
N HIS A 16 -3.21 -0.65 9.68
CA HIS A 16 -3.40 -1.28 8.39
C HIS A 16 -2.69 -0.45 7.31
N CYS A 17 -1.75 -1.09 6.63
CA CYS A 17 -1.01 -0.42 5.58
C CYS A 17 -0.75 -1.44 4.46
N VAL A 18 -0.36 -0.91 3.30
CA VAL A 18 -0.08 -1.74 2.15
C VAL A 18 1.20 -1.26 1.48
N HIS A 19 2.19 -2.14 1.46
CA HIS A 19 3.47 -1.81 0.85
C HIS A 19 3.41 -2.10 -0.65
N MET A 20 4.24 -1.39 -1.40
CA MET A 20 4.29 -1.56 -2.84
C MET A 20 5.73 -1.72 -3.33
N ARG A 21 5.90 -2.59 -4.31
CA ARG A 21 7.22 -2.85 -4.86
C ARG A 21 7.10 -3.23 -6.35
N GLY A 22 8.17 -2.96 -7.08
CA GLY A 22 8.20 -3.26 -8.49
C GLY A 22 7.10 -2.49 -9.24
N LEU A 23 7.12 -1.18 -9.08
CA LEU A 23 6.14 -0.33 -9.72
C LEU A 23 6.72 0.20 -11.04
N PRO A 24 5.79 0.56 -11.98
CA PRO A 24 6.20 1.07 -13.27
C PRO A 24 6.69 2.51 -13.15
N TYR A 25 7.36 2.97 -14.20
CA TYR A 25 7.88 4.32 -14.24
C TYR A 25 6.75 5.34 -14.31
N ARG A 26 5.80 5.06 -15.20
CA ARG A 26 4.67 5.94 -15.38
C ARG A 26 3.56 5.61 -14.38
N ALA A 27 3.97 5.38 -13.15
CA ALA A 27 3.03 5.05 -12.09
C ALA A 27 3.07 6.13 -11.00
N THR A 28 1.98 6.89 -10.94
CA THR A 28 1.88 7.95 -9.95
C THR A 28 0.69 7.72 -9.03
N GLU A 29 0.68 8.46 -7.93
CA GLU A 29 -0.40 8.34 -6.96
C GLU A 29 -1.75 8.25 -7.67
N ASN A 30 -1.93 9.14 -8.64
CA ASN A 30 -3.17 9.17 -9.41
C ASN A 30 -3.52 7.76 -9.87
N ASP A 31 -2.48 7.03 -10.28
CA ASP A 31 -2.67 5.67 -10.75
C ASP A 31 -2.85 4.75 -9.53
N ILE A 32 -1.92 4.84 -8.60
CA ILE A 32 -1.97 4.03 -7.40
C ILE A 32 -3.37 4.13 -6.78
N TYR A 33 -3.97 5.30 -6.94
CA TYR A 33 -5.30 5.54 -6.40
C TYR A 33 -6.34 4.70 -7.13
N ASN A 34 -6.25 4.70 -8.45
CA ASN A 34 -7.18 3.95 -9.28
C ASN A 34 -6.75 2.47 -9.30
N PHE A 35 -5.52 2.24 -8.87
CA PHE A 35 -4.98 0.89 -8.83
C PHE A 35 -5.49 0.14 -7.60
N PHE A 36 -6.08 0.89 -6.68
CA PHE A 36 -6.60 0.31 -5.46
C PHE A 36 -8.13 0.48 -5.39
N SER A 37 -8.64 1.35 -6.25
CA SER A 37 -10.07 1.60 -6.28
C SER A 37 -10.81 0.35 -6.77
N PRO A 38 -12.11 0.27 -6.38
CA PRO A 38 -12.71 1.31 -5.56
C PRO A 38 -12.22 1.22 -4.11
N LEU A 39 -11.56 2.29 -3.67
CA LEU A 39 -11.05 2.33 -2.32
C LEU A 39 -10.64 3.77 -1.99
N ASN A 40 -10.25 3.98 -0.74
CA ASN A 40 -9.82 5.29 -0.28
C ASN A 40 -8.58 5.14 0.60
N PRO A 41 -7.40 5.27 -0.05
CA PRO A 41 -6.14 5.16 0.67
C PRO A 41 -5.87 6.42 1.50
N MET A 42 -5.59 6.20 2.78
CA MET A 42 -5.31 7.30 3.67
C MET A 42 -4.21 8.21 3.12
N ARG A 43 -3.24 7.57 2.48
CA ARG A 43 -2.13 8.30 1.88
C ARG A 43 -1.24 7.35 1.09
N VAL A 44 -0.76 7.86 -0.04
CA VAL A 44 0.10 7.07 -0.90
C VAL A 44 1.48 7.73 -0.99
N HIS A 45 2.45 7.07 -0.37
CA HIS A 45 3.81 7.58 -0.36
C HIS A 45 4.54 7.09 -1.61
N ILE A 46 5.27 8.02 -2.23
CA ILE A 46 6.02 7.69 -3.43
C ILE A 46 7.52 7.79 -3.13
N GLU A 47 8.13 6.63 -2.96
CA GLU A 47 9.56 6.57 -2.67
C GLU A 47 10.37 7.01 -3.89
N ILE A 48 11.09 8.11 -3.72
CA ILE A 48 11.91 8.63 -4.79
C ILE A 48 13.38 8.34 -4.50
N GLY A 49 14.14 8.13 -5.57
CA GLY A 49 15.55 7.84 -5.44
C GLY A 49 16.37 9.13 -5.31
N PRO A 50 17.71 8.95 -5.24
CA PRO A 50 18.61 10.09 -5.10
C PRO A 50 18.74 10.84 -6.43
N ASP A 51 17.67 11.53 -6.79
CA ASP A 51 17.64 12.31 -8.02
C ASP A 51 16.23 12.82 -8.27
N GLY A 52 15.29 11.89 -8.34
CA GLY A 52 13.91 12.24 -8.57
C GLY A 52 13.12 11.05 -9.12
N ARG A 53 13.84 10.17 -9.80
CA ARG A 53 13.22 8.99 -10.38
C ARG A 53 12.58 8.14 -9.28
N VAL A 54 11.57 7.37 -9.68
CA VAL A 54 10.87 6.51 -8.74
C VAL A 54 11.68 5.23 -8.53
N THR A 55 11.52 4.65 -7.34
CA THR A 55 12.23 3.43 -7.00
C THR A 55 11.38 2.22 -7.36
N GLY A 56 10.07 2.42 -7.38
CA GLY A 56 9.15 1.35 -7.70
C GLY A 56 8.42 0.87 -6.45
N GLU A 57 8.63 1.59 -5.37
CA GLU A 57 8.00 1.24 -4.10
C GLU A 57 6.99 2.31 -3.70
N ALA A 58 6.03 1.90 -2.89
CA ALA A 58 4.99 2.80 -2.43
C ALA A 58 4.36 2.24 -1.15
N ASP A 59 4.15 3.13 -0.19
CA ASP A 59 3.55 2.73 1.07
C ASP A 59 2.13 3.31 1.16
N VAL A 60 1.16 2.41 1.21
CA VAL A 60 -0.22 2.82 1.29
C VAL A 60 -0.71 2.68 2.74
N GLU A 61 -1.76 3.43 3.06
CA GLU A 61 -2.32 3.39 4.39
C GLU A 61 -3.84 3.37 4.33
N PHE A 62 -4.44 2.53 5.15
CA PHE A 62 -5.89 2.40 5.20
C PHE A 62 -6.40 2.57 6.63
N ALA A 63 -7.61 3.11 6.72
CA ALA A 63 -8.24 3.32 8.02
C ALA A 63 -8.48 1.97 8.70
N THR A 64 -9.12 1.09 7.95
CA THR A 64 -9.42 -0.24 8.47
C THR A 64 -8.54 -1.29 7.80
N HIS A 65 -8.85 -2.55 8.08
CA HIS A 65 -8.10 -3.65 7.51
C HIS A 65 -8.71 -4.06 6.18
N GLU A 66 -10.04 -4.06 6.15
CA GLU A 66 -10.76 -4.43 4.94
C GLU A 66 -10.22 -3.66 3.74
N ASP A 67 -10.09 -2.36 3.92
CA ASP A 67 -9.58 -1.50 2.86
C ASP A 67 -8.21 -2.00 2.42
N ALA A 68 -7.59 -2.79 3.29
CA ALA A 68 -6.28 -3.35 3.01
C ALA A 68 -6.44 -4.68 2.28
N VAL A 69 -7.27 -5.54 2.84
CA VAL A 69 -7.52 -6.84 2.25
C VAL A 69 -8.21 -6.66 0.89
N ALA A 70 -8.88 -5.53 0.76
CA ALA A 70 -9.59 -5.22 -0.47
C ALA A 70 -8.57 -4.90 -1.57
N ALA A 71 -7.59 -4.10 -1.20
CA ALA A 71 -6.56 -3.71 -2.14
C ALA A 71 -5.87 -4.96 -2.70
N MET A 72 -5.59 -5.89 -1.79
CA MET A 72 -4.95 -7.13 -2.17
C MET A 72 -5.49 -7.64 -3.50
N ALA A 73 -6.75 -7.35 -3.76
CA ALA A 73 -7.40 -7.77 -4.98
C ALA A 73 -6.49 -7.43 -6.17
N LYS A 74 -5.74 -6.35 -6.02
CA LYS A 74 -4.83 -5.92 -7.07
C LYS A 74 -3.42 -6.36 -6.71
N ASP A 75 -3.32 -7.55 -6.15
CA ASP A 75 -2.03 -8.09 -5.77
C ASP A 75 -1.33 -8.67 -7.00
N LYS A 76 -0.16 -8.11 -7.28
CA LYS A 76 0.62 -8.56 -8.43
C LYS A 76 -0.12 -8.19 -9.72
N ALA A 77 -1.17 -7.38 -9.56
CA ALA A 77 -1.96 -6.96 -10.69
C ALA A 77 -1.16 -5.94 -11.52
N ASN A 78 -1.13 -6.19 -12.82
CA ASN A 78 -0.41 -5.31 -13.73
C ASN A 78 -1.09 -3.94 -13.76
N MET A 79 -0.54 -3.03 -12.97
CA MET A 79 -1.08 -1.68 -12.90
C MET A 79 -1.06 -1.01 -14.26
N GLN A 80 0.14 -0.87 -14.80
CA GLN A 80 0.31 -0.25 -16.11
C GLN A 80 0.81 -1.28 -17.13
N HIS A 81 2.08 -1.62 -16.99
CA HIS A 81 2.69 -2.58 -17.90
C HIS A 81 3.74 -3.40 -17.14
N ARG A 82 3.64 -3.35 -15.82
CA ARG A 82 4.58 -4.08 -14.98
C ARG A 82 3.82 -4.77 -13.83
N TYR A 83 4.54 -5.65 -13.15
CA TYR A 83 3.96 -6.38 -12.04
C TYR A 83 4.49 -5.88 -10.70
N VAL A 84 3.65 -5.15 -9.99
CA VAL A 84 4.02 -4.60 -8.70
C VAL A 84 3.65 -5.59 -7.61
N GLU A 85 4.53 -5.69 -6.62
CA GLU A 85 4.31 -6.60 -5.50
C GLU A 85 3.58 -5.88 -4.37
N LEU A 86 2.39 -6.36 -4.07
CA LEU A 86 1.58 -5.78 -3.01
C LEU A 86 1.75 -6.60 -1.74
N PHE A 87 1.89 -5.89 -0.62
CA PHE A 87 2.05 -6.54 0.66
C PHE A 87 1.08 -5.97 1.70
N LEU A 88 0.13 -6.79 2.10
CA LEU A 88 -0.85 -6.38 3.09
C LEU A 88 -0.25 -6.46 4.48
N ASN A 89 0.08 -5.29 5.02
CA ASN A 89 0.67 -5.21 6.34
C ASN A 89 -0.27 -4.45 7.28
N SER A 90 -0.93 -5.20 8.15
CA SER A 90 -1.85 -4.60 9.09
C SER A 90 -1.78 -5.33 10.43
N THR A 91 -1.99 -4.58 11.49
CA THR A 91 -1.95 -5.14 12.83
C THR A 91 -3.17 -6.04 13.08
N ALA A 92 -4.29 -5.62 12.52
CA ALA A 92 -5.53 -6.37 12.67
C ALA A 92 -5.87 -6.49 14.16
N GLY A 93 -6.99 -7.16 14.41
CA GLY A 93 -7.44 -7.35 15.78
C GLY A 93 -7.71 -8.84 16.06
N THR A 94 -8.78 -9.34 15.45
CA THR A 94 -9.15 -10.73 15.63
C THR A 94 -8.39 -11.61 14.65
N SER A 95 -8.62 -12.92 14.77
CA SER A 95 -7.96 -13.88 13.90
C SER A 95 -9.00 -14.83 13.30
N GLY A 96 -9.57 -14.40 12.18
CA GLY A 96 -10.57 -15.20 11.50
C GLY A 96 -10.14 -15.49 10.06
N SER A 97 -9.31 -16.51 9.91
CA SER A 97 -8.82 -16.91 8.61
C SER A 97 -9.34 -18.30 8.25
N GLY A 98 -9.08 -18.69 7.01
CA GLY A 98 -9.52 -19.99 6.53
C GLY A 98 -8.33 -20.83 6.07
N PRO A 99 -7.84 -21.70 6.99
CA PRO A 99 -6.71 -22.56 6.69
C PRO A 99 -7.13 -23.72 5.78
N SER A 100 -6.14 -24.38 5.21
CA SER A 100 -6.39 -25.50 4.33
C SER A 100 -5.07 -26.11 3.86
N SER A 101 -5.11 -27.41 3.59
CA SER A 101 -3.93 -28.12 3.14
C SER A 101 -4.30 -29.53 2.69
N GLY A 102 -4.88 -30.29 3.61
CA GLY A 102 -5.29 -31.64 3.32
C GLY A 102 -6.59 -31.98 4.03
N GLY A 1 8.21 22.90 -5.14
CA GLY A 1 8.37 23.02 -3.71
C GLY A 1 7.51 21.98 -2.98
N SER A 2 8.19 21.07 -2.31
CA SER A 2 7.51 20.03 -1.57
C SER A 2 8.26 19.72 -0.26
N SER A 3 7.54 19.15 0.68
CA SER A 3 8.13 18.82 1.98
C SER A 3 7.73 17.39 2.38
N GLY A 4 8.75 16.61 2.73
CA GLY A 4 8.51 15.24 3.14
C GLY A 4 9.52 14.81 4.21
N SER A 5 9.47 13.52 4.54
CA SER A 5 10.37 12.97 5.54
C SER A 5 11.35 12.00 4.88
N SER A 6 10.80 10.99 4.24
CA SER A 6 11.61 9.99 3.57
C SER A 6 12.79 9.60 4.46
N GLY A 7 12.53 8.65 5.35
CA GLY A 7 13.56 8.18 6.26
C GLY A 7 13.33 6.72 6.66
N SER A 8 14.40 6.07 7.06
CA SER A 8 14.31 4.67 7.46
C SER A 8 13.97 4.59 8.96
N SER A 9 12.68 4.40 9.22
CA SER A 9 12.21 4.30 10.59
C SER A 9 10.72 3.95 10.60
N PHE A 10 10.30 3.32 11.69
CA PHE A 10 8.91 2.92 11.84
C PHE A 10 8.06 4.10 12.31
N GLN A 11 6.84 4.15 11.77
CA GLN A 11 5.92 5.22 12.12
C GLN A 11 4.47 4.71 12.08
N SER A 12 4.15 3.89 13.06
CA SER A 12 2.81 3.32 13.15
C SER A 12 1.78 4.44 13.27
N THR A 13 0.96 4.58 12.24
CA THR A 13 -0.06 5.61 12.22
C THR A 13 -1.40 5.03 12.66
N THR A 14 -1.96 4.18 11.80
CA THR A 14 -3.23 3.54 12.07
C THR A 14 -3.02 2.06 12.40
N GLY A 15 -2.32 1.38 11.50
CA GLY A 15 -2.05 -0.04 11.68
C GLY A 15 -2.11 -0.77 10.33
N HIS A 16 -3.15 -0.49 9.58
CA HIS A 16 -3.32 -1.12 8.28
C HIS A 16 -2.55 -0.34 7.23
N CYS A 17 -1.57 -1.02 6.63
CA CYS A 17 -0.74 -0.40 5.61
C CYS A 17 -0.42 -1.45 4.56
N VAL A 18 -0.30 -0.99 3.32
CA VAL A 18 -0.01 -1.88 2.21
C VAL A 18 1.26 -1.39 1.50
N HIS A 19 2.25 -2.27 1.46
CA HIS A 19 3.52 -1.95 0.82
C HIS A 19 3.41 -2.24 -0.68
N MET A 20 4.27 -1.57 -1.43
CA MET A 20 4.30 -1.74 -2.88
C MET A 20 5.73 -1.91 -3.38
N ARG A 21 5.87 -2.85 -4.31
CA ARG A 21 7.18 -3.14 -4.89
C ARG A 21 7.03 -3.52 -6.37
N GLY A 22 8.06 -3.17 -7.13
CA GLY A 22 8.07 -3.47 -8.56
C GLY A 22 6.98 -2.69 -9.29
N LEU A 23 7.06 -1.37 -9.18
CA LEU A 23 6.10 -0.50 -9.82
C LEU A 23 6.69 0.04 -11.12
N PRO A 24 5.78 0.50 -12.02
CA PRO A 24 6.20 1.04 -13.30
C PRO A 24 6.80 2.44 -13.14
N TYR A 25 7.88 2.68 -13.86
CA TYR A 25 8.56 3.97 -13.81
C TYR A 25 7.58 5.10 -14.13
N ARG A 26 6.47 4.73 -14.74
CA ARG A 26 5.46 5.70 -15.12
C ARG A 26 4.24 5.56 -14.22
N ALA A 27 4.50 5.26 -12.95
CA ALA A 27 3.42 5.10 -11.99
C ALA A 27 3.36 6.33 -11.08
N THR A 28 2.15 6.78 -10.83
CA THR A 28 1.93 7.94 -9.98
C THR A 28 0.82 7.68 -8.97
N GLU A 29 0.79 8.49 -7.93
CA GLU A 29 -0.21 8.36 -6.88
C GLU A 29 -1.60 8.21 -7.51
N ASN A 30 -1.80 8.94 -8.60
CA ASN A 30 -3.08 8.90 -9.30
C ASN A 30 -3.34 7.48 -9.80
N ASP A 31 -2.27 6.84 -10.24
CA ASP A 31 -2.37 5.48 -10.74
C ASP A 31 -2.58 4.52 -9.57
N ILE A 32 -1.84 4.76 -8.51
CA ILE A 32 -1.94 3.93 -7.32
C ILE A 32 -3.34 4.06 -6.72
N TYR A 33 -3.92 5.24 -6.91
CA TYR A 33 -5.25 5.51 -6.40
C TYR A 33 -6.32 4.75 -7.21
N ASN A 34 -6.10 4.71 -8.52
CA ASN A 34 -7.02 4.02 -9.41
C ASN A 34 -6.66 2.53 -9.45
N PHE A 35 -5.45 2.23 -9.02
CA PHE A 35 -4.98 0.87 -9.01
C PHE A 35 -5.54 0.10 -7.81
N PHE A 36 -6.08 0.86 -6.87
CA PHE A 36 -6.65 0.27 -5.67
C PHE A 36 -8.16 0.48 -5.63
N SER A 37 -8.63 1.38 -6.47
CA SER A 37 -10.05 1.68 -6.55
C SER A 37 -10.82 0.47 -7.09
N PRO A 38 -12.13 0.42 -6.72
CA PRO A 38 -12.72 1.46 -5.89
C PRO A 38 -12.28 1.30 -4.43
N LEU A 39 -11.60 2.33 -3.95
CA LEU A 39 -11.11 2.32 -2.57
C LEU A 39 -10.69 3.74 -2.19
N ASN A 40 -10.32 3.89 -0.92
CA ASN A 40 -9.90 5.18 -0.41
C ASN A 40 -8.69 4.99 0.50
N PRO A 41 -7.48 5.11 -0.10
CA PRO A 41 -6.25 4.96 0.64
C PRO A 41 -5.97 6.18 1.52
N MET A 42 -5.87 5.93 2.81
CA MET A 42 -5.61 7.00 3.77
C MET A 42 -4.52 7.94 3.25
N ARG A 43 -3.45 7.33 2.75
CA ARG A 43 -2.34 8.10 2.23
C ARG A 43 -1.42 7.21 1.39
N VAL A 44 -0.98 7.75 0.27
CA VAL A 44 -0.10 7.01 -0.62
C VAL A 44 1.30 7.63 -0.58
N HIS A 45 2.28 6.77 -0.40
CA HIS A 45 3.66 7.22 -0.34
C HIS A 45 4.40 6.78 -1.61
N ILE A 46 5.10 7.74 -2.20
CA ILE A 46 5.85 7.47 -3.43
C ILE A 46 7.35 7.65 -3.15
N GLU A 47 8.03 6.52 -3.00
CA GLU A 47 9.46 6.54 -2.74
C GLU A 47 10.22 7.07 -3.95
N ILE A 48 10.86 8.22 -3.75
CA ILE A 48 11.62 8.84 -4.83
C ILE A 48 13.10 8.49 -4.65
N GLY A 49 13.74 8.24 -5.78
CA GLY A 49 15.15 7.90 -5.77
C GLY A 49 16.03 9.15 -5.71
N PRO A 50 17.37 8.93 -5.77
CA PRO A 50 18.32 10.02 -5.72
C PRO A 50 18.35 10.78 -7.06
N ASP A 51 17.24 11.45 -7.35
CA ASP A 51 17.14 12.21 -8.58
C ASP A 51 15.78 12.91 -8.63
N GLY A 52 14.73 12.11 -8.52
CA GLY A 52 13.38 12.63 -8.54
C GLY A 52 12.38 11.56 -8.97
N ARG A 53 12.82 10.71 -9.88
CA ARG A 53 11.98 9.64 -10.38
C ARG A 53 11.69 8.62 -9.27
N VAL A 54 10.59 7.91 -9.43
CA VAL A 54 10.20 6.92 -8.45
C VAL A 54 11.30 5.88 -8.30
N THR A 55 11.09 4.95 -7.38
CA THR A 55 12.07 3.91 -7.13
C THR A 55 11.49 2.55 -7.50
N GLY A 56 10.17 2.44 -7.39
CA GLY A 56 9.48 1.20 -7.70
C GLY A 56 8.63 0.74 -6.53
N GLU A 57 8.92 1.30 -5.37
CA GLU A 57 8.20 0.95 -4.16
C GLU A 57 7.18 2.04 -3.81
N ALA A 58 6.16 1.65 -3.06
CA ALA A 58 5.13 2.58 -2.65
C ALA A 58 4.49 2.10 -1.34
N ASP A 59 4.03 3.06 -0.57
CA ASP A 59 3.40 2.75 0.71
C ASP A 59 1.95 3.23 0.69
N VAL A 60 1.04 2.28 0.90
CA VAL A 60 -0.37 2.59 0.91
C VAL A 60 -0.92 2.45 2.34
N GLU A 61 -1.65 3.47 2.76
CA GLU A 61 -2.23 3.47 4.09
C GLU A 61 -3.75 3.40 4.01
N PHE A 62 -4.33 2.68 4.96
CA PHE A 62 -5.78 2.54 5.01
C PHE A 62 -6.31 2.74 6.42
N ALA A 63 -7.51 3.31 6.50
CA ALA A 63 -8.13 3.58 7.78
C ALA A 63 -8.42 2.25 8.49
N THR A 64 -9.09 1.37 7.76
CA THR A 64 -9.43 0.06 8.30
C THR A 64 -8.55 -1.02 7.68
N HIS A 65 -8.89 -2.26 7.99
CA HIS A 65 -8.14 -3.39 7.47
C HIS A 65 -8.71 -3.81 6.12
N GLU A 66 -10.02 -3.96 6.09
CA GLU A 66 -10.71 -4.36 4.87
C GLU A 66 -10.18 -3.57 3.68
N ASP A 67 -10.28 -2.25 3.80
CA ASP A 67 -9.81 -1.37 2.73
C ASP A 67 -8.42 -1.82 2.28
N ALA A 68 -7.71 -2.46 3.20
CA ALA A 68 -6.36 -2.94 2.91
C ALA A 68 -6.47 -4.20 2.04
N VAL A 69 -6.98 -5.26 2.64
CA VAL A 69 -7.13 -6.52 1.92
C VAL A 69 -7.81 -6.27 0.58
N ALA A 70 -8.75 -5.34 0.59
CA ALA A 70 -9.48 -4.99 -0.61
C ALA A 70 -8.49 -4.50 -1.68
N ALA A 71 -7.51 -3.74 -1.23
CA ALA A 71 -6.49 -3.21 -2.12
C ALA A 71 -5.53 -4.33 -2.50
N MET A 72 -5.36 -5.27 -1.58
CA MET A 72 -4.46 -6.40 -1.81
C MET A 72 -4.99 -7.30 -2.92
N ALA A 73 -6.21 -7.00 -3.35
CA ALA A 73 -6.84 -7.78 -4.41
C ALA A 73 -6.10 -7.54 -5.73
N LYS A 74 -5.23 -6.54 -5.71
CA LYS A 74 -4.46 -6.20 -6.88
C LYS A 74 -3.01 -6.67 -6.70
N ASP A 75 -2.86 -7.72 -5.91
CA ASP A 75 -1.55 -8.27 -5.65
C ASP A 75 -1.02 -8.98 -6.90
N LYS A 76 0.10 -8.51 -7.40
CA LYS A 76 0.71 -9.08 -8.58
C LYS A 76 0.15 -8.39 -9.83
N ALA A 77 -1.15 -8.16 -9.80
CA ALA A 77 -1.83 -7.51 -10.91
C ALA A 77 -0.94 -6.37 -11.43
N ASN A 78 -0.65 -6.43 -12.72
CA ASN A 78 0.18 -5.41 -13.35
C ASN A 78 -0.59 -4.09 -13.40
N MET A 79 -0.31 -3.25 -12.42
CA MET A 79 -0.97 -1.95 -12.34
C MET A 79 -1.16 -1.34 -13.73
N GLN A 80 -0.09 -1.39 -14.52
CA GLN A 80 -0.13 -0.85 -15.85
C GLN A 80 0.37 -1.89 -16.86
N HIS A 81 1.69 -2.03 -16.91
CA HIS A 81 2.31 -2.98 -17.81
C HIS A 81 3.45 -3.72 -17.10
N ARG A 82 3.48 -3.54 -15.78
CA ARG A 82 4.50 -4.17 -14.97
C ARG A 82 3.87 -4.86 -13.76
N TYR A 83 4.37 -6.05 -13.48
CA TYR A 83 3.86 -6.83 -12.34
C TYR A 83 4.24 -6.17 -11.02
N VAL A 84 3.24 -5.53 -10.41
CA VAL A 84 3.46 -4.86 -9.14
C VAL A 84 3.22 -5.86 -8.00
N GLU A 85 3.81 -5.54 -6.86
CA GLU A 85 3.67 -6.40 -5.68
C GLU A 85 2.93 -5.66 -4.57
N LEU A 86 2.21 -6.43 -3.77
CA LEU A 86 1.46 -5.86 -2.67
C LEU A 86 1.65 -6.72 -1.43
N PHE A 87 2.05 -6.07 -0.34
CA PHE A 87 2.27 -6.75 0.92
C PHE A 87 1.28 -6.29 1.98
N LEU A 88 0.37 -7.18 2.34
CA LEU A 88 -0.64 -6.87 3.35
C LEU A 88 0.05 -6.72 4.71
N ASN A 89 -0.04 -5.51 5.24
CA ASN A 89 0.56 -5.22 6.52
C ASN A 89 -0.45 -4.46 7.40
N SER A 90 -1.01 -5.18 8.35
CA SER A 90 -1.99 -4.59 9.25
C SER A 90 -1.80 -5.16 10.67
N THR A 91 -2.49 -4.54 11.61
CA THR A 91 -2.42 -4.97 13.00
C THR A 91 -3.67 -5.78 13.38
N ALA A 92 -4.77 -5.45 12.72
CA ALA A 92 -6.03 -6.13 12.98
C ALA A 92 -6.30 -6.14 14.49
N GLY A 93 -7.41 -6.76 14.85
CA GLY A 93 -7.80 -6.85 16.25
C GLY A 93 -8.54 -8.16 16.53
N THR A 94 -9.57 -8.04 17.36
CA THR A 94 -10.38 -9.20 17.71
C THR A 94 -11.35 -9.54 16.58
N SER A 95 -11.78 -10.79 16.56
CA SER A 95 -12.72 -11.25 15.55
C SER A 95 -13.43 -12.51 16.03
N GLY A 96 -14.52 -12.84 15.33
CA GLY A 96 -15.30 -14.01 15.68
C GLY A 96 -16.80 -13.74 15.54
N SER A 97 -17.53 -14.78 15.18
CA SER A 97 -18.97 -14.67 15.01
C SER A 97 -19.68 -15.81 15.74
N GLY A 98 -20.97 -15.63 15.93
CA GLY A 98 -21.78 -16.62 16.61
C GLY A 98 -21.77 -17.95 15.84
N PRO A 99 -22.70 -18.03 14.84
CA PRO A 99 -22.81 -19.23 14.02
C PRO A 99 -21.65 -19.32 13.01
N SER A 100 -21.03 -20.48 12.98
CA SER A 100 -19.91 -20.70 12.07
C SER A 100 -20.42 -20.78 10.63
N SER A 101 -19.51 -20.55 9.70
CA SER A 101 -19.84 -20.59 8.29
C SER A 101 -20.89 -19.52 7.97
N GLY A 102 -21.10 -19.31 6.69
CA GLY A 102 -22.07 -18.32 6.24
C GLY A 102 -21.38 -17.17 5.50
N GLY A 1 16.77 -0.96 -8.97
CA GLY A 1 16.93 -0.03 -7.87
C GLY A 1 17.43 -0.74 -6.61
N SER A 2 16.71 -0.55 -5.52
CA SER A 2 17.07 -1.17 -4.26
C SER A 2 16.22 -2.44 -4.05
N SER A 3 16.73 -3.31 -3.19
CA SER A 3 16.05 -4.56 -2.89
C SER A 3 16.69 -5.24 -1.69
N GLY A 4 15.86 -5.59 -0.73
CA GLY A 4 16.35 -6.26 0.48
C GLY A 4 15.43 -5.97 1.67
N SER A 5 15.11 -7.03 2.39
CA SER A 5 14.25 -6.90 3.56
C SER A 5 14.92 -6.00 4.60
N SER A 6 14.31 -4.83 4.80
CA SER A 6 14.84 -3.88 5.76
C SER A 6 14.22 -4.15 7.14
N GLY A 7 12.90 -4.09 7.18
CA GLY A 7 12.18 -4.31 8.43
C GLY A 7 12.69 -3.38 9.53
N SER A 8 12.05 -2.23 9.63
CA SER A 8 12.42 -1.25 10.64
C SER A 8 11.46 -0.07 10.61
N SER A 9 11.37 0.56 9.45
CA SER A 9 10.49 1.70 9.27
C SER A 9 9.05 1.32 9.64
N PHE A 10 8.67 1.66 10.86
CA PHE A 10 7.34 1.36 11.34
C PHE A 10 6.67 2.60 11.94
N GLN A 11 5.36 2.65 11.81
CA GLN A 11 4.59 3.77 12.33
C GLN A 11 3.28 3.28 12.94
N SER A 12 3.08 3.64 14.20
CA SER A 12 1.87 3.25 14.91
C SER A 12 0.81 4.34 14.79
N THR A 13 -0.17 4.08 13.95
CA THR A 13 -1.26 5.03 13.73
C THR A 13 -2.57 4.29 13.47
N THR A 14 -2.55 3.47 12.44
CA THR A 14 -3.73 2.70 12.06
C THR A 14 -3.46 1.20 12.21
N GLY A 15 -2.33 0.78 11.67
CA GLY A 15 -1.95 -0.62 11.73
C GLY A 15 -2.07 -1.29 10.36
N HIS A 16 -3.19 -1.02 9.71
CA HIS A 16 -3.45 -1.58 8.40
C HIS A 16 -2.74 -0.74 7.33
N CYS A 17 -1.77 -1.36 6.68
CA CYS A 17 -1.02 -0.68 5.64
C CYS A 17 -0.71 -1.69 4.53
N VAL A 18 -0.31 -1.16 3.38
CA VAL A 18 0.01 -2.00 2.25
C VAL A 18 1.29 -1.48 1.58
N HIS A 19 2.29 -2.36 1.50
CA HIS A 19 3.55 -2.02 0.90
C HIS A 19 3.47 -2.20 -0.62
N MET A 20 4.20 -1.36 -1.33
CA MET A 20 4.23 -1.43 -2.78
C MET A 20 5.65 -1.62 -3.30
N ARG A 21 5.76 -2.50 -4.28
CA ARG A 21 7.07 -2.79 -4.87
C ARG A 21 6.90 -3.18 -6.35
N GLY A 22 7.96 -2.94 -7.10
CA GLY A 22 7.96 -3.26 -8.52
C GLY A 22 6.89 -2.45 -9.26
N LEU A 23 7.02 -1.14 -9.16
CA LEU A 23 6.07 -0.25 -9.81
C LEU A 23 6.66 0.25 -11.13
N PRO A 24 5.76 0.70 -12.04
CA PRO A 24 6.17 1.20 -13.33
C PRO A 24 6.79 2.60 -13.21
N TYR A 25 7.57 2.96 -14.22
CA TYR A 25 8.21 4.26 -14.23
C TYR A 25 7.18 5.38 -14.31
N ARG A 26 6.10 5.11 -15.03
CA ARG A 26 5.04 6.09 -15.20
C ARG A 26 3.87 5.76 -14.26
N ALA A 27 4.21 5.52 -13.00
CA ALA A 27 3.20 5.20 -12.00
C ALA A 27 3.17 6.30 -10.94
N THR A 28 2.07 7.04 -10.93
CA THR A 28 1.90 8.12 -9.98
C THR A 28 0.77 7.79 -8.99
N GLU A 29 0.76 8.52 -7.89
CA GLU A 29 -0.25 8.32 -6.87
C GLU A 29 -1.62 8.12 -7.51
N ASN A 30 -1.93 9.02 -8.45
CA ASN A 30 -3.21 8.96 -9.14
C ASN A 30 -3.44 7.53 -9.65
N ASP A 31 -2.37 6.92 -10.14
CA ASP A 31 -2.44 5.58 -10.66
C ASP A 31 -2.64 4.59 -9.50
N ILE A 32 -1.79 4.74 -8.49
CA ILE A 32 -1.86 3.88 -7.32
C ILE A 32 -3.26 3.98 -6.71
N TYR A 33 -3.89 5.13 -6.93
CA TYR A 33 -5.22 5.37 -6.40
C TYR A 33 -6.27 4.60 -7.21
N ASN A 34 -6.07 4.59 -8.51
CA ASN A 34 -6.99 3.90 -9.41
C ASN A 34 -6.69 2.40 -9.38
N PHE A 35 -5.43 2.08 -9.10
CA PHE A 35 -5.01 0.70 -9.04
C PHE A 35 -5.63 -0.02 -7.84
N PHE A 36 -5.82 0.76 -6.77
CA PHE A 36 -6.41 0.22 -5.55
C PHE A 36 -7.93 0.38 -5.55
N SER A 37 -8.39 1.26 -6.43
CA SER A 37 -9.82 1.51 -6.54
C SER A 37 -10.54 0.26 -7.05
N PRO A 38 -11.86 0.19 -6.73
CA PRO A 38 -12.50 1.24 -5.96
C PRO A 38 -12.10 1.16 -4.48
N LEU A 39 -11.45 2.22 -4.02
CA LEU A 39 -11.01 2.27 -2.64
C LEU A 39 -10.59 3.71 -2.31
N ASN A 40 -10.30 3.93 -1.03
CA ASN A 40 -9.89 5.24 -0.57
C ASN A 40 -8.73 5.09 0.43
N PRO A 41 -7.48 5.18 -0.12
CA PRO A 41 -6.30 5.06 0.71
C PRO A 41 -6.07 6.32 1.53
N MET A 42 -5.66 6.11 2.78
CA MET A 42 -5.40 7.22 3.68
C MET A 42 -4.33 8.14 3.11
N ARG A 43 -3.36 7.53 2.44
CA ARG A 43 -2.27 8.29 1.85
C ARG A 43 -1.30 7.35 1.11
N VAL A 44 -0.83 7.81 -0.02
CA VAL A 44 0.10 7.03 -0.82
C VAL A 44 1.44 7.76 -0.91
N HIS A 45 2.46 7.11 -0.36
CA HIS A 45 3.79 7.67 -0.36
C HIS A 45 4.58 7.13 -1.55
N ILE A 46 5.16 8.04 -2.31
CA ILE A 46 5.95 7.66 -3.47
C ILE A 46 7.44 7.84 -3.17
N GLU A 47 8.17 6.74 -3.24
CA GLU A 47 9.59 6.77 -2.97
C GLU A 47 10.36 7.22 -4.22
N ILE A 48 11.05 8.34 -4.08
CA ILE A 48 11.83 8.89 -5.17
C ILE A 48 13.30 8.49 -5.01
N GLY A 49 13.88 8.00 -6.09
CA GLY A 49 15.27 7.59 -6.08
C GLY A 49 16.20 8.78 -6.30
N PRO A 50 16.49 9.04 -7.60
CA PRO A 50 17.37 10.15 -7.96
C PRO A 50 16.64 11.49 -7.81
N ASP A 51 16.05 11.68 -6.65
CA ASP A 51 15.32 12.90 -6.36
C ASP A 51 14.59 13.37 -7.63
N GLY A 52 14.02 12.39 -8.32
CA GLY A 52 13.30 12.68 -9.55
C GLY A 52 12.54 11.44 -10.05
N ARG A 53 13.29 10.36 -10.20
CA ARG A 53 12.70 9.11 -10.67
C ARG A 53 12.19 8.30 -9.48
N VAL A 54 11.33 7.33 -9.80
CA VAL A 54 10.76 6.47 -8.77
C VAL A 54 11.63 5.23 -8.62
N THR A 55 11.52 4.61 -7.46
CA THR A 55 12.30 3.41 -7.17
C THR A 55 11.47 2.16 -7.51
N GLY A 56 10.15 2.32 -7.44
CA GLY A 56 9.26 1.21 -7.74
C GLY A 56 8.54 0.73 -6.47
N GLU A 57 8.70 1.52 -5.40
CA GLU A 57 8.08 1.18 -4.14
C GLU A 57 7.10 2.27 -3.72
N ALA A 58 6.14 1.90 -2.89
CA ALA A 58 5.14 2.83 -2.42
C ALA A 58 4.54 2.31 -1.12
N ASP A 59 3.94 3.23 -0.37
CA ASP A 59 3.33 2.87 0.90
C ASP A 59 1.86 3.31 0.89
N VAL A 60 1.00 2.41 1.34
CA VAL A 60 -0.42 2.68 1.39
C VAL A 60 -0.93 2.51 2.82
N GLU A 61 -1.91 3.31 3.17
CA GLU A 61 -2.49 3.24 4.50
C GLU A 61 -4.03 3.22 4.41
N PHE A 62 -4.61 2.35 5.22
CA PHE A 62 -6.06 2.21 5.24
C PHE A 62 -6.60 2.31 6.67
N ALA A 63 -7.76 2.94 6.80
CA ALA A 63 -8.38 3.11 8.09
C ALA A 63 -8.56 1.73 8.75
N THR A 64 -9.21 0.84 8.01
CA THR A 64 -9.46 -0.50 8.51
C THR A 64 -8.60 -1.51 7.75
N HIS A 65 -8.83 -2.78 8.05
CA HIS A 65 -8.08 -3.85 7.40
C HIS A 65 -8.74 -4.18 6.05
N GLU A 66 -10.06 -4.20 6.06
CA GLU A 66 -10.81 -4.51 4.85
C GLU A 66 -10.26 -3.71 3.67
N ASP A 67 -10.26 -2.39 3.83
CA ASP A 67 -9.77 -1.51 2.80
C ASP A 67 -8.38 -1.98 2.34
N ALA A 68 -7.73 -2.71 3.23
CA ALA A 68 -6.40 -3.23 2.93
C ALA A 68 -6.53 -4.47 2.04
N VAL A 69 -7.18 -5.48 2.58
CA VAL A 69 -7.38 -6.73 1.84
C VAL A 69 -8.05 -6.41 0.50
N ALA A 70 -8.87 -5.38 0.51
CA ALA A 70 -9.57 -4.96 -0.69
C ALA A 70 -8.55 -4.54 -1.75
N ALA A 71 -7.59 -3.75 -1.32
CA ALA A 71 -6.55 -3.27 -2.21
C ALA A 71 -5.62 -4.43 -2.58
N MET A 72 -5.29 -5.21 -1.56
CA MET A 72 -4.40 -6.35 -1.76
C MET A 72 -4.89 -7.23 -2.92
N ALA A 73 -6.17 -7.08 -3.23
CA ALA A 73 -6.77 -7.85 -4.31
C ALA A 73 -6.04 -7.52 -5.62
N LYS A 74 -5.43 -6.35 -5.64
CA LYS A 74 -4.72 -5.90 -6.83
C LYS A 74 -3.23 -6.26 -6.67
N ASP A 75 -2.99 -7.45 -6.12
CA ASP A 75 -1.64 -7.91 -5.92
C ASP A 75 -1.15 -8.60 -7.20
N LYS A 76 0.13 -8.37 -7.50
CA LYS A 76 0.73 -8.95 -8.68
C LYS A 76 0.16 -8.28 -9.93
N ALA A 77 -1.16 -8.34 -10.04
CA ALA A 77 -1.85 -7.74 -11.16
C ALA A 77 -1.07 -6.51 -11.64
N ASN A 78 -0.85 -6.46 -12.94
CA ASN A 78 -0.12 -5.35 -13.54
C ASN A 78 -0.94 -4.07 -13.39
N MET A 79 -0.26 -3.02 -12.96
CA MET A 79 -0.92 -1.73 -12.77
C MET A 79 -1.11 -1.01 -14.11
N GLN A 80 0.00 -0.72 -14.75
CA GLN A 80 -0.03 -0.04 -16.03
C GLN A 80 0.54 -0.93 -17.13
N HIS A 81 1.18 -2.02 -16.69
CA HIS A 81 1.77 -2.97 -17.62
C HIS A 81 2.82 -3.81 -16.89
N ARG A 82 3.35 -3.23 -15.82
CA ARG A 82 4.36 -3.92 -15.03
C ARG A 82 3.70 -4.64 -13.85
N TYR A 83 4.33 -5.74 -13.44
CA TYR A 83 3.82 -6.52 -12.33
C TYR A 83 4.15 -5.85 -10.99
N VAL A 84 3.13 -5.26 -10.40
CA VAL A 84 3.29 -4.59 -9.12
C VAL A 84 3.11 -5.60 -7.98
N GLU A 85 3.78 -5.32 -6.88
CA GLU A 85 3.69 -6.19 -5.72
C GLU A 85 3.00 -5.47 -4.56
N LEU A 86 2.24 -6.25 -3.79
CA LEU A 86 1.52 -5.69 -2.66
C LEU A 86 1.72 -6.60 -1.45
N PHE A 87 2.05 -5.98 -0.33
CA PHE A 87 2.27 -6.71 0.91
C PHE A 87 1.26 -6.30 1.97
N LEU A 88 0.37 -7.23 2.29
CA LEU A 88 -0.65 -6.99 3.29
C LEU A 88 0.01 -6.88 4.67
N ASN A 89 -0.08 -5.68 5.23
CA ASN A 89 0.51 -5.43 6.54
C ASN A 89 -0.54 -4.77 7.44
N SER A 90 -1.09 -5.57 8.35
CA SER A 90 -2.10 -5.07 9.26
C SER A 90 -1.93 -5.74 10.63
N THR A 91 -2.66 -5.21 11.60
CA THR A 91 -2.60 -5.74 12.95
C THR A 91 -3.84 -6.58 13.25
N ALA A 92 -4.95 -6.17 12.66
CA ALA A 92 -6.21 -6.87 12.85
C ALA A 92 -6.57 -6.87 14.33
N GLY A 93 -7.88 -6.92 14.60
CA GLY A 93 -8.36 -6.92 15.97
C GLY A 93 -9.83 -7.32 16.02
N THR A 94 -10.09 -8.42 16.72
CA THR A 94 -11.45 -8.92 16.86
C THR A 94 -11.73 -9.31 18.31
N SER A 95 -13.01 -9.49 18.60
CA SER A 95 -13.42 -9.86 19.94
C SER A 95 -14.91 -10.22 19.95
N GLY A 96 -15.21 -11.38 20.52
CA GLY A 96 -16.58 -11.84 20.60
C GLY A 96 -16.72 -12.93 21.67
N SER A 97 -16.99 -14.14 21.19
CA SER A 97 -17.16 -15.27 22.09
C SER A 97 -18.43 -15.10 22.92
N GLY A 98 -19.00 -16.23 23.32
CA GLY A 98 -20.20 -16.21 24.12
C GLY A 98 -20.47 -17.59 24.75
N PRO A 99 -21.58 -17.65 25.54
CA PRO A 99 -21.95 -18.90 26.19
C PRO A 99 -22.54 -19.90 25.20
N SER A 100 -22.84 -21.08 25.70
CA SER A 100 -23.40 -22.14 24.87
C SER A 100 -24.79 -21.73 24.39
N SER A 101 -25.68 -21.51 25.36
CA SER A 101 -27.04 -21.12 25.04
C SER A 101 -27.64 -22.06 23.99
N GLY A 102 -28.25 -23.13 24.47
CA GLY A 102 -28.86 -24.11 23.58
C GLY A 102 -30.35 -24.27 23.89
N GLY A 1 6.75 21.63 13.06
CA GLY A 1 7.90 21.32 12.23
C GLY A 1 7.47 20.68 10.91
N SER A 2 8.32 20.84 9.91
CA SER A 2 8.04 20.29 8.59
C SER A 2 9.34 19.88 7.91
N SER A 3 10.22 20.87 7.74
CA SER A 3 11.51 20.62 7.10
C SER A 3 12.59 20.42 8.17
N GLY A 4 12.89 19.16 8.43
CA GLY A 4 13.90 18.83 9.42
C GLY A 4 14.30 17.35 9.32
N SER A 5 14.01 16.62 10.38
CA SER A 5 14.33 15.20 10.43
C SER A 5 13.19 14.39 9.83
N SER A 6 12.02 14.53 10.43
CA SER A 6 10.84 13.82 9.96
C SER A 6 11.07 12.31 10.06
N GLY A 7 10.87 11.78 11.26
CA GLY A 7 11.05 10.36 11.50
C GLY A 7 11.99 10.12 12.68
N SER A 8 11.57 9.22 13.55
CA SER A 8 12.37 8.89 14.72
C SER A 8 11.73 7.74 15.49
N SER A 9 12.28 6.55 15.29
CA SER A 9 11.76 5.36 15.95
C SER A 9 10.40 4.99 15.36
N PHE A 10 10.26 3.71 15.03
CA PHE A 10 9.03 3.20 14.46
C PHE A 10 7.82 3.64 15.30
N GLN A 11 6.75 4.00 14.60
CA GLN A 11 5.54 4.44 15.27
C GLN A 11 4.31 4.02 14.45
N SER A 12 3.54 3.12 15.04
CA SER A 12 2.34 2.63 14.38
C SER A 12 1.31 3.75 14.27
N THR A 13 0.81 3.94 13.05
CA THR A 13 -0.17 4.98 12.79
C THR A 13 -1.59 4.43 13.00
N THR A 14 -1.90 3.38 12.28
CA THR A 14 -3.21 2.75 12.37
C THR A 14 -3.07 1.24 12.55
N GLY A 15 -2.29 0.64 11.66
CA GLY A 15 -2.07 -0.79 11.70
C GLY A 15 -2.16 -1.41 10.31
N HIS A 16 -3.28 -1.13 9.64
CA HIS A 16 -3.50 -1.65 8.30
C HIS A 16 -2.73 -0.80 7.29
N CYS A 17 -1.83 -1.46 6.58
CA CYS A 17 -1.02 -0.79 5.58
C CYS A 17 -0.81 -1.74 4.40
N VAL A 18 -0.30 -1.19 3.32
CA VAL A 18 -0.05 -1.98 2.12
C VAL A 18 1.23 -1.48 1.45
N HIS A 19 2.22 -2.36 1.42
CA HIS A 19 3.49 -2.03 0.80
C HIS A 19 3.43 -2.29 -0.70
N MET A 20 4.18 -1.50 -1.45
CA MET A 20 4.22 -1.64 -2.89
C MET A 20 5.65 -1.78 -3.40
N ARG A 21 5.84 -2.72 -4.32
CA ARG A 21 7.15 -2.96 -4.89
C ARG A 21 7.03 -3.38 -6.36
N GLY A 22 8.02 -2.98 -7.13
CA GLY A 22 8.04 -3.30 -8.55
C GLY A 22 6.92 -2.56 -9.30
N LEU A 23 6.95 -1.24 -9.18
CA LEU A 23 5.95 -0.41 -9.83
C LEU A 23 6.53 0.13 -11.14
N PRO A 24 5.61 0.36 -12.12
CA PRO A 24 6.02 0.88 -13.42
C PRO A 24 6.35 2.37 -13.33
N TYR A 25 7.55 2.71 -13.80
CA TYR A 25 7.99 4.08 -13.79
C TYR A 25 6.86 5.03 -14.20
N ARG A 26 5.94 4.50 -14.98
CA ARG A 26 4.81 5.29 -15.44
C ARG A 26 3.78 5.46 -14.31
N ALA A 27 3.49 4.34 -13.65
CA ALA A 27 2.53 4.36 -12.56
C ALA A 27 2.73 5.63 -11.73
N THR A 28 1.61 6.26 -11.41
CA THR A 28 1.63 7.48 -10.63
C THR A 28 0.58 7.44 -9.52
N GLU A 29 0.76 8.31 -8.54
CA GLU A 29 -0.17 8.38 -7.42
C GLU A 29 -1.61 8.31 -7.91
N ASN A 30 -1.90 9.14 -8.91
CA ASN A 30 -3.23 9.18 -9.49
C ASN A 30 -3.67 7.76 -9.85
N ASP A 31 -2.71 6.98 -10.34
CA ASP A 31 -2.97 5.62 -10.73
C ASP A 31 -3.08 4.73 -9.50
N ILE A 32 -2.04 4.80 -8.68
CA ILE A 32 -2.00 4.03 -7.45
C ILE A 32 -3.33 4.18 -6.71
N TYR A 33 -3.99 5.30 -6.96
CA TYR A 33 -5.26 5.59 -6.33
C TYR A 33 -6.38 4.74 -6.95
N ASN A 34 -6.33 4.63 -8.27
CA ASN A 34 -7.33 3.86 -8.99
C ASN A 34 -6.88 2.39 -9.07
N PHE A 35 -5.64 2.17 -8.65
CA PHE A 35 -5.09 0.83 -8.67
C PHE A 35 -5.57 0.02 -7.45
N PHE A 36 -6.17 0.74 -6.51
CA PHE A 36 -6.69 0.10 -5.31
C PHE A 36 -8.20 0.29 -5.19
N SER A 37 -8.73 1.12 -6.08
CA SER A 37 -10.16 1.39 -6.08
C SER A 37 -10.93 0.13 -6.48
N PRO A 38 -12.22 0.09 -6.06
CA PRO A 38 -12.79 1.18 -5.28
C PRO A 38 -12.28 1.14 -3.84
N LEU A 39 -11.58 2.20 -3.47
CA LEU A 39 -11.04 2.31 -2.12
C LEU A 39 -10.61 3.75 -1.85
N ASN A 40 -10.18 3.99 -0.63
CA ASN A 40 -9.74 5.32 -0.24
C ASN A 40 -8.48 5.21 0.63
N PRO A 41 -7.31 5.28 -0.06
CA PRO A 41 -6.03 5.20 0.64
C PRO A 41 -5.73 6.48 1.39
N MET A 42 -5.54 6.34 2.70
CA MET A 42 -5.23 7.48 3.53
C MET A 42 -4.22 8.41 2.87
N ARG A 43 -3.26 7.78 2.19
CA ARG A 43 -2.22 8.53 1.50
C ARG A 43 -1.31 7.58 0.72
N VAL A 44 -0.89 8.03 -0.45
CA VAL A 44 -0.01 7.24 -1.29
C VAL A 44 1.41 7.81 -1.22
N HIS A 45 2.29 7.04 -0.63
CA HIS A 45 3.68 7.45 -0.50
C HIS A 45 4.49 6.94 -1.70
N ILE A 46 5.14 7.88 -2.36
CA ILE A 46 5.95 7.54 -3.52
C ILE A 46 7.43 7.64 -3.16
N GLU A 47 8.03 6.48 -2.94
CA GLU A 47 9.44 6.41 -2.59
C GLU A 47 10.29 7.04 -3.70
N ILE A 48 11.04 8.06 -3.31
CA ILE A 48 11.91 8.75 -4.25
C ILE A 48 13.36 8.30 -4.05
N GLY A 49 14.11 8.30 -5.13
CA GLY A 49 15.51 7.90 -5.08
C GLY A 49 16.41 9.09 -4.76
N PRO A 50 17.75 8.82 -4.75
CA PRO A 50 18.72 9.85 -4.46
C PRO A 50 18.89 10.81 -5.64
N ASP A 51 17.80 11.52 -5.94
CA ASP A 51 17.81 12.47 -7.04
C ASP A 51 16.39 12.96 -7.29
N GLY A 52 15.49 12.00 -7.44
CA GLY A 52 14.09 12.32 -7.68
C GLY A 52 13.37 11.15 -8.34
N ARG A 53 14.10 10.43 -9.18
CA ARG A 53 13.55 9.29 -9.88
C ARG A 53 12.97 8.29 -8.88
N VAL A 54 11.77 7.82 -9.18
CA VAL A 54 11.10 6.85 -8.31
C VAL A 54 11.97 5.60 -8.19
N THR A 55 11.57 4.73 -7.27
CA THR A 55 12.29 3.49 -7.05
C THR A 55 11.46 2.29 -7.48
N GLY A 56 10.14 2.48 -7.44
CA GLY A 56 9.23 1.42 -7.83
C GLY A 56 8.43 0.91 -6.62
N GLU A 57 8.71 1.52 -5.48
CA GLU A 57 8.03 1.14 -4.24
C GLU A 57 7.01 2.20 -3.86
N ALA A 58 6.01 1.76 -3.10
CA ALA A 58 4.96 2.66 -2.65
C ALA A 58 4.40 2.16 -1.32
N ASP A 59 3.96 3.10 -0.49
CA ASP A 59 3.40 2.77 0.80
C ASP A 59 1.96 3.28 0.88
N VAL A 60 1.06 2.39 1.24
CA VAL A 60 -0.35 2.75 1.36
C VAL A 60 -0.80 2.56 2.81
N GLU A 61 -1.80 3.34 3.19
CA GLU A 61 -2.33 3.27 4.54
C GLU A 61 -3.86 3.31 4.52
N PHE A 62 -4.45 2.42 5.29
CA PHE A 62 -5.90 2.34 5.36
C PHE A 62 -6.39 2.44 6.81
N ALA A 63 -7.57 3.02 6.97
CA ALA A 63 -8.15 3.18 8.29
C ALA A 63 -8.53 1.80 8.85
N THR A 64 -9.27 1.06 8.05
CA THR A 64 -9.70 -0.28 8.46
C THR A 64 -8.80 -1.34 7.82
N HIS A 65 -9.16 -2.59 8.07
CA HIS A 65 -8.40 -3.71 7.52
C HIS A 65 -8.93 -4.06 6.13
N GLU A 66 -10.25 -4.15 6.05
CA GLU A 66 -10.89 -4.47 4.79
C GLU A 66 -10.26 -3.69 3.64
N ASP A 67 -10.13 -2.38 3.86
CA ASP A 67 -9.54 -1.51 2.86
C ASP A 67 -8.15 -2.04 2.48
N ALA A 68 -7.47 -2.60 3.46
CA ALA A 68 -6.14 -3.14 3.24
C ALA A 68 -6.26 -4.40 2.38
N VAL A 69 -6.79 -5.45 2.98
CA VAL A 69 -6.96 -6.71 2.28
C VAL A 69 -7.67 -6.45 0.94
N ALA A 70 -8.48 -5.41 0.93
CA ALA A 70 -9.21 -5.05 -0.28
C ALA A 70 -8.23 -4.62 -1.36
N ALA A 71 -7.31 -3.74 -0.98
CA ALA A 71 -6.31 -3.24 -1.90
C ALA A 71 -5.63 -4.43 -2.58
N MET A 72 -5.50 -5.51 -1.83
CA MET A 72 -4.87 -6.71 -2.36
C MET A 72 -5.65 -7.28 -3.53
N ALA A 73 -6.86 -6.75 -3.71
CA ALA A 73 -7.72 -7.19 -4.79
C ALA A 73 -7.02 -6.95 -6.13
N LYS A 74 -6.00 -6.10 -6.08
CA LYS A 74 -5.24 -5.78 -7.27
C LYS A 74 -3.79 -6.22 -7.08
N ASP A 75 -3.62 -7.29 -6.32
CA ASP A 75 -2.30 -7.82 -6.05
C ASP A 75 -1.78 -8.54 -7.29
N LYS A 76 -0.53 -8.25 -7.63
CA LYS A 76 0.09 -8.87 -8.79
C LYS A 76 -0.29 -8.08 -10.05
N ALA A 77 -1.58 -7.80 -10.15
CA ALA A 77 -2.09 -7.06 -11.30
C ALA A 77 -1.07 -5.99 -11.70
N ASN A 78 -0.67 -6.03 -12.96
CA ASN A 78 0.29 -5.07 -13.47
C ASN A 78 -0.42 -3.75 -13.76
N MET A 79 -0.20 -2.79 -12.87
CA MET A 79 -0.81 -1.48 -13.02
C MET A 79 -0.80 -1.03 -14.48
N GLN A 80 0.35 -1.22 -15.12
CA GLN A 80 0.51 -0.84 -16.50
C GLN A 80 1.00 -2.03 -17.33
N HIS A 81 2.26 -2.38 -17.13
CA HIS A 81 2.86 -3.49 -17.84
C HIS A 81 3.94 -4.14 -16.98
N ARG A 82 3.84 -3.89 -15.68
CA ARG A 82 4.81 -4.44 -14.74
C ARG A 82 4.08 -5.04 -13.53
N TYR A 83 4.55 -6.21 -13.13
CA TYR A 83 3.96 -6.90 -11.99
C TYR A 83 4.42 -6.28 -10.68
N VAL A 84 3.53 -5.47 -10.10
CA VAL A 84 3.83 -4.80 -8.84
C VAL A 84 3.42 -5.71 -7.68
N GLU A 85 4.26 -5.74 -6.67
CA GLU A 85 4.00 -6.56 -5.49
C GLU A 85 3.25 -5.74 -4.44
N LEU A 86 2.30 -6.41 -3.79
CA LEU A 86 1.49 -5.76 -2.77
C LEU A 86 1.56 -6.58 -1.48
N PHE A 87 2.03 -5.93 -0.43
CA PHE A 87 2.15 -6.58 0.87
C PHE A 87 1.10 -6.06 1.85
N LEU A 88 0.15 -6.92 2.18
CA LEU A 88 -0.90 -6.57 3.11
C LEU A 88 -0.38 -6.66 4.53
N ASN A 89 0.03 -5.51 5.06
CA ASN A 89 0.56 -5.45 6.41
C ASN A 89 -0.50 -4.82 7.33
N SER A 90 -1.11 -5.67 8.15
CA SER A 90 -2.13 -5.21 9.07
C SER A 90 -2.01 -5.97 10.39
N THR A 91 -2.74 -5.49 11.39
CA THR A 91 -2.73 -6.12 12.70
C THR A 91 -3.95 -7.01 12.86
N ALA A 92 -5.09 -6.51 12.40
CA ALA A 92 -6.33 -7.26 12.49
C ALA A 92 -6.61 -7.59 13.96
N GLY A 93 -7.87 -7.90 14.23
CA GLY A 93 -8.28 -8.25 15.58
C GLY A 93 -9.03 -9.58 15.61
N THR A 94 -10.33 -9.50 15.82
CA THR A 94 -11.16 -10.69 15.88
C THR A 94 -12.14 -10.72 14.71
N SER A 95 -12.63 -11.90 14.41
CA SER A 95 -13.58 -12.07 13.32
C SER A 95 -14.89 -12.67 13.85
N GLY A 96 -15.98 -12.29 13.20
CA GLY A 96 -17.29 -12.78 13.59
C GLY A 96 -17.79 -13.85 12.62
N SER A 97 -18.81 -14.57 13.06
CA SER A 97 -19.39 -15.62 12.25
C SER A 97 -20.89 -15.74 12.52
N GLY A 98 -21.64 -15.95 11.45
CA GLY A 98 -23.08 -16.09 11.56
C GLY A 98 -23.68 -16.74 10.32
N PRO A 99 -23.47 -18.08 10.22
CA PRO A 99 -23.98 -18.84 9.09
C PRO A 99 -25.49 -19.04 9.19
N SER A 100 -26.10 -19.27 8.04
CA SER A 100 -27.54 -19.47 7.99
C SER A 100 -27.85 -20.91 7.55
N SER A 101 -29.06 -21.33 7.87
CA SER A 101 -29.49 -22.68 7.52
C SER A 101 -30.97 -22.87 7.85
N GLY A 102 -31.74 -23.22 6.84
CA GLY A 102 -33.17 -23.43 7.01
C GLY A 102 -33.97 -22.60 6.01
N GLY A 1 -13.31 17.27 2.96
CA GLY A 1 -12.32 17.60 1.94
C GLY A 1 -11.21 16.55 1.92
N SER A 2 -9.98 17.03 2.13
CA SER A 2 -8.82 16.16 2.12
C SER A 2 -8.30 15.98 3.55
N SER A 3 -8.81 14.97 4.22
CA SER A 3 -8.41 14.68 5.59
C SER A 3 -7.09 13.90 5.59
N GLY A 4 -6.30 14.15 6.63
CA GLY A 4 -5.01 13.49 6.76
C GLY A 4 -3.89 14.51 6.94
N SER A 5 -2.88 14.10 7.70
CA SER A 5 -1.74 14.96 7.97
C SER A 5 -0.54 14.53 7.12
N SER A 6 0.29 15.50 6.78
CA SER A 6 1.47 15.23 5.97
C SER A 6 2.40 16.44 6.00
N GLY A 7 3.69 16.15 5.87
CA GLY A 7 4.69 17.20 5.87
C GLY A 7 6.10 16.62 6.05
N SER A 8 6.63 16.81 7.25
CA SER A 8 7.96 16.30 7.56
C SER A 8 7.85 15.04 8.41
N SER A 9 8.92 14.24 8.35
CA SER A 9 8.95 13.01 9.11
C SER A 9 7.68 12.18 8.85
N PHE A 10 7.81 11.24 7.95
CA PHE A 10 6.67 10.38 7.60
C PHE A 10 6.03 9.79 8.86
N GLN A 11 4.80 9.32 8.68
CA GLN A 11 4.07 8.74 9.78
C GLN A 11 3.28 7.51 9.31
N SER A 12 3.67 6.36 9.83
CA SER A 12 3.01 5.11 9.47
C SER A 12 1.54 5.17 9.86
N THR A 13 1.30 5.22 11.16
CA THR A 13 -0.05 5.28 11.68
C THR A 13 -0.92 4.17 11.04
N THR A 14 -2.16 4.12 11.48
CA THR A 14 -3.09 3.13 10.97
C THR A 14 -2.39 1.78 10.79
N GLY A 15 -2.52 0.94 11.81
CA GLY A 15 -1.91 -0.37 11.78
C GLY A 15 -2.08 -1.04 10.41
N HIS A 16 -3.24 -0.75 9.80
CA HIS A 16 -3.53 -1.32 8.49
C HIS A 16 -2.81 -0.52 7.41
N CYS A 17 -1.91 -1.20 6.72
CA CYS A 17 -1.14 -0.56 5.65
C CYS A 17 -0.95 -1.58 4.53
N VAL A 18 -0.41 -1.09 3.42
CA VAL A 18 -0.17 -1.95 2.27
C VAL A 18 1.13 -1.52 1.60
N HIS A 19 2.05 -2.47 1.49
CA HIS A 19 3.34 -2.21 0.87
C HIS A 19 3.22 -2.39 -0.63
N MET A 20 4.04 -1.63 -1.35
CA MET A 20 4.04 -1.69 -2.81
C MET A 20 5.46 -1.81 -3.35
N ARG A 21 5.62 -2.70 -4.32
CA ARG A 21 6.92 -2.93 -4.92
C ARG A 21 6.76 -3.32 -6.40
N GLY A 22 7.82 -3.10 -7.15
CA GLY A 22 7.81 -3.42 -8.57
C GLY A 22 6.74 -2.61 -9.31
N LEU A 23 6.78 -1.30 -9.08
CA LEU A 23 5.82 -0.41 -9.71
C LEU A 23 6.43 0.13 -11.01
N PRO A 24 5.52 0.53 -11.95
CA PRO A 24 5.95 1.06 -13.22
C PRO A 24 6.47 2.49 -13.08
N TYR A 25 7.29 2.89 -14.04
CA TYR A 25 7.86 4.23 -14.03
C TYR A 25 6.78 5.28 -14.22
N ARG A 26 5.81 4.96 -15.06
CA ARG A 26 4.72 5.87 -15.35
C ARG A 26 3.55 5.59 -14.40
N ALA A 27 3.89 5.30 -13.16
CA ALA A 27 2.88 5.02 -12.15
C ALA A 27 2.96 6.08 -11.05
N THR A 28 1.91 6.91 -10.99
CA THR A 28 1.85 7.96 -10.00
C THR A 28 0.75 7.65 -8.97
N GLU A 29 0.62 8.56 -8.01
CA GLU A 29 -0.37 8.40 -6.97
C GLU A 29 -1.77 8.30 -7.58
N ASN A 30 -2.02 9.17 -8.54
CA ASN A 30 -3.31 9.19 -9.23
C ASN A 30 -3.59 7.81 -9.82
N ASP A 31 -2.51 7.06 -10.03
CA ASP A 31 -2.63 5.72 -10.59
C ASP A 31 -2.88 4.73 -9.46
N ILE A 32 -2.01 4.78 -8.45
CA ILE A 32 -2.14 3.89 -7.31
C ILE A 32 -3.51 4.05 -6.68
N TYR A 33 -4.12 5.20 -6.95
CA TYR A 33 -5.44 5.50 -6.42
C TYR A 33 -6.53 4.74 -7.19
N ASN A 34 -6.31 4.63 -8.48
CA ASN A 34 -7.26 3.93 -9.34
C ASN A 34 -6.92 2.45 -9.39
N PHE A 35 -5.67 2.15 -9.02
CA PHE A 35 -5.20 0.78 -9.00
C PHE A 35 -5.76 0.02 -7.80
N PHE A 36 -6.07 0.76 -6.75
CA PHE A 36 -6.60 0.18 -5.54
C PHE A 36 -8.12 0.33 -5.48
N SER A 37 -8.63 1.20 -6.35
CA SER A 37 -10.05 1.45 -6.41
C SER A 37 -10.79 0.19 -6.89
N PRO A 38 -12.10 0.12 -6.52
CA PRO A 38 -12.72 1.16 -5.72
C PRO A 38 -12.26 1.08 -4.26
N LEU A 39 -11.60 2.15 -3.82
CA LEU A 39 -11.11 2.21 -2.46
C LEU A 39 -10.71 3.66 -2.13
N ASN A 40 -10.33 3.86 -0.88
CA ASN A 40 -9.92 5.18 -0.43
C ASN A 40 -8.69 5.06 0.46
N PRO A 41 -7.50 5.19 -0.18
CA PRO A 41 -6.25 5.09 0.55
C PRO A 41 -5.98 6.35 1.36
N MET A 42 -5.82 6.16 2.66
CA MET A 42 -5.56 7.27 3.56
C MET A 42 -4.48 8.20 3.00
N ARG A 43 -3.53 7.59 2.30
CA ARG A 43 -2.44 8.35 1.71
C ARG A 43 -1.47 7.41 1.00
N VAL A 44 -0.99 7.86 -0.15
CA VAL A 44 -0.05 7.07 -0.94
C VAL A 44 1.30 7.79 -0.97
N HIS A 45 2.33 7.05 -0.59
CA HIS A 45 3.67 7.60 -0.57
C HIS A 45 4.46 7.08 -1.78
N ILE A 46 5.14 8.00 -2.43
CA ILE A 46 5.94 7.65 -3.60
C ILE A 46 7.42 7.84 -3.29
N GLU A 47 8.09 6.73 -3.02
CA GLU A 47 9.51 6.76 -2.71
C GLU A 47 10.30 7.24 -3.92
N ILE A 48 11.08 8.30 -3.69
CA ILE A 48 11.89 8.87 -4.75
C ILE A 48 13.33 8.38 -4.59
N GLY A 49 13.99 8.20 -5.73
CA GLY A 49 15.36 7.74 -5.73
C GLY A 49 16.33 8.90 -5.50
N PRO A 50 16.73 9.53 -6.63
CA PRO A 50 17.66 10.66 -6.56
C PRO A 50 16.95 11.92 -6.06
N ASP A 51 16.15 12.49 -6.94
CA ASP A 51 15.40 13.70 -6.61
C ASP A 51 14.25 13.87 -7.60
N GLY A 52 13.71 12.74 -8.04
CA GLY A 52 12.61 12.75 -8.98
C GLY A 52 12.18 11.33 -9.34
N ARG A 53 13.08 10.62 -10.00
CA ARG A 53 12.81 9.25 -10.40
C ARG A 53 12.21 8.46 -9.24
N VAL A 54 11.56 7.36 -9.58
CA VAL A 54 10.94 6.51 -8.58
C VAL A 54 11.81 5.26 -8.37
N THR A 55 11.54 4.57 -7.27
CA THR A 55 12.27 3.36 -6.95
C THR A 55 11.48 2.12 -7.38
N GLY A 56 10.17 2.24 -7.31
CA GLY A 56 9.29 1.15 -7.69
C GLY A 56 8.46 0.67 -6.51
N GLU A 57 8.73 1.28 -5.36
CA GLU A 57 8.00 0.92 -4.14
C GLU A 57 7.04 2.05 -3.75
N ALA A 58 6.00 1.67 -3.02
CA ALA A 58 5.01 2.62 -2.58
C ALA A 58 4.42 2.16 -1.24
N ASP A 59 3.85 3.11 -0.52
CA ASP A 59 3.26 2.82 0.76
C ASP A 59 1.81 3.33 0.78
N VAL A 60 0.91 2.47 1.23
CA VAL A 60 -0.50 2.81 1.29
C VAL A 60 -0.98 2.70 2.74
N GLU A 61 -2.01 3.47 3.05
CA GLU A 61 -2.57 3.48 4.39
C GLU A 61 -4.10 3.40 4.33
N PHE A 62 -4.65 2.58 5.21
CA PHE A 62 -6.09 2.41 5.27
C PHE A 62 -6.60 2.43 6.71
N ALA A 63 -7.74 3.05 6.90
CA ALA A 63 -8.34 3.14 8.23
C ALA A 63 -8.63 1.73 8.75
N THR A 64 -9.37 0.98 7.96
CA THR A 64 -9.73 -0.38 8.33
C THR A 64 -8.76 -1.38 7.69
N HIS A 65 -9.02 -2.65 7.94
CA HIS A 65 -8.18 -3.71 7.40
C HIS A 65 -8.69 -4.11 6.02
N GLU A 66 -10.00 -4.25 5.92
CA GLU A 66 -10.64 -4.64 4.68
C GLU A 66 -10.11 -3.77 3.52
N ASP A 67 -10.22 -2.46 3.72
CA ASP A 67 -9.76 -1.52 2.72
C ASP A 67 -8.28 -1.78 2.42
N ALA A 68 -7.64 -2.48 3.34
CA ALA A 68 -6.23 -2.79 3.19
C ALA A 68 -6.09 -4.10 2.41
N VAL A 69 -6.94 -5.06 2.76
CA VAL A 69 -6.92 -6.36 2.11
C VAL A 69 -7.39 -6.20 0.67
N ALA A 70 -8.49 -5.48 0.51
CA ALA A 70 -9.06 -5.24 -0.80
C ALA A 70 -8.05 -4.49 -1.66
N ALA A 71 -7.30 -3.61 -1.01
CA ALA A 71 -6.30 -2.82 -1.70
C ALA A 71 -5.21 -3.74 -2.23
N MET A 72 -4.65 -4.52 -1.33
CA MET A 72 -3.59 -5.45 -1.69
C MET A 72 -4.15 -6.66 -2.44
N ALA A 73 -5.47 -6.68 -2.56
CA ALA A 73 -6.15 -7.76 -3.25
C ALA A 73 -5.72 -7.78 -4.71
N LYS A 74 -5.09 -6.69 -5.12
CA LYS A 74 -4.62 -6.57 -6.50
C LYS A 74 -3.14 -6.93 -6.57
N ASP A 75 -2.73 -7.80 -5.66
CA ASP A 75 -1.34 -8.24 -5.61
C ASP A 75 -0.99 -8.95 -6.91
N LYS A 76 0.15 -8.57 -7.47
CA LYS A 76 0.62 -9.16 -8.70
C LYS A 76 -0.04 -8.44 -9.88
N ALA A 77 -1.35 -8.29 -9.79
CA ALA A 77 -2.11 -7.63 -10.83
C ALA A 77 -1.29 -6.45 -11.38
N ASN A 78 -1.09 -6.47 -12.68
CA ASN A 78 -0.33 -5.42 -13.33
C ASN A 78 -1.16 -4.15 -13.38
N MET A 79 -0.59 -3.08 -12.85
CA MET A 79 -1.27 -1.79 -12.82
C MET A 79 -1.33 -1.17 -14.22
N GLN A 80 -0.20 -1.24 -14.91
CA GLN A 80 -0.10 -0.69 -16.25
C GLN A 80 0.45 -1.75 -17.22
N HIS A 81 1.75 -1.94 -17.15
CA HIS A 81 2.41 -2.91 -18.01
C HIS A 81 3.47 -3.66 -17.22
N ARG A 82 3.41 -3.51 -15.91
CA ARG A 82 4.36 -4.17 -15.03
C ARG A 82 3.61 -4.88 -13.89
N TYR A 83 4.33 -5.79 -13.24
CA TYR A 83 3.76 -6.54 -12.14
C TYR A 83 4.27 -6.02 -10.79
N VAL A 84 3.41 -5.28 -10.11
CA VAL A 84 3.75 -4.72 -8.82
C VAL A 84 3.39 -5.73 -7.72
N GLU A 85 4.28 -5.83 -6.74
CA GLU A 85 4.07 -6.74 -5.63
C GLU A 85 3.36 -6.02 -4.47
N LEU A 86 2.34 -6.68 -3.96
CA LEU A 86 1.57 -6.13 -2.86
C LEU A 86 1.69 -7.05 -1.64
N PHE A 87 2.07 -6.45 -0.53
CA PHE A 87 2.23 -7.20 0.72
C PHE A 87 1.27 -6.68 1.79
N LEU A 88 0.30 -7.53 2.13
CA LEU A 88 -0.68 -7.16 3.14
C LEU A 88 0.02 -6.99 4.49
N ASN A 89 -0.10 -5.78 5.02
CA ASN A 89 0.51 -5.47 6.30
C ASN A 89 -0.48 -4.67 7.15
N SER A 90 -1.04 -5.36 8.14
CA SER A 90 -2.00 -4.73 9.03
C SER A 90 -1.83 -5.28 10.45
N THR A 91 -2.51 -4.63 11.39
CA THR A 91 -2.44 -5.05 12.78
C THR A 91 -3.61 -5.96 13.13
N ALA A 92 -4.76 -5.63 12.55
CA ALA A 92 -5.97 -6.40 12.78
C ALA A 92 -6.25 -6.45 14.29
N GLY A 93 -7.48 -6.82 14.62
CA GLY A 93 -7.91 -6.90 16.01
C GLY A 93 -8.16 -8.35 16.41
N THR A 94 -8.39 -8.53 17.70
CA THR A 94 -8.65 -9.86 18.24
C THR A 94 -10.16 -10.09 18.38
N SER A 95 -10.61 -11.23 17.89
CA SER A 95 -12.02 -11.58 17.96
C SER A 95 -12.17 -13.03 18.42
N GLY A 96 -13.09 -13.23 19.35
CA GLY A 96 -13.34 -14.55 19.89
C GLY A 96 -14.69 -15.09 19.39
N SER A 97 -14.75 -15.34 18.09
CA SER A 97 -15.96 -15.86 17.47
C SER A 97 -15.60 -16.96 16.48
N GLY A 98 -15.85 -18.20 16.90
CA GLY A 98 -15.57 -19.34 16.06
C GLY A 98 -16.44 -19.33 14.80
N PRO A 99 -16.08 -20.24 13.84
CA PRO A 99 -16.82 -20.33 12.60
C PRO A 99 -18.16 -21.02 12.80
N SER A 100 -19.23 -20.24 12.65
CA SER A 100 -20.57 -20.77 12.83
C SER A 100 -20.71 -21.40 14.21
N SER A 101 -21.12 -20.58 15.16
CA SER A 101 -21.31 -21.03 16.53
C SER A 101 -22.77 -21.42 16.75
N GLY A 102 -22.98 -22.69 17.09
CA GLY A 102 -24.32 -23.19 17.34
C GLY A 102 -24.34 -24.72 17.31
N GLY A 1 6.95 26.81 -6.52
CA GLY A 1 6.11 25.73 -7.02
C GLY A 1 6.29 24.46 -6.19
N SER A 2 7.51 23.95 -6.21
CA SER A 2 7.83 22.74 -5.47
C SER A 2 6.96 21.58 -5.94
N SER A 3 7.44 20.37 -5.67
CA SER A 3 6.71 19.18 -6.07
C SER A 3 6.29 18.39 -4.83
N GLY A 4 5.05 17.90 -4.88
CA GLY A 4 4.51 17.13 -3.77
C GLY A 4 3.93 18.06 -2.70
N SER A 5 3.86 17.53 -1.49
CA SER A 5 3.32 18.30 -0.37
C SER A 5 3.93 17.79 0.94
N SER A 6 3.73 16.51 1.19
CA SER A 6 4.25 15.89 2.40
C SER A 6 4.55 14.40 2.15
N GLY A 7 5.61 13.94 2.78
CA GLY A 7 6.01 12.55 2.64
C GLY A 7 6.16 11.87 4.00
N SER A 8 6.22 10.55 3.98
CA SER A 8 6.36 9.78 5.19
C SER A 8 6.30 8.28 4.88
N SER A 9 6.79 7.49 5.82
CA SER A 9 6.80 6.05 5.66
C SER A 9 6.37 5.37 6.95
N PHE A 10 6.96 5.82 8.05
CA PHE A 10 6.64 5.28 9.35
C PHE A 10 5.14 5.37 9.64
N GLN A 11 4.61 6.57 9.48
CA GLN A 11 3.19 6.79 9.72
C GLN A 11 2.88 6.73 11.22
N SER A 12 3.11 5.55 11.78
CA SER A 12 2.87 5.35 13.21
C SER A 12 1.39 5.00 13.44
N THR A 13 0.52 5.79 12.82
CA THR A 13 -0.91 5.57 12.95
C THR A 13 -1.37 4.52 11.96
N THR A 14 -2.65 4.18 12.06
CA THR A 14 -3.25 3.19 11.18
C THR A 14 -2.26 2.03 10.95
N GLY A 15 -2.42 0.99 11.76
CA GLY A 15 -1.56 -0.18 11.66
C GLY A 15 -1.74 -0.88 10.31
N HIS A 16 -2.89 -0.61 9.69
CA HIS A 16 -3.20 -1.20 8.41
C HIS A 16 -2.57 -0.37 7.28
N CYS A 17 -1.58 -0.96 6.64
CA CYS A 17 -0.89 -0.28 5.55
C CYS A 17 -0.56 -1.32 4.48
N VAL A 18 -0.36 -0.82 3.27
CA VAL A 18 -0.03 -1.69 2.14
C VAL A 18 1.22 -1.17 1.45
N HIS A 19 2.25 -2.00 1.42
CA HIS A 19 3.51 -1.64 0.80
C HIS A 19 3.43 -1.95 -0.71
N MET A 20 4.29 -1.26 -1.46
CA MET A 20 4.34 -1.44 -2.89
C MET A 20 5.78 -1.63 -3.38
N ARG A 21 5.93 -2.54 -4.34
CA ARG A 21 7.25 -2.81 -4.89
C ARG A 21 7.13 -3.21 -6.37
N GLY A 22 8.18 -2.92 -7.11
CA GLY A 22 8.20 -3.24 -8.53
C GLY A 22 7.11 -2.49 -9.28
N LEU A 23 7.16 -1.17 -9.19
CA LEU A 23 6.18 -0.33 -9.85
C LEU A 23 6.76 0.18 -11.17
N PRO A 24 5.84 0.65 -12.06
CA PRO A 24 6.25 1.16 -13.35
C PRO A 24 6.87 2.55 -13.22
N TYR A 25 7.61 2.95 -14.25
CA TYR A 25 8.25 4.25 -14.25
C TYR A 25 7.23 5.37 -14.42
N ARG A 26 6.05 4.98 -14.88
CA ARG A 26 4.97 5.94 -15.09
C ARG A 26 3.84 5.69 -14.10
N ALA A 27 4.23 5.43 -12.86
CA ALA A 27 3.26 5.17 -11.81
C ALA A 27 3.22 6.37 -10.86
N THR A 28 2.01 6.90 -10.68
CA THR A 28 1.82 8.04 -9.80
C THR A 28 0.67 7.78 -8.82
N GLU A 29 0.55 8.68 -7.86
CA GLU A 29 -0.50 8.55 -6.85
C GLU A 29 -1.86 8.41 -7.53
N ASN A 30 -2.14 9.31 -8.45
CA ASN A 30 -3.40 9.29 -9.17
C ASN A 30 -3.66 7.88 -9.70
N ASP A 31 -2.58 7.23 -10.10
CA ASP A 31 -2.68 5.87 -10.62
C ASP A 31 -2.90 4.90 -9.47
N ILE A 32 -1.96 4.94 -8.51
CA ILE A 32 -2.05 4.07 -7.35
C ILE A 32 -3.45 4.15 -6.75
N TYR A 33 -4.07 5.31 -6.91
CA TYR A 33 -5.40 5.53 -6.39
C TYR A 33 -6.44 4.73 -7.19
N ASN A 34 -6.30 4.80 -8.51
CA ASN A 34 -7.21 4.10 -9.39
C ASN A 34 -6.91 2.60 -9.33
N PHE A 35 -5.63 2.29 -9.28
CA PHE A 35 -5.19 0.90 -9.23
C PHE A 35 -5.83 0.18 -8.04
N PHE A 36 -5.62 0.75 -6.85
CA PHE A 36 -6.16 0.16 -5.64
C PHE A 36 -7.70 0.26 -5.63
N SER A 37 -8.20 1.12 -6.49
CA SER A 37 -9.64 1.31 -6.59
C SER A 37 -10.31 0.03 -7.10
N PRO A 38 -11.61 -0.12 -6.73
CA PRO A 38 -12.28 0.87 -5.90
C PRO A 38 -11.82 0.77 -4.45
N LEU A 39 -11.23 1.87 -3.98
CA LEU A 39 -10.75 1.92 -2.61
C LEU A 39 -10.43 3.37 -2.25
N ASN A 40 -10.07 3.58 -0.99
CA ASN A 40 -9.75 4.90 -0.50
C ASN A 40 -8.52 4.82 0.41
N PRO A 41 -7.33 5.03 -0.23
CA PRO A 41 -6.07 4.99 0.51
C PRO A 41 -5.89 6.26 1.35
N MET A 42 -5.76 6.04 2.65
CA MET A 42 -5.58 7.15 3.57
C MET A 42 -4.49 8.10 3.08
N ARG A 43 -3.40 7.51 2.60
CA ARG A 43 -2.28 8.28 2.10
C ARG A 43 -1.38 7.41 1.23
N VAL A 44 -1.00 7.96 0.09
CA VAL A 44 -0.13 7.25 -0.85
C VAL A 44 1.20 7.98 -0.95
N HIS A 45 2.27 7.26 -0.58
CA HIS A 45 3.60 7.83 -0.63
C HIS A 45 4.40 7.16 -1.76
N ILE A 46 5.03 8.01 -2.55
CA ILE A 46 5.83 7.53 -3.67
C ILE A 46 7.29 7.45 -3.25
N GLU A 47 7.73 6.23 -2.93
CA GLU A 47 9.10 6.01 -2.52
C GLU A 47 10.06 6.30 -3.67
N ILE A 48 10.96 7.24 -3.44
CA ILE A 48 11.93 7.61 -4.46
C ILE A 48 13.28 6.96 -4.13
N GLY A 49 13.96 6.53 -5.17
CA GLY A 49 15.26 5.89 -5.01
C GLY A 49 16.32 6.90 -4.54
N PRO A 50 17.09 7.42 -5.53
CA PRO A 50 18.13 8.39 -5.24
C PRO A 50 17.52 9.76 -4.95
N ASP A 51 16.58 9.77 -4.03
CA ASP A 51 15.92 11.01 -3.65
C ASP A 51 15.73 11.89 -4.90
N GLY A 52 15.41 11.22 -6.00
CA GLY A 52 15.20 11.92 -7.25
C GLY A 52 14.39 11.07 -8.23
N ARG A 53 14.89 9.85 -8.44
CA ARG A 53 14.23 8.92 -9.35
C ARG A 53 13.42 7.89 -8.56
N VAL A 54 12.35 7.43 -9.18
CA VAL A 54 11.49 6.44 -8.55
C VAL A 54 12.24 5.10 -8.44
N THR A 55 11.82 4.31 -7.46
CA THR A 55 12.44 3.02 -7.25
C THR A 55 11.47 1.90 -7.58
N GLY A 56 10.19 2.26 -7.60
CA GLY A 56 9.14 1.29 -7.91
C GLY A 56 8.42 0.85 -6.63
N GLU A 57 8.66 1.60 -5.56
CA GLU A 57 8.05 1.29 -4.28
C GLU A 57 7.03 2.37 -3.91
N ALA A 58 6.08 1.98 -3.07
CA ALA A 58 5.05 2.90 -2.63
C ALA A 58 4.45 2.39 -1.32
N ASP A 59 3.98 3.34 -0.51
CA ASP A 59 3.39 3.00 0.77
C ASP A 59 1.92 3.48 0.78
N VAL A 60 1.05 2.57 1.21
CA VAL A 60 -0.37 2.87 1.27
C VAL A 60 -0.85 2.71 2.72
N GLU A 61 -1.95 3.38 3.02
CA GLU A 61 -2.52 3.32 4.35
C GLU A 61 -4.05 3.25 4.27
N PHE A 62 -4.60 2.36 5.09
CA PHE A 62 -6.04 2.18 5.12
C PHE A 62 -6.58 2.28 6.55
N ALA A 63 -7.70 2.97 6.68
CA ALA A 63 -8.33 3.14 7.99
C ALA A 63 -8.55 1.77 8.62
N THR A 64 -9.25 0.92 7.89
CA THR A 64 -9.54 -0.42 8.37
C THR A 64 -8.63 -1.45 7.70
N HIS A 65 -8.88 -2.71 7.99
CA HIS A 65 -8.09 -3.79 7.42
C HIS A 65 -8.68 -4.20 6.06
N GLU A 66 -10.00 -4.21 6.02
CA GLU A 66 -10.70 -4.58 4.79
C GLU A 66 -10.10 -3.83 3.60
N ASP A 67 -10.05 -2.51 3.74
CA ASP A 67 -9.51 -1.66 2.70
C ASP A 67 -8.11 -2.15 2.32
N ALA A 68 -7.50 -2.86 3.26
CA ALA A 68 -6.15 -3.37 3.04
C ALA A 68 -6.24 -4.67 2.23
N VAL A 69 -6.97 -5.62 2.76
CA VAL A 69 -7.14 -6.90 2.10
C VAL A 69 -7.75 -6.67 0.72
N ALA A 70 -8.55 -5.62 0.62
CA ALA A 70 -9.19 -5.28 -0.63
C ALA A 70 -8.13 -4.88 -1.66
N ALA A 71 -7.05 -4.29 -1.15
CA ALA A 71 -5.96 -3.85 -2.01
C ALA A 71 -5.24 -5.08 -2.56
N MET A 72 -5.12 -6.09 -1.72
CA MET A 72 -4.45 -7.32 -2.11
C MET A 72 -5.03 -7.87 -3.41
N ALA A 73 -6.23 -7.41 -3.72
CA ALA A 73 -6.91 -7.86 -4.93
C ALA A 73 -6.09 -7.42 -6.15
N LYS A 74 -5.51 -6.23 -6.05
CA LYS A 74 -4.71 -5.69 -7.13
C LYS A 74 -3.24 -6.06 -6.90
N ASP A 75 -3.06 -7.26 -6.36
CA ASP A 75 -1.71 -7.75 -6.09
C ASP A 75 -1.16 -8.43 -7.34
N LYS A 76 0.13 -8.21 -7.58
CA LYS A 76 0.78 -8.79 -8.74
C LYS A 76 0.28 -8.10 -10.01
N ALA A 77 -1.04 -8.12 -10.18
CA ALA A 77 -1.66 -7.49 -11.34
C ALA A 77 -0.80 -6.31 -11.79
N ASN A 78 -0.42 -6.36 -13.06
CA ASN A 78 0.40 -5.30 -13.62
C ASN A 78 -0.41 -4.01 -13.67
N MET A 79 -0.18 -3.17 -12.67
CA MET A 79 -0.88 -1.90 -12.57
C MET A 79 -1.01 -1.25 -13.95
N GLN A 80 0.07 -1.32 -14.71
CA GLN A 80 0.08 -0.75 -16.05
C GLN A 80 0.70 -1.73 -17.04
N HIS A 81 2.01 -1.82 -17.01
CA HIS A 81 2.73 -2.70 -17.90
C HIS A 81 3.85 -3.42 -17.12
N ARG A 82 3.79 -3.26 -15.80
CA ARG A 82 4.79 -3.88 -14.94
C ARG A 82 4.11 -4.58 -13.76
N TYR A 83 4.67 -5.72 -13.38
CA TYR A 83 4.13 -6.49 -12.27
C TYR A 83 4.44 -5.82 -10.94
N VAL A 84 3.40 -5.24 -10.35
CA VAL A 84 3.53 -4.57 -9.07
C VAL A 84 3.33 -5.57 -7.93
N GLU A 85 3.87 -5.23 -6.77
CA GLU A 85 3.77 -6.09 -5.61
C GLU A 85 3.02 -5.36 -4.48
N LEU A 86 2.12 -6.10 -3.84
CA LEU A 86 1.34 -5.54 -2.75
C LEU A 86 1.56 -6.38 -1.49
N PHE A 87 1.79 -5.68 -0.39
CA PHE A 87 2.01 -6.34 0.89
C PHE A 87 1.03 -5.85 1.94
N LEU A 88 0.13 -6.74 2.33
CA LEU A 88 -0.87 -6.42 3.33
C LEU A 88 -0.22 -6.42 4.72
N ASN A 89 -0.09 -5.23 5.28
CA ASN A 89 0.51 -5.08 6.60
C ASN A 89 -0.48 -4.39 7.52
N SER A 90 -1.05 -5.17 8.43
CA SER A 90 -2.02 -4.65 9.37
C SER A 90 -1.84 -5.34 10.73
N THR A 91 -2.52 -4.80 11.73
CA THR A 91 -2.46 -5.35 13.07
C THR A 91 -3.64 -6.29 13.33
N ALA A 92 -4.74 -5.99 12.64
CA ALA A 92 -5.94 -6.78 12.78
C ALA A 92 -6.26 -6.96 14.27
N GLY A 93 -7.32 -7.72 14.53
CA GLY A 93 -7.74 -7.97 15.89
C GLY A 93 -8.51 -9.29 16.00
N THR A 94 -7.78 -10.38 15.78
CA THR A 94 -8.37 -11.70 15.84
C THR A 94 -7.70 -12.54 16.93
N SER A 95 -8.50 -13.36 17.58
CA SER A 95 -8.00 -14.22 18.65
C SER A 95 -9.02 -15.31 18.96
N GLY A 96 -8.49 -16.49 19.25
CA GLY A 96 -9.35 -17.62 19.58
C GLY A 96 -8.63 -18.95 19.29
N SER A 97 -9.16 -20.01 19.88
CA SER A 97 -8.59 -21.33 19.69
C SER A 97 -9.71 -22.37 19.55
N GLY A 98 -9.34 -23.50 18.97
CA GLY A 98 -10.29 -24.58 18.77
C GLY A 98 -9.65 -25.76 18.04
N PRO A 99 -10.26 -26.96 18.21
CA PRO A 99 -9.76 -28.16 17.57
C PRO A 99 -10.09 -28.17 16.08
N SER A 100 -9.52 -27.22 15.37
CA SER A 100 -9.73 -27.10 13.94
C SER A 100 -11.23 -27.23 13.63
N SER A 101 -11.88 -26.08 13.57
CA SER A 101 -13.31 -26.05 13.28
C SER A 101 -13.55 -26.30 11.79
N GLY A 102 -13.77 -27.57 11.46
CA GLY A 102 -14.02 -27.96 10.09
C GLY A 102 -13.37 -29.31 9.77
N GLY A 1 20.12 -7.64 -4.79
CA GLY A 1 20.34 -6.31 -4.26
C GLY A 1 20.02 -6.25 -2.76
N SER A 2 20.36 -5.12 -2.15
CA SER A 2 20.11 -4.94 -0.74
C SER A 2 18.67 -5.30 -0.40
N SER A 3 18.44 -5.57 0.87
CA SER A 3 17.10 -5.94 1.33
C SER A 3 17.06 -5.94 2.86
N GLY A 4 16.10 -5.20 3.40
CA GLY A 4 15.94 -5.12 4.84
C GLY A 4 15.64 -3.69 5.28
N SER A 5 14.35 -3.40 5.39
CA SER A 5 13.91 -2.08 5.79
C SER A 5 14.60 -1.01 4.94
N SER A 6 13.93 -0.62 3.87
CA SER A 6 14.46 0.39 2.97
C SER A 6 13.59 1.64 3.01
N GLY A 7 14.20 2.73 3.45
CA GLY A 7 13.50 4.00 3.53
C GLY A 7 12.54 4.01 4.74
N SER A 8 12.27 5.21 5.23
CA SER A 8 11.39 5.38 6.37
C SER A 8 9.93 5.19 5.92
N SER A 9 9.12 4.73 6.85
CA SER A 9 7.71 4.50 6.58
C SER A 9 6.97 4.18 7.88
N PHE A 10 5.65 4.33 7.81
CA PHE A 10 4.81 4.06 8.97
C PHE A 10 5.24 4.92 10.17
N GLN A 11 4.31 5.09 11.09
CA GLN A 11 4.57 5.89 12.28
C GLN A 11 3.41 5.75 13.27
N SER A 12 2.95 4.52 13.42
CA SER A 12 1.86 4.24 14.34
C SER A 12 0.72 5.25 14.12
N THR A 13 -0.14 4.93 13.17
CA THR A 13 -1.26 5.79 12.85
C THR A 13 -2.58 5.02 12.98
N THR A 14 -2.72 3.99 12.17
CA THR A 14 -3.91 3.17 12.18
C THR A 14 -3.56 1.71 12.45
N GLY A 15 -2.78 1.15 11.54
CA GLY A 15 -2.36 -0.24 11.67
C GLY A 15 -2.38 -0.95 10.32
N HIS A 16 -3.48 -0.76 9.60
CA HIS A 16 -3.63 -1.37 8.29
C HIS A 16 -2.90 -0.52 7.24
N CYS A 17 -1.93 -1.14 6.59
CA CYS A 17 -1.15 -0.47 5.57
C CYS A 17 -0.84 -1.47 4.46
N VAL A 18 -0.44 -0.93 3.31
CA VAL A 18 -0.12 -1.76 2.17
C VAL A 18 1.18 -1.25 1.52
N HIS A 19 2.17 -2.12 1.50
CA HIS A 19 3.46 -1.77 0.92
C HIS A 19 3.43 -2.03 -0.58
N MET A 20 4.20 -1.24 -1.31
CA MET A 20 4.27 -1.38 -2.76
C MET A 20 5.73 -1.54 -3.22
N ARG A 21 5.91 -2.44 -4.17
CA ARG A 21 7.23 -2.69 -4.71
C ARG A 21 7.14 -3.09 -6.19
N GLY A 22 8.19 -2.75 -6.92
CA GLY A 22 8.24 -3.07 -8.35
C GLY A 22 7.14 -2.32 -9.11
N LEU A 23 7.17 -1.00 -8.98
CA LEU A 23 6.19 -0.16 -9.65
C LEU A 23 6.79 0.37 -10.95
N PRO A 24 5.87 0.74 -11.90
CA PRO A 24 6.30 1.25 -13.19
C PRO A 24 6.79 2.69 -13.06
N TYR A 25 7.66 3.06 -13.98
CA TYR A 25 8.23 4.41 -13.99
C TYR A 25 7.14 5.45 -14.27
N ARG A 26 6.06 4.98 -14.89
CA ARG A 26 4.95 5.86 -15.22
C ARG A 26 3.76 5.58 -14.30
N ALA A 27 4.07 5.36 -13.03
CA ALA A 27 3.04 5.10 -12.04
C ALA A 27 3.12 6.14 -10.93
N THR A 28 2.06 6.93 -10.82
CA THR A 28 2.01 7.97 -9.81
C THR A 28 0.88 7.67 -8.80
N GLU A 29 0.82 8.50 -7.78
CA GLU A 29 -0.19 8.34 -6.74
C GLU A 29 -1.58 8.22 -7.37
N ASN A 30 -1.92 9.22 -8.19
CA ASN A 30 -3.21 9.25 -8.85
C ASN A 30 -3.49 7.86 -9.45
N ASP A 31 -2.41 7.15 -9.77
CA ASP A 31 -2.53 5.83 -10.34
C ASP A 31 -2.76 4.81 -9.23
N ILE A 32 -1.86 4.82 -8.25
CA ILE A 32 -1.96 3.91 -7.13
C ILE A 32 -3.33 4.06 -6.48
N TYR A 33 -3.96 5.20 -6.75
CA TYR A 33 -5.27 5.48 -6.20
C TYR A 33 -6.37 4.74 -6.98
N ASN A 34 -6.21 4.75 -8.29
CA ASN A 34 -7.17 4.09 -9.16
C ASN A 34 -6.77 2.62 -9.34
N PHE A 35 -5.53 2.32 -8.96
CA PHE A 35 -5.02 0.96 -9.07
C PHE A 35 -5.60 0.07 -7.97
N PHE A 36 -5.83 0.68 -6.81
CA PHE A 36 -6.37 -0.05 -5.68
C PHE A 36 -7.90 0.10 -5.62
N SER A 37 -8.41 0.95 -6.50
CA SER A 37 -9.84 1.18 -6.56
C SER A 37 -10.56 -0.08 -7.04
N PRO A 38 -11.87 -0.16 -6.68
CA PRO A 38 -12.52 0.90 -5.92
C PRO A 38 -12.08 0.85 -4.45
N LEU A 39 -11.44 1.92 -4.02
CA LEU A 39 -10.97 2.01 -2.65
C LEU A 39 -10.53 3.44 -2.36
N ASN A 40 -10.19 3.68 -1.10
CA ASN A 40 -9.77 5.00 -0.67
C ASN A 40 -8.59 4.86 0.30
N PRO A 41 -7.36 4.95 -0.29
CA PRO A 41 -6.14 4.84 0.51
C PRO A 41 -5.90 6.12 1.31
N MET A 42 -5.84 5.95 2.62
CA MET A 42 -5.61 7.07 3.51
C MET A 42 -4.54 8.01 2.95
N ARG A 43 -3.48 7.39 2.44
CA ARG A 43 -2.37 8.16 1.87
C ARG A 43 -1.46 7.24 1.07
N VAL A 44 -0.93 7.78 -0.03
CA VAL A 44 -0.03 7.02 -0.87
C VAL A 44 1.32 7.73 -0.94
N HIS A 45 2.37 6.95 -0.76
CA HIS A 45 3.72 7.49 -0.79
C HIS A 45 4.47 6.90 -1.99
N ILE A 46 5.23 7.77 -2.66
CA ILE A 46 6.00 7.37 -3.82
C ILE A 46 7.49 7.45 -3.49
N GLU A 47 8.17 6.33 -3.68
CA GLU A 47 9.60 6.26 -3.41
C GLU A 47 10.38 6.86 -4.59
N ILE A 48 11.29 7.76 -4.25
CA ILE A 48 12.10 8.41 -5.26
C ILE A 48 13.58 8.32 -4.85
N GLY A 49 14.43 8.10 -5.84
CA GLY A 49 15.86 8.00 -5.60
C GLY A 49 16.43 9.34 -5.13
N PRO A 50 16.97 10.11 -6.11
CA PRO A 50 17.55 11.40 -5.81
C PRO A 50 16.46 12.44 -5.54
N ASP A 51 15.69 12.73 -6.56
CA ASP A 51 14.61 13.70 -6.44
C ASP A 51 13.85 13.78 -7.78
N GLY A 52 13.70 12.63 -8.40
CA GLY A 52 12.99 12.55 -9.66
C GLY A 52 12.52 11.13 -9.96
N ARG A 53 13.46 10.30 -10.38
CA ARG A 53 13.16 8.91 -10.69
C ARG A 53 12.56 8.22 -9.46
N VAL A 54 11.78 7.18 -9.75
CA VAL A 54 11.14 6.43 -8.68
C VAL A 54 11.78 5.05 -8.58
N THR A 55 11.84 4.55 -7.36
CA THR A 55 12.44 3.25 -7.10
C THR A 55 11.47 2.13 -7.48
N GLY A 56 10.18 2.44 -7.36
CA GLY A 56 9.14 1.48 -7.68
C GLY A 56 8.40 1.02 -6.43
N GLU A 57 8.73 1.67 -5.31
CA GLU A 57 8.11 1.34 -4.05
C GLU A 57 7.09 2.41 -3.66
N ALA A 58 6.11 2.00 -2.87
CA ALA A 58 5.07 2.91 -2.43
C ALA A 58 4.47 2.39 -1.11
N ASP A 59 3.93 3.32 -0.34
CA ASP A 59 3.32 2.97 0.92
C ASP A 59 1.87 3.44 0.94
N VAL A 60 0.98 2.52 1.28
CA VAL A 60 -0.44 2.83 1.33
C VAL A 60 -0.97 2.58 2.75
N GLU A 61 -2.01 3.33 3.09
CA GLU A 61 -2.61 3.20 4.41
C GLU A 61 -4.13 3.17 4.30
N PHE A 62 -4.75 2.37 5.16
CA PHE A 62 -6.19 2.23 5.17
C PHE A 62 -6.75 2.38 6.59
N ALA A 63 -7.95 2.94 6.66
CA ALA A 63 -8.60 3.14 7.95
C ALA A 63 -8.84 1.77 8.61
N THR A 64 -9.32 0.84 7.80
CA THR A 64 -9.59 -0.50 8.30
C THR A 64 -8.67 -1.51 7.62
N HIS A 65 -8.92 -2.79 7.92
CA HIS A 65 -8.13 -3.86 7.35
C HIS A 65 -8.72 -4.28 6.01
N GLU A 66 -10.04 -4.36 5.97
CA GLU A 66 -10.75 -4.76 4.77
C GLU A 66 -10.27 -3.92 3.58
N ASP A 67 -10.14 -2.62 3.82
CA ASP A 67 -9.70 -1.70 2.78
C ASP A 67 -8.28 -2.09 2.34
N ALA A 68 -7.63 -2.86 3.19
CA ALA A 68 -6.27 -3.30 2.91
C ALA A 68 -6.33 -4.61 2.10
N VAL A 69 -7.11 -5.54 2.63
CA VAL A 69 -7.27 -6.83 1.97
C VAL A 69 -8.04 -6.66 0.67
N ALA A 70 -8.80 -5.57 0.62
CA ALA A 70 -9.60 -5.28 -0.57
C ALA A 70 -8.67 -4.81 -1.70
N ALA A 71 -7.67 -4.05 -1.31
CA ALA A 71 -6.71 -3.53 -2.27
C ALA A 71 -5.87 -4.69 -2.83
N MET A 72 -5.62 -5.67 -1.96
CA MET A 72 -4.85 -6.83 -2.34
C MET A 72 -5.40 -7.46 -3.63
N ALA A 73 -6.67 -7.21 -3.87
CA ALA A 73 -7.33 -7.75 -5.05
C ALA A 73 -6.53 -7.37 -6.29
N LYS A 74 -5.84 -6.23 -6.19
CA LYS A 74 -5.02 -5.76 -7.29
C LYS A 74 -3.56 -6.13 -7.05
N ASP A 75 -3.38 -7.19 -6.27
CA ASP A 75 -2.04 -7.66 -5.96
C ASP A 75 -1.45 -8.36 -7.18
N LYS A 76 -0.19 -8.07 -7.44
CA LYS A 76 0.51 -8.65 -8.56
C LYS A 76 0.08 -7.95 -9.86
N ALA A 77 -1.22 -7.87 -10.05
CA ALA A 77 -1.78 -7.22 -11.22
C ALA A 77 -0.90 -6.01 -11.58
N ASN A 78 -0.43 -6.02 -12.83
CA ASN A 78 0.42 -4.94 -13.31
C ASN A 78 -0.44 -3.68 -13.49
N MET A 79 -0.13 -2.68 -12.67
CA MET A 79 -0.84 -1.42 -12.73
C MET A 79 -0.82 -0.84 -14.14
N GLN A 80 0.28 -1.07 -14.83
CA GLN A 80 0.44 -0.58 -16.18
C GLN A 80 1.01 -1.68 -17.09
N HIS A 81 2.30 -1.92 -16.93
CA HIS A 81 2.98 -2.94 -17.72
C HIS A 81 4.06 -3.61 -16.87
N ARG A 82 3.96 -3.41 -15.57
CA ARG A 82 4.92 -3.98 -14.65
C ARG A 82 4.21 -4.64 -13.47
N TYR A 83 4.74 -5.77 -13.04
CA TYR A 83 4.16 -6.50 -11.93
C TYR A 83 4.63 -5.92 -10.59
N VAL A 84 3.74 -5.15 -9.97
CA VAL A 84 4.05 -4.53 -8.70
C VAL A 84 3.65 -5.47 -7.56
N GLU A 85 4.47 -5.49 -6.53
CA GLU A 85 4.21 -6.35 -5.38
C GLU A 85 3.48 -5.56 -4.29
N LEU A 86 2.45 -6.19 -3.73
CA LEU A 86 1.68 -5.56 -2.68
C LEU A 86 1.74 -6.43 -1.42
N PHE A 87 2.13 -5.80 -0.32
CA PHE A 87 2.23 -6.50 0.94
C PHE A 87 1.21 -5.96 1.95
N LEU A 88 0.24 -6.80 2.27
CA LEU A 88 -0.80 -6.43 3.22
C LEU A 88 -0.22 -6.43 4.63
N ASN A 89 0.00 -5.24 5.15
CA ASN A 89 0.55 -5.09 6.48
C ASN A 89 -0.50 -4.44 7.39
N SER A 90 -1.06 -5.26 8.27
CA SER A 90 -2.08 -4.79 9.20
C SER A 90 -1.90 -5.47 10.56
N THR A 91 -2.53 -4.88 11.56
CA THR A 91 -2.44 -5.42 12.92
C THR A 91 -3.63 -6.36 13.19
N ALA A 92 -4.75 -6.03 12.58
CA ALA A 92 -5.96 -6.84 12.75
C ALA A 92 -6.25 -6.98 14.25
N GLY A 93 -7.42 -7.55 14.52
CA GLY A 93 -7.83 -7.76 15.90
C GLY A 93 -7.41 -9.14 16.40
N THR A 94 -7.31 -9.25 17.71
CA THR A 94 -6.92 -10.50 18.33
C THR A 94 -8.15 -11.29 18.76
N SER A 95 -8.24 -12.52 18.26
CA SER A 95 -9.36 -13.39 18.59
C SER A 95 -8.95 -14.41 19.64
N GLY A 96 -9.94 -14.92 20.36
CA GLY A 96 -9.69 -15.90 21.39
C GLY A 96 -10.11 -17.31 20.93
N SER A 97 -9.30 -18.28 21.31
CA SER A 97 -9.56 -19.66 20.94
C SER A 97 -9.12 -20.60 22.08
N GLY A 98 -9.80 -21.74 22.14
CA GLY A 98 -9.49 -22.72 23.17
C GLY A 98 -8.14 -23.40 22.90
N PRO A 99 -7.34 -23.52 23.98
CA PRO A 99 -6.03 -24.15 23.88
C PRO A 99 -6.15 -25.67 23.75
N SER A 100 -6.58 -26.29 24.83
CA SER A 100 -6.74 -27.74 24.85
C SER A 100 -5.37 -28.42 24.81
N SER A 101 -4.64 -28.26 25.90
CA SER A 101 -3.32 -28.86 26.00
C SER A 101 -3.07 -29.35 27.43
N GLY A 102 -2.15 -30.29 27.54
CA GLY A 102 -1.81 -30.86 28.84
C GLY A 102 -1.67 -32.38 28.76
N GLY A 1 -0.56 17.24 5.73
CA GLY A 1 0.38 16.43 4.98
C GLY A 1 0.08 16.48 3.48
N SER A 2 0.92 17.22 2.76
CA SER A 2 0.74 17.35 1.32
C SER A 2 2.10 17.22 0.62
N SER A 3 2.42 15.99 0.24
CA SER A 3 3.68 15.73 -0.43
C SER A 3 4.86 16.13 0.46
N GLY A 4 6.02 15.61 0.12
CA GLY A 4 7.22 15.90 0.89
C GLY A 4 7.20 15.19 2.25
N SER A 5 7.37 13.88 2.20
CA SER A 5 7.37 13.08 3.42
C SER A 5 8.80 12.89 3.91
N SER A 6 8.92 12.68 5.21
CA SER A 6 10.22 12.48 5.82
C SER A 6 10.28 11.11 6.48
N GLY A 7 9.27 10.81 7.28
CA GLY A 7 9.20 9.53 7.96
C GLY A 7 10.29 9.41 9.03
N SER A 8 11.53 9.28 8.56
CA SER A 8 12.67 9.16 9.45
C SER A 8 12.51 7.92 10.33
N SER A 9 11.76 8.09 11.42
CA SER A 9 11.53 6.99 12.34
C SER A 9 10.12 6.44 12.15
N PHE A 10 9.91 5.23 12.65
CA PHE A 10 8.62 4.58 12.54
C PHE A 10 7.56 5.35 13.31
N GLN A 11 6.34 5.33 12.77
CA GLN A 11 5.23 6.02 13.41
C GLN A 11 3.97 5.16 13.33
N SER A 12 3.03 5.46 14.23
CA SER A 12 1.79 4.73 14.28
C SER A 12 0.63 5.64 13.88
N THR A 13 0.12 5.41 12.68
CA THR A 13 -0.99 6.21 12.18
C THR A 13 -2.16 5.31 11.79
N THR A 14 -1.83 4.18 11.16
CA THR A 14 -2.84 3.24 10.74
C THR A 14 -2.25 1.83 10.66
N GLY A 15 -2.50 1.07 11.71
CA GLY A 15 -2.01 -0.30 11.79
C GLY A 15 -2.10 -0.99 10.42
N HIS A 16 -3.18 -0.70 9.72
CA HIS A 16 -3.40 -1.27 8.40
C HIS A 16 -2.65 -0.45 7.35
N CYS A 17 -1.73 -1.13 6.66
CA CYS A 17 -0.95 -0.47 5.63
C CYS A 17 -0.74 -1.46 4.49
N VAL A 18 -0.24 -0.94 3.37
CA VAL A 18 0.01 -1.76 2.21
C VAL A 18 1.22 -1.20 1.44
N HIS A 19 2.30 -1.95 1.51
CA HIS A 19 3.53 -1.54 0.82
C HIS A 19 3.49 -2.03 -0.63
N MET A 20 4.26 -1.35 -1.46
CA MET A 20 4.33 -1.70 -2.88
C MET A 20 5.78 -1.93 -3.32
N ARG A 21 5.94 -2.80 -4.30
CA ARG A 21 7.25 -3.12 -4.82
C ARG A 21 7.16 -3.50 -6.30
N GLY A 22 8.17 -3.08 -7.05
CA GLY A 22 8.21 -3.36 -8.48
C GLY A 22 7.14 -2.57 -9.23
N LEU A 23 7.12 -1.28 -8.97
CA LEU A 23 6.16 -0.40 -9.62
C LEU A 23 6.75 0.11 -10.94
N PRO A 24 5.83 0.49 -11.86
CA PRO A 24 6.24 0.99 -13.17
C PRO A 24 6.77 2.42 -13.05
N TYR A 25 7.52 2.83 -14.08
CA TYR A 25 8.09 4.16 -14.11
C TYR A 25 7.00 5.22 -14.26
N ARG A 26 5.96 4.86 -15.00
CA ARG A 26 4.85 5.77 -15.23
C ARG A 26 3.71 5.47 -14.25
N ALA A 27 4.08 5.35 -12.98
CA ALA A 27 3.11 5.07 -11.94
C ALA A 27 3.13 6.20 -10.90
N THR A 28 1.95 6.72 -10.61
CA THR A 28 1.83 7.79 -9.65
C THR A 28 0.70 7.49 -8.66
N GLU A 29 0.54 8.40 -7.71
CA GLU A 29 -0.49 8.24 -6.69
C GLU A 29 -1.86 8.12 -7.35
N ASN A 30 -2.21 9.13 -8.11
CA ASN A 30 -3.49 9.15 -8.81
C ASN A 30 -3.77 7.76 -9.40
N ASP A 31 -2.71 7.15 -9.89
CA ASP A 31 -2.81 5.82 -10.49
C ASP A 31 -2.97 4.79 -9.38
N ILE A 32 -2.08 4.89 -8.40
CA ILE A 32 -2.11 3.97 -7.27
C ILE A 32 -3.47 4.01 -6.60
N TYR A 33 -4.18 5.11 -6.85
CA TYR A 33 -5.50 5.30 -6.28
C TYR A 33 -6.56 4.51 -7.06
N ASN A 34 -6.41 4.56 -8.38
CA ASN A 34 -7.35 3.86 -9.26
C ASN A 34 -6.90 2.40 -9.39
N PHE A 35 -5.62 2.18 -9.18
CA PHE A 35 -5.06 0.85 -9.27
C PHE A 35 -5.56 -0.04 -8.13
N PHE A 36 -6.02 0.61 -7.08
CA PHE A 36 -6.53 -0.09 -5.91
C PHE A 36 -8.05 0.07 -5.80
N SER A 37 -8.60 0.89 -6.68
CA SER A 37 -10.03 1.14 -6.68
C SER A 37 -10.79 -0.12 -7.08
N PRO A 38 -12.08 -0.17 -6.69
CA PRO A 38 -12.67 0.91 -5.91
C PRO A 38 -12.17 0.89 -4.46
N LEU A 39 -11.49 1.95 -4.09
CA LEU A 39 -10.96 2.06 -2.74
C LEU A 39 -10.52 3.51 -2.48
N ASN A 40 -10.17 3.78 -1.24
CA ASN A 40 -9.74 5.11 -0.86
C ASN A 40 -8.55 5.00 0.11
N PRO A 41 -7.33 5.04 -0.50
CA PRO A 41 -6.11 4.94 0.29
C PRO A 41 -5.83 6.25 1.03
N MET A 42 -5.75 6.13 2.35
CA MET A 42 -5.50 7.30 3.19
C MET A 42 -4.39 8.18 2.57
N ARG A 43 -3.36 7.52 2.09
CA ARG A 43 -2.24 8.22 1.49
C ARG A 43 -1.26 7.22 0.86
N VAL A 44 -0.60 7.68 -0.20
CA VAL A 44 0.36 6.85 -0.90
C VAL A 44 1.70 7.59 -1.01
N HIS A 45 2.71 7.00 -0.37
CA HIS A 45 4.04 7.60 -0.39
C HIS A 45 4.82 7.08 -1.60
N ILE A 46 5.21 8.02 -2.45
CA ILE A 46 5.96 7.68 -3.65
C ILE A 46 7.46 7.75 -3.34
N GLU A 47 8.06 6.57 -3.22
CA GLU A 47 9.48 6.48 -2.93
C GLU A 47 10.30 7.03 -4.10
N ILE A 48 11.15 8.00 -3.79
CA ILE A 48 11.99 8.61 -4.81
C ILE A 48 13.43 8.17 -4.60
N GLY A 49 14.10 7.88 -5.71
CA GLY A 49 15.49 7.46 -5.66
C GLY A 49 16.42 8.63 -5.35
N PRO A 50 16.88 9.30 -6.44
CA PRO A 50 17.77 10.43 -6.30
C PRO A 50 17.01 11.67 -5.82
N ASP A 51 16.12 12.15 -6.67
CA ASP A 51 15.33 13.32 -6.35
C ASP A 51 14.28 13.54 -7.45
N GLY A 52 13.79 12.43 -7.98
CA GLY A 52 12.79 12.48 -9.04
C GLY A 52 12.32 11.09 -9.42
N ARG A 53 13.24 10.31 -9.97
CA ARG A 53 12.94 8.95 -10.39
C ARG A 53 12.34 8.17 -9.22
N VAL A 54 11.53 7.18 -9.58
CA VAL A 54 10.89 6.35 -8.58
C VAL A 54 11.69 5.06 -8.40
N THR A 55 11.53 4.46 -7.23
CA THR A 55 12.24 3.22 -6.92
C THR A 55 11.38 2.00 -7.29
N GLY A 56 10.08 2.22 -7.27
CA GLY A 56 9.14 1.15 -7.60
C GLY A 56 8.35 0.71 -6.37
N GLU A 57 8.61 1.39 -5.27
CA GLU A 57 7.93 1.09 -4.02
C GLU A 57 6.93 2.19 -3.66
N ALA A 58 5.95 1.81 -2.87
CA ALA A 58 4.92 2.77 -2.45
C ALA A 58 4.25 2.26 -1.18
N ASP A 59 4.02 3.18 -0.26
CA ASP A 59 3.40 2.84 1.01
C ASP A 59 1.96 3.38 1.02
N VAL A 60 1.01 2.46 1.16
CA VAL A 60 -0.38 2.84 1.19
C VAL A 60 -0.89 2.79 2.64
N GLU A 61 -1.97 3.53 2.88
CA GLU A 61 -2.56 3.58 4.21
C GLU A 61 -4.08 3.43 4.13
N PHE A 62 -4.62 2.61 5.02
CA PHE A 62 -6.04 2.38 5.06
C PHE A 62 -6.58 2.47 6.49
N ALA A 63 -7.73 3.09 6.61
CA ALA A 63 -8.36 3.26 7.91
C ALA A 63 -8.60 1.88 8.54
N THR A 64 -9.32 1.05 7.80
CA THR A 64 -9.62 -0.30 8.27
C THR A 64 -8.70 -1.31 7.59
N HIS A 65 -8.93 -2.58 7.91
CA HIS A 65 -8.13 -3.65 7.34
C HIS A 65 -8.73 -4.08 6.00
N GLU A 66 -10.04 -4.28 6.01
CA GLU A 66 -10.73 -4.69 4.80
C GLU A 66 -10.23 -3.90 3.60
N ASP A 67 -10.16 -2.58 3.78
CA ASP A 67 -9.69 -1.70 2.72
C ASP A 67 -8.34 -2.20 2.20
N ALA A 68 -7.51 -2.62 3.15
CA ALA A 68 -6.19 -3.13 2.81
C ALA A 68 -6.33 -4.34 1.89
N VAL A 69 -6.77 -5.44 2.47
CA VAL A 69 -6.94 -6.67 1.72
C VAL A 69 -7.65 -6.35 0.40
N ALA A 70 -8.62 -5.47 0.48
CA ALA A 70 -9.36 -5.07 -0.71
C ALA A 70 -8.40 -4.53 -1.75
N ALA A 71 -7.45 -3.73 -1.30
CA ALA A 71 -6.47 -3.15 -2.19
C ALA A 71 -5.56 -4.26 -2.74
N MET A 72 -5.39 -5.29 -1.93
CA MET A 72 -4.56 -6.42 -2.32
C MET A 72 -5.24 -7.24 -3.41
N ALA A 73 -6.46 -6.84 -3.74
CA ALA A 73 -7.22 -7.53 -4.77
C ALA A 73 -6.39 -7.61 -6.06
N LYS A 74 -5.40 -6.73 -6.13
CA LYS A 74 -4.53 -6.71 -7.30
C LYS A 74 -3.14 -7.23 -6.91
N ASP A 75 -3.10 -7.93 -5.79
CA ASP A 75 -1.85 -8.48 -5.29
C ASP A 75 -1.07 -9.09 -6.46
N LYS A 76 -0.14 -8.29 -6.98
CA LYS A 76 0.68 -8.72 -8.09
C LYS A 76 -0.15 -8.69 -9.38
N ALA A 77 -0.70 -7.52 -9.66
CA ALA A 77 -1.52 -7.33 -10.85
C ALA A 77 -0.72 -6.55 -11.89
N ASN A 78 -1.46 -5.91 -12.80
CA ASN A 78 -0.84 -5.13 -13.85
C ASN A 78 -1.42 -3.72 -13.83
N MET A 79 -0.69 -2.82 -13.19
CA MET A 79 -1.12 -1.44 -13.09
C MET A 79 -1.00 -0.73 -14.44
N GLN A 80 0.20 -0.80 -15.00
CA GLN A 80 0.45 -0.18 -16.30
C GLN A 80 0.96 -1.21 -17.29
N HIS A 81 2.22 -1.59 -17.10
CA HIS A 81 2.83 -2.58 -17.98
C HIS A 81 3.84 -3.41 -17.18
N ARG A 82 3.69 -3.36 -15.86
CA ARG A 82 4.57 -4.11 -14.98
C ARG A 82 3.76 -4.82 -13.90
N TYR A 83 4.48 -5.52 -13.04
CA TYR A 83 3.84 -6.24 -11.95
C TYR A 83 4.34 -5.76 -10.59
N VAL A 84 3.47 -5.05 -9.89
CA VAL A 84 3.81 -4.52 -8.58
C VAL A 84 3.41 -5.52 -7.51
N GLU A 85 4.29 -5.68 -6.54
CA GLU A 85 4.03 -6.60 -5.44
C GLU A 85 3.39 -5.88 -4.27
N LEU A 86 2.17 -6.32 -3.93
CA LEU A 86 1.44 -5.71 -2.83
C LEU A 86 1.74 -6.48 -1.54
N PHE A 87 1.96 -5.73 -0.48
CA PHE A 87 2.25 -6.32 0.81
C PHE A 87 1.22 -5.90 1.86
N LEU A 88 0.41 -6.86 2.26
CA LEU A 88 -0.62 -6.60 3.26
C LEU A 88 0.01 -6.56 4.64
N ASN A 89 -0.01 -5.37 5.24
CA ASN A 89 0.56 -5.18 6.56
C ASN A 89 -0.47 -4.51 7.46
N SER A 90 -1.04 -5.30 8.36
CA SER A 90 -2.04 -4.79 9.28
C SER A 90 -1.88 -5.45 10.65
N THR A 91 -2.59 -4.91 11.63
CA THR A 91 -2.54 -5.45 12.98
C THR A 91 -3.78 -6.28 13.27
N ALA A 92 -4.91 -5.83 12.73
CA ALA A 92 -6.16 -6.53 12.93
C ALA A 92 -6.51 -6.54 14.42
N GLY A 93 -7.79 -6.37 14.69
CA GLY A 93 -8.27 -6.35 16.07
C GLY A 93 -9.79 -6.54 16.12
N THR A 94 -10.19 -7.80 16.12
CA THR A 94 -11.60 -8.13 16.18
C THR A 94 -11.79 -9.62 16.48
N SER A 95 -12.52 -9.88 17.56
CA SER A 95 -12.79 -11.25 17.98
C SER A 95 -11.47 -11.94 18.35
N GLY A 96 -11.57 -13.24 18.58
CA GLY A 96 -10.41 -14.03 18.93
C GLY A 96 -10.45 -15.42 18.28
N SER A 97 -9.75 -16.35 18.90
CA SER A 97 -9.71 -17.71 18.40
C SER A 97 -8.76 -18.56 19.24
N GLY A 98 -9.20 -19.77 19.55
CA GLY A 98 -8.41 -20.68 20.35
C GLY A 98 -8.05 -21.94 19.55
N PRO A 99 -6.96 -22.61 20.00
CA PRO A 99 -6.51 -23.83 19.35
C PRO A 99 -7.42 -25.01 19.69
N SER A 100 -7.69 -25.81 18.68
CA SER A 100 -8.54 -26.98 18.86
C SER A 100 -7.70 -28.18 19.28
N SER A 101 -8.35 -29.13 19.93
CA SER A 101 -7.68 -30.34 20.39
C SER A 101 -8.26 -31.56 19.67
N GLY A 102 -7.43 -32.58 19.57
CA GLY A 102 -7.83 -33.82 18.92
C GLY A 102 -6.62 -34.63 18.48
N GLY A 1 -6.14 18.48 12.38
CA GLY A 1 -5.15 17.44 12.57
C GLY A 1 -3.76 18.04 12.84
N SER A 2 -2.75 17.22 12.59
CA SER A 2 -1.37 17.66 12.79
C SER A 2 -0.65 17.76 11.44
N SER A 3 0.17 18.80 11.33
CA SER A 3 0.93 19.03 10.11
C SER A 3 2.15 18.10 10.06
N GLY A 4 2.61 17.84 8.86
CA GLY A 4 3.76 16.98 8.67
C GLY A 4 5.06 17.79 8.70
N SER A 5 6.18 17.07 8.76
CA SER A 5 7.48 17.70 8.80
C SER A 5 8.58 16.63 8.79
N SER A 6 9.78 17.07 8.46
CA SER A 6 10.91 16.18 8.39
C SER A 6 11.38 15.82 9.81
N GLY A 7 11.50 14.52 10.06
CA GLY A 7 11.93 14.04 11.35
C GLY A 7 12.35 12.57 11.29
N SER A 8 12.55 11.99 12.46
CA SER A 8 12.95 10.60 12.55
C SER A 8 12.50 10.01 13.88
N SER A 9 11.35 9.36 13.84
CA SER A 9 10.79 8.74 15.05
C SER A 9 9.51 7.99 14.70
N PHE A 10 9.42 6.76 15.22
CA PHE A 10 8.26 5.93 14.97
C PHE A 10 7.00 6.57 15.57
N GLN A 11 6.00 6.72 14.71
CA GLN A 11 4.73 7.31 15.14
C GLN A 11 3.56 6.55 14.52
N SER A 12 3.10 5.55 15.26
CA SER A 12 1.98 4.73 14.80
C SER A 12 0.90 5.63 14.20
N THR A 13 0.22 5.09 13.20
CA THR A 13 -0.86 5.82 12.54
C THR A 13 -2.02 4.89 12.22
N THR A 14 -1.71 3.83 11.47
CA THR A 14 -2.73 2.87 11.09
C THR A 14 -2.09 1.51 10.82
N GLY A 15 -2.17 0.63 11.82
CA GLY A 15 -1.60 -0.70 11.70
C GLY A 15 -1.79 -1.25 10.28
N HIS A 16 -2.94 -0.93 9.71
CA HIS A 16 -3.26 -1.38 8.36
C HIS A 16 -2.49 -0.54 7.35
N CYS A 17 -1.62 -1.21 6.61
CA CYS A 17 -0.82 -0.55 5.59
C CYS A 17 -0.67 -1.48 4.39
N VAL A 18 -0.15 -0.93 3.31
CA VAL A 18 0.05 -1.69 2.10
C VAL A 18 1.29 -1.18 1.36
N HIS A 19 2.33 -2.01 1.37
CA HIS A 19 3.58 -1.64 0.72
C HIS A 19 3.51 -2.02 -0.76
N MET A 20 4.25 -1.27 -1.57
CA MET A 20 4.28 -1.52 -3.00
C MET A 20 5.71 -1.71 -3.49
N ARG A 21 5.85 -2.62 -4.45
CA ARG A 21 7.16 -2.91 -5.01
C ARG A 21 7.04 -3.26 -6.50
N GLY A 22 8.10 -2.98 -7.23
CA GLY A 22 8.13 -3.26 -8.65
C GLY A 22 7.02 -2.49 -9.38
N LEU A 23 7.08 -1.17 -9.24
CA LEU A 23 6.09 -0.31 -9.86
C LEU A 23 6.66 0.24 -11.18
N PRO A 24 5.74 0.61 -12.11
CA PRO A 24 6.14 1.15 -13.40
C PRO A 24 6.63 2.58 -13.25
N TYR A 25 7.80 2.85 -13.82
CA TYR A 25 8.39 4.17 -13.77
C TYR A 25 7.33 5.25 -14.06
N ARG A 26 6.36 4.87 -14.88
CA ARG A 26 5.29 5.78 -15.24
C ARG A 26 4.09 5.58 -14.32
N ALA A 27 4.38 5.41 -13.04
CA ALA A 27 3.33 5.20 -12.06
C ALA A 27 3.21 6.45 -11.18
N THR A 28 1.99 6.92 -11.05
CA THR A 28 1.72 8.11 -10.25
C THR A 28 0.80 7.77 -9.07
N GLU A 29 0.54 8.78 -8.26
CA GLU A 29 -0.32 8.59 -7.10
C GLU A 29 -1.77 8.37 -7.55
N ASN A 30 -2.18 9.12 -8.55
CA ASN A 30 -3.52 9.01 -9.08
C ASN A 30 -3.77 7.57 -9.53
N ASP A 31 -2.77 7.02 -10.22
CA ASP A 31 -2.87 5.66 -10.72
C ASP A 31 -2.94 4.70 -9.53
N ILE A 32 -2.14 4.97 -8.53
CA ILE A 32 -2.11 4.15 -7.34
C ILE A 32 -3.46 4.21 -6.63
N TYR A 33 -4.08 5.39 -6.71
CA TYR A 33 -5.38 5.59 -6.10
C TYR A 33 -6.46 4.76 -6.78
N ASN A 34 -6.33 4.66 -8.10
CA ASN A 34 -7.28 3.89 -8.88
C ASN A 34 -6.88 2.42 -8.86
N PHE A 35 -5.58 2.19 -8.95
CA PHE A 35 -5.05 0.84 -8.94
C PHE A 35 -5.55 0.05 -7.74
N PHE A 36 -6.00 0.80 -6.73
CA PHE A 36 -6.52 0.19 -5.52
C PHE A 36 -8.05 0.25 -5.47
N SER A 37 -8.60 1.08 -6.34
CA SER A 37 -10.03 1.26 -6.41
C SER A 37 -10.70 -0.07 -6.81
N PRO A 38 -11.96 -0.24 -6.34
CA PRO A 38 -12.61 0.78 -5.53
C PRO A 38 -12.04 0.78 -4.10
N LEU A 39 -11.47 1.91 -3.72
CA LEU A 39 -10.89 2.06 -2.40
C LEU A 39 -10.59 3.53 -2.13
N ASN A 40 -10.24 3.81 -0.89
CA ASN A 40 -9.93 5.18 -0.48
C ASN A 40 -8.71 5.17 0.44
N PRO A 41 -7.52 5.34 -0.18
CA PRO A 41 -6.27 5.35 0.56
C PRO A 41 -6.10 6.67 1.32
N MET A 42 -5.68 6.55 2.56
CA MET A 42 -5.47 7.73 3.40
C MET A 42 -4.46 8.68 2.78
N ARG A 43 -3.44 8.09 2.16
CA ARG A 43 -2.40 8.86 1.51
C ARG A 43 -1.49 7.95 0.70
N VAL A 44 -0.95 8.50 -0.38
CA VAL A 44 -0.05 7.75 -1.25
C VAL A 44 1.37 8.28 -1.08
N HIS A 45 2.24 7.40 -0.61
CA HIS A 45 3.63 7.76 -0.39
C HIS A 45 4.50 7.06 -1.44
N ILE A 46 4.77 7.79 -2.52
CA ILE A 46 5.59 7.25 -3.59
C ILE A 46 7.05 7.18 -3.13
N GLU A 47 7.47 5.97 -2.80
CA GLU A 47 8.83 5.75 -2.35
C GLU A 47 9.82 6.20 -3.42
N ILE A 48 10.78 7.01 -2.98
CA ILE A 48 11.80 7.51 -3.89
C ILE A 48 13.10 6.75 -3.66
N GLY A 49 13.68 6.28 -4.76
CA GLY A 49 14.92 5.54 -4.70
C GLY A 49 15.99 6.30 -3.91
N PRO A 50 16.74 7.17 -4.64
CA PRO A 50 17.78 7.96 -4.02
C PRO A 50 17.19 9.13 -3.22
N ASP A 51 16.72 10.13 -3.94
CA ASP A 51 16.11 11.29 -3.31
C ASP A 51 15.55 12.22 -4.40
N GLY A 52 15.02 11.60 -5.44
CA GLY A 52 14.44 12.35 -6.54
C GLY A 52 13.78 11.41 -7.56
N ARG A 53 14.45 10.28 -7.79
CA ARG A 53 13.94 9.31 -8.73
C ARG A 53 13.19 8.19 -7.99
N VAL A 54 12.17 7.67 -8.66
CA VAL A 54 11.36 6.60 -8.07
C VAL A 54 12.15 5.29 -8.11
N THR A 55 11.77 4.38 -7.23
CA THR A 55 12.43 3.09 -7.17
C THR A 55 11.46 1.97 -7.55
N GLY A 56 10.18 2.32 -7.56
CA GLY A 56 9.14 1.36 -7.90
C GLY A 56 8.39 0.90 -6.66
N GLU A 57 8.66 1.57 -5.54
CA GLU A 57 8.01 1.24 -4.29
C GLU A 57 7.03 2.33 -3.90
N ALA A 58 6.04 1.94 -3.10
CA ALA A 58 5.02 2.87 -2.64
C ALA A 58 4.43 2.37 -1.32
N ASP A 59 4.09 3.32 -0.47
CA ASP A 59 3.52 2.99 0.82
C ASP A 59 2.10 3.55 0.91
N VAL A 60 1.15 2.64 1.09
CA VAL A 60 -0.24 3.03 1.19
C VAL A 60 -0.70 2.94 2.65
N GLU A 61 -1.76 3.68 2.95
CA GLU A 61 -2.30 3.68 4.30
C GLU A 61 -3.83 3.63 4.26
N PHE A 62 -4.37 2.63 4.92
CA PHE A 62 -5.82 2.46 4.97
C PHE A 62 -6.34 2.62 6.40
N ALA A 63 -7.53 3.21 6.49
CA ALA A 63 -8.15 3.44 7.79
C ALA A 63 -8.48 2.09 8.43
N THR A 64 -9.18 1.26 7.68
CA THR A 64 -9.56 -0.06 8.16
C THR A 64 -8.65 -1.13 7.57
N HIS A 65 -8.97 -2.38 7.88
CA HIS A 65 -8.19 -3.49 7.38
C HIS A 65 -8.72 -3.94 6.03
N GLU A 66 -10.05 -4.00 5.93
CA GLU A 66 -10.70 -4.42 4.70
C GLU A 66 -10.15 -3.63 3.52
N ASP A 67 -10.06 -2.31 3.71
CA ASP A 67 -9.56 -1.44 2.67
C ASP A 67 -8.16 -1.89 2.27
N ALA A 68 -7.53 -2.62 3.17
CA ALA A 68 -6.18 -3.13 2.91
C ALA A 68 -6.27 -4.49 2.23
N VAL A 69 -6.95 -5.42 2.91
CA VAL A 69 -7.11 -6.76 2.38
C VAL A 69 -7.85 -6.69 1.04
N ALA A 70 -8.51 -5.56 0.83
CA ALA A 70 -9.25 -5.36 -0.41
C ALA A 70 -8.27 -5.01 -1.53
N ALA A 71 -7.19 -4.34 -1.16
CA ALA A 71 -6.18 -3.95 -2.12
C ALA A 71 -5.40 -5.19 -2.57
N MET A 72 -5.43 -6.21 -1.72
CA MET A 72 -4.73 -7.45 -2.02
C MET A 72 -5.26 -8.08 -3.30
N ALA A 73 -6.41 -7.58 -3.75
CA ALA A 73 -7.04 -8.08 -4.96
C ALA A 73 -6.26 -7.57 -6.17
N LYS A 74 -5.70 -6.38 -6.02
CA LYS A 74 -4.93 -5.78 -7.09
C LYS A 74 -3.45 -6.16 -6.94
N ASP A 75 -3.22 -7.16 -6.11
CA ASP A 75 -1.86 -7.63 -5.86
C ASP A 75 -1.32 -8.28 -7.13
N LYS A 76 -0.05 -8.04 -7.38
CA LYS A 76 0.60 -8.61 -8.56
C LYS A 76 0.11 -7.87 -9.81
N ALA A 77 -1.20 -7.87 -9.97
CA ALA A 77 -1.82 -7.21 -11.11
C ALA A 77 -0.97 -6.00 -11.50
N ASN A 78 -0.53 -6.01 -12.76
CA ASN A 78 0.29 -4.92 -13.28
C ASN A 78 -0.58 -3.68 -13.46
N MET A 79 -0.15 -2.60 -12.81
CA MET A 79 -0.87 -1.35 -12.89
C MET A 79 -0.89 -0.81 -14.32
N GLN A 80 0.18 -1.11 -15.04
CA GLN A 80 0.30 -0.66 -16.42
C GLN A 80 0.82 -1.79 -17.30
N HIS A 81 2.11 -2.08 -17.14
CA HIS A 81 2.75 -3.14 -17.91
C HIS A 81 3.84 -3.79 -17.07
N ARG A 82 3.76 -3.56 -15.77
CA ARG A 82 4.73 -4.13 -14.85
C ARG A 82 4.02 -4.75 -13.64
N TYR A 83 4.52 -5.92 -13.25
CA TYR A 83 3.94 -6.63 -12.12
C TYR A 83 4.43 -6.04 -10.79
N VAL A 84 3.56 -5.26 -10.16
CA VAL A 84 3.90 -4.64 -8.90
C VAL A 84 3.51 -5.57 -7.75
N GLU A 85 4.39 -5.66 -6.77
CA GLU A 85 4.14 -6.50 -5.62
C GLU A 85 3.49 -5.70 -4.49
N LEU A 86 2.36 -6.21 -4.04
CA LEU A 86 1.62 -5.55 -2.96
C LEU A 86 1.75 -6.37 -1.68
N PHE A 87 2.05 -5.67 -0.59
CA PHE A 87 2.20 -6.32 0.70
C PHE A 87 1.17 -5.81 1.70
N LEU A 88 0.24 -6.70 2.05
CA LEU A 88 -0.80 -6.35 3.00
C LEU A 88 -0.28 -6.50 4.42
N ASN A 89 0.17 -5.37 4.97
CA ASN A 89 0.71 -5.37 6.32
C ASN A 89 -0.30 -4.71 7.27
N SER A 90 -0.95 -5.54 8.07
CA SER A 90 -1.93 -5.05 9.02
C SER A 90 -1.83 -5.84 10.34
N THR A 91 -2.53 -5.33 11.34
CA THR A 91 -2.53 -5.98 12.64
C THR A 91 -3.77 -6.86 12.79
N ALA A 92 -4.87 -6.40 12.23
CA ALA A 92 -6.12 -7.14 12.30
C ALA A 92 -6.39 -7.54 13.75
N GLY A 93 -7.49 -8.26 13.94
CA GLY A 93 -7.86 -8.71 15.26
C GLY A 93 -8.02 -10.24 15.30
N THR A 94 -9.16 -10.66 15.82
CA THR A 94 -9.44 -12.10 15.92
C THR A 94 -10.55 -12.49 14.95
N SER A 95 -10.46 -13.71 14.46
CA SER A 95 -11.45 -14.23 13.52
C SER A 95 -11.18 -15.71 13.24
N GLY A 96 -12.20 -16.52 13.49
CA GLY A 96 -12.08 -17.95 13.27
C GLY A 96 -13.31 -18.68 13.80
N SER A 97 -13.06 -19.85 14.39
CA SER A 97 -14.13 -20.66 14.93
C SER A 97 -14.97 -21.27 13.81
N GLY A 98 -14.86 -22.57 13.66
CA GLY A 98 -15.59 -23.28 12.63
C GLY A 98 -15.84 -24.74 13.03
N PRO A 99 -16.41 -25.51 12.07
CA PRO A 99 -16.71 -26.91 12.31
C PRO A 99 -15.43 -27.75 12.28
N SER A 100 -15.61 -29.05 12.48
CA SER A 100 -14.48 -29.97 12.47
C SER A 100 -14.68 -31.03 11.39
N SER A 101 -15.78 -31.76 11.51
CA SER A 101 -16.09 -32.81 10.54
C SER A 101 -16.66 -32.17 9.26
N GLY A 102 -16.28 -32.76 8.13
CA GLY A 102 -16.73 -32.28 6.85
C GLY A 102 -15.61 -32.36 5.80
N GLY A 1 7.44 20.61 0.12
CA GLY A 1 6.62 20.22 1.26
C GLY A 1 7.48 19.95 2.49
N SER A 2 6.90 20.21 3.65
CA SER A 2 7.60 20.00 4.91
C SER A 2 6.61 19.54 5.99
N SER A 3 5.60 20.37 6.22
CA SER A 3 4.59 20.05 7.21
C SER A 3 4.12 18.60 7.05
N GLY A 4 4.30 17.84 8.11
CA GLY A 4 3.91 16.44 8.10
C GLY A 4 4.96 15.57 8.78
N SER A 5 5.71 14.86 7.95
CA SER A 5 6.76 13.99 8.45
C SER A 5 7.48 14.65 9.62
N SER A 6 7.46 13.97 10.76
CA SER A 6 8.10 14.48 11.96
C SER A 6 8.15 13.40 13.03
N GLY A 7 9.37 12.93 13.31
CA GLY A 7 9.56 11.89 14.31
C GLY A 7 11.05 11.67 14.57
N SER A 8 11.44 10.40 14.55
CA SER A 8 12.82 10.03 14.79
C SER A 8 13.20 8.83 13.93
N SER A 9 12.33 7.83 13.95
CA SER A 9 12.57 6.63 13.18
C SER A 9 11.23 5.98 12.80
N PHE A 10 10.56 5.45 13.81
CA PHE A 10 9.27 4.81 13.60
C PHE A 10 8.18 5.47 14.44
N GLN A 11 6.94 5.07 14.17
CA GLN A 11 5.81 5.62 14.89
C GLN A 11 4.50 5.09 14.32
N SER A 12 3.87 4.20 15.07
CA SER A 12 2.62 3.61 14.63
C SER A 12 1.54 4.69 14.53
N THR A 13 0.55 4.42 13.69
CA THR A 13 -0.55 5.36 13.48
C THR A 13 -1.88 4.61 13.42
N THR A 14 -1.99 3.75 12.41
CA THR A 14 -3.20 2.98 12.22
C THR A 14 -2.92 1.49 12.44
N GLY A 15 -2.12 0.94 11.54
CA GLY A 15 -1.77 -0.47 11.63
C GLY A 15 -1.94 -1.16 10.27
N HIS A 16 -3.08 -0.89 9.65
CA HIS A 16 -3.39 -1.47 8.36
C HIS A 16 -2.71 -0.65 7.25
N CYS A 17 -1.71 -1.26 6.63
CA CYS A 17 -0.98 -0.61 5.56
C CYS A 17 -0.67 -1.64 4.48
N VAL A 18 -0.31 -1.15 3.31
CA VAL A 18 0.01 -2.01 2.19
C VAL A 18 1.31 -1.55 1.54
N HIS A 19 2.28 -2.44 1.52
CA HIS A 19 3.58 -2.12 0.94
C HIS A 19 3.54 -2.40 -0.57
N MET A 20 4.16 -1.49 -1.30
CA MET A 20 4.21 -1.62 -2.76
C MET A 20 5.65 -1.73 -3.25
N ARG A 21 5.86 -2.66 -4.17
CA ARG A 21 7.18 -2.88 -4.73
C ARG A 21 7.08 -3.24 -6.21
N GLY A 22 8.17 -3.01 -6.92
CA GLY A 22 8.21 -3.30 -8.34
C GLY A 22 7.15 -2.51 -9.10
N LEU A 23 7.14 -1.21 -8.84
CA LEU A 23 6.17 -0.33 -9.48
C LEU A 23 6.81 0.27 -10.74
N PRO A 24 5.92 0.66 -11.70
CA PRO A 24 6.38 1.25 -12.95
C PRO A 24 6.83 2.69 -12.74
N TYR A 25 7.65 3.17 -13.67
CA TYR A 25 8.14 4.53 -13.60
C TYR A 25 7.01 5.54 -13.77
N ARG A 26 6.28 5.38 -14.87
CA ARG A 26 5.17 6.27 -15.17
C ARG A 26 4.16 6.24 -14.02
N ALA A 27 4.24 5.19 -13.22
CA ALA A 27 3.33 5.04 -12.10
C ALA A 27 3.24 6.37 -11.33
N THR A 28 2.01 6.78 -11.09
CA THR A 28 1.77 8.03 -10.38
C THR A 28 0.71 7.83 -9.30
N GLU A 29 0.67 8.77 -8.37
CA GLU A 29 -0.30 8.71 -7.29
C GLU A 29 -1.72 8.63 -7.84
N ASN A 30 -1.91 9.25 -8.99
CA ASN A 30 -3.21 9.26 -9.64
C ASN A 30 -3.58 7.83 -10.05
N ASP A 31 -2.54 7.04 -10.32
CA ASP A 31 -2.73 5.66 -10.73
C ASP A 31 -2.91 4.79 -9.49
N ILE A 32 -1.91 4.87 -8.60
CA ILE A 32 -1.94 4.09 -7.38
C ILE A 32 -3.32 4.21 -6.74
N TYR A 33 -3.97 5.32 -7.03
CA TYR A 33 -5.30 5.57 -6.48
C TYR A 33 -6.36 4.73 -7.20
N ASN A 34 -6.19 4.63 -8.52
CA ASN A 34 -7.12 3.86 -9.34
C ASN A 34 -6.70 2.39 -9.33
N PHE A 35 -5.44 2.18 -8.96
CA PHE A 35 -4.91 0.82 -8.91
C PHE A 35 -5.42 0.07 -7.69
N PHE A 36 -6.00 0.83 -6.77
CA PHE A 36 -6.54 0.25 -5.55
C PHE A 36 -8.06 0.45 -5.48
N SER A 37 -8.55 1.31 -6.35
CA SER A 37 -9.98 1.59 -6.39
C SER A 37 -10.75 0.35 -6.86
N PRO A 38 -12.06 0.32 -6.49
CA PRO A 38 -12.65 1.40 -5.70
C PRO A 38 -12.18 1.33 -4.24
N LEU A 39 -11.49 2.37 -3.82
CA LEU A 39 -10.99 2.43 -2.45
C LEU A 39 -10.54 3.86 -2.15
N ASN A 40 -10.15 4.07 -0.91
CA ASN A 40 -9.69 5.38 -0.47
C ASN A 40 -8.48 5.22 0.44
N PRO A 41 -7.27 5.30 -0.19
CA PRO A 41 -6.03 5.17 0.56
C PRO A 41 -5.74 6.43 1.38
N MET A 42 -5.63 6.23 2.69
CA MET A 42 -5.35 7.34 3.58
C MET A 42 -4.26 8.24 3.01
N ARG A 43 -3.23 7.61 2.49
CA ARG A 43 -2.11 8.35 1.91
C ARG A 43 -1.27 7.42 1.02
N VAL A 44 -0.79 7.98 -0.09
CA VAL A 44 0.02 7.23 -1.02
C VAL A 44 1.47 7.70 -0.93
N HIS A 45 2.27 6.92 -0.21
CA HIS A 45 3.68 7.25 -0.04
C HIS A 45 4.45 6.90 -1.31
N ILE A 46 4.99 7.93 -1.94
CA ILE A 46 5.75 7.74 -3.16
C ILE A 46 7.25 7.89 -2.85
N GLU A 47 7.96 6.79 -3.05
CA GLU A 47 9.40 6.78 -2.80
C GLU A 47 10.16 7.16 -4.08
N ILE A 48 10.89 8.26 -3.98
CA ILE A 48 11.66 8.74 -5.12
C ILE A 48 13.13 8.38 -4.91
N GLY A 49 13.70 7.72 -5.90
CA GLY A 49 15.10 7.32 -5.84
C GLY A 49 16.02 8.54 -5.86
N PRO A 50 16.54 8.85 -7.07
CA PRO A 50 17.44 9.99 -7.24
C PRO A 50 16.66 11.30 -7.18
N ASP A 51 15.81 11.42 -6.17
CA ASP A 51 15.01 12.62 -5.99
C ASP A 51 14.55 13.12 -7.36
N GLY A 52 14.11 12.19 -8.18
CA GLY A 52 13.63 12.52 -9.51
C GLY A 52 12.74 11.41 -10.07
N ARG A 53 13.27 10.20 -10.05
CA ARG A 53 12.53 9.05 -10.55
C ARG A 53 12.20 8.08 -9.41
N VAL A 54 11.00 7.54 -9.45
CA VAL A 54 10.56 6.60 -8.44
C VAL A 54 11.55 5.44 -8.35
N THR A 55 11.29 4.55 -7.40
CA THR A 55 12.14 3.40 -7.20
C THR A 55 11.35 2.10 -7.45
N GLY A 56 10.04 2.26 -7.56
CA GLY A 56 9.17 1.13 -7.79
C GLY A 56 8.53 0.65 -6.49
N GLU A 57 8.58 1.52 -5.49
CA GLU A 57 8.01 1.21 -4.19
C GLU A 57 6.99 2.26 -3.79
N ALA A 58 6.02 1.83 -2.97
CA ALA A 58 4.98 2.73 -2.51
C ALA A 58 4.38 2.18 -1.23
N ASP A 59 3.96 3.09 -0.36
CA ASP A 59 3.36 2.70 0.91
C ASP A 59 1.92 3.21 0.96
N VAL A 60 1.00 2.28 1.16
CA VAL A 60 -0.41 2.61 1.23
C VAL A 60 -0.89 2.46 2.68
N GLU A 61 -1.85 3.30 3.03
CA GLU A 61 -2.41 3.28 4.38
C GLU A 61 -3.94 3.30 4.32
N PHE A 62 -4.54 2.47 5.15
CA PHE A 62 -5.99 2.38 5.21
C PHE A 62 -6.49 2.47 6.66
N ALA A 63 -7.55 3.23 6.84
CA ALA A 63 -8.14 3.39 8.15
C ALA A 63 -8.40 2.02 8.77
N THR A 64 -9.16 1.21 8.05
CA THR A 64 -9.49 -0.13 8.51
C THR A 64 -8.61 -1.17 7.81
N HIS A 65 -8.90 -2.43 8.09
CA HIS A 65 -8.15 -3.51 7.50
C HIS A 65 -8.76 -3.90 6.15
N GLU A 66 -10.09 -3.95 6.14
CA GLU A 66 -10.82 -4.30 4.93
C GLU A 66 -10.28 -3.51 3.74
N ASP A 67 -10.24 -2.20 3.91
CA ASP A 67 -9.76 -1.32 2.86
C ASP A 67 -8.37 -1.78 2.41
N ALA A 68 -7.72 -2.54 3.29
CA ALA A 68 -6.40 -3.05 3.00
C ALA A 68 -6.52 -4.27 2.09
N VAL A 69 -7.14 -5.32 2.63
CA VAL A 69 -7.34 -6.54 1.88
C VAL A 69 -7.95 -6.23 0.52
N ALA A 70 -8.91 -5.31 0.55
CA ALA A 70 -9.60 -4.91 -0.67
C ALA A 70 -8.56 -4.37 -1.66
N ALA A 71 -7.60 -3.64 -1.13
CA ALA A 71 -6.55 -3.06 -1.96
C ALA A 71 -5.59 -4.16 -2.41
N MET A 72 -5.44 -5.16 -1.54
CA MET A 72 -4.56 -6.28 -1.84
C MET A 72 -5.08 -7.09 -3.03
N ALA A 73 -6.36 -6.91 -3.31
CA ALA A 73 -6.99 -7.62 -4.42
C ALA A 73 -6.25 -7.28 -5.71
N LYS A 74 -5.61 -6.12 -5.71
CA LYS A 74 -4.86 -5.68 -6.87
C LYS A 74 -3.39 -6.05 -6.71
N ASP A 75 -3.18 -7.24 -6.16
CA ASP A 75 -1.82 -7.74 -5.94
C ASP A 75 -1.34 -8.47 -7.19
N LYS A 76 -0.08 -8.21 -7.53
CA LYS A 76 0.51 -8.84 -8.70
C LYS A 76 0.10 -8.06 -9.95
N ALA A 77 -1.20 -7.88 -10.08
CA ALA A 77 -1.74 -7.16 -11.23
C ALA A 77 -0.82 -5.99 -11.57
N ASN A 78 -0.36 -5.99 -12.81
CA ASN A 78 0.54 -4.94 -13.28
C ASN A 78 -0.26 -3.65 -13.46
N MET A 79 -0.02 -2.70 -12.55
CA MET A 79 -0.70 -1.43 -12.60
C MET A 79 -0.66 -0.83 -14.01
N GLN A 80 0.39 -1.18 -14.74
CA GLN A 80 0.56 -0.69 -16.10
C GLN A 80 1.09 -1.81 -17.00
N HIS A 81 2.40 -2.01 -16.92
CA HIS A 81 3.05 -3.04 -17.72
C HIS A 81 4.12 -3.74 -16.89
N ARG A 82 4.08 -3.48 -15.59
CA ARG A 82 5.04 -4.08 -14.68
C ARG A 82 4.32 -4.74 -13.50
N TYR A 83 4.84 -5.89 -13.10
CA TYR A 83 4.26 -6.62 -11.98
C TYR A 83 4.74 -6.06 -10.64
N VAL A 84 3.86 -5.32 -10.00
CA VAL A 84 4.17 -4.72 -8.71
C VAL A 84 3.81 -5.71 -7.60
N GLU A 85 4.69 -5.78 -6.61
CA GLU A 85 4.48 -6.67 -5.48
C GLU A 85 3.78 -5.93 -4.35
N LEU A 86 2.78 -6.59 -3.77
CA LEU A 86 2.03 -6.01 -2.68
C LEU A 86 2.11 -6.93 -1.47
N PHE A 87 2.37 -6.33 -0.31
CA PHE A 87 2.47 -7.09 0.92
C PHE A 87 1.44 -6.60 1.94
N LEU A 88 0.47 -7.46 2.22
CA LEU A 88 -0.57 -7.13 3.17
C LEU A 88 0.04 -7.01 4.57
N ASN A 89 0.10 -5.78 5.05
CA ASN A 89 0.67 -5.52 6.37
C ASN A 89 -0.37 -4.80 7.23
N SER A 90 -0.94 -5.54 8.17
CA SER A 90 -1.95 -4.98 9.06
C SER A 90 -1.77 -5.56 10.46
N THR A 91 -2.49 -4.96 11.40
CA THR A 91 -2.44 -5.41 12.79
C THR A 91 -3.67 -6.24 13.13
N ALA A 92 -4.82 -5.75 12.68
CA ALA A 92 -6.08 -6.44 12.94
C ALA A 92 -6.34 -6.46 14.45
N GLY A 93 -5.67 -7.38 15.13
CA GLY A 93 -5.82 -7.52 16.57
C GLY A 93 -5.42 -8.92 17.03
N THR A 94 -6.23 -9.89 16.64
CA THR A 94 -5.98 -11.27 17.01
C THR A 94 -6.84 -12.21 16.17
N SER A 95 -6.24 -13.35 15.80
CA SER A 95 -6.95 -14.33 15.01
C SER A 95 -6.10 -15.61 14.90
N GLY A 96 -6.77 -16.68 14.49
CA GLY A 96 -6.10 -17.97 14.35
C GLY A 96 -7.11 -19.08 14.09
N SER A 97 -6.80 -19.90 13.10
CA SER A 97 -7.67 -21.01 12.74
C SER A 97 -6.86 -22.12 12.07
N GLY A 98 -7.31 -23.35 12.28
CA GLY A 98 -6.64 -24.50 11.71
C GLY A 98 -6.40 -24.30 10.21
N PRO A 99 -5.67 -25.28 9.60
CA PRO A 99 -5.38 -25.23 8.18
C PRO A 99 -6.61 -25.59 7.36
N SER A 100 -7.64 -24.77 7.49
CA SER A 100 -8.87 -25.00 6.76
C SER A 100 -9.46 -26.36 7.12
N SER A 101 -10.75 -26.52 6.85
CA SER A 101 -11.43 -27.77 7.14
C SER A 101 -12.89 -27.67 6.72
N GLY A 102 -13.58 -26.70 7.30
CA GLY A 102 -14.99 -26.48 6.99
C GLY A 102 -15.20 -25.17 6.24
N GLY A 1 5.62 14.28 -5.71
CA GLY A 1 4.28 14.83 -5.61
C GLY A 1 4.32 16.31 -5.20
N SER A 2 3.48 17.09 -5.86
CA SER A 2 3.42 18.52 -5.57
C SER A 2 4.83 19.10 -5.49
N SER A 3 5.40 19.37 -6.64
CA SER A 3 6.74 19.93 -6.72
C SER A 3 7.77 18.84 -6.41
N GLY A 4 7.64 18.27 -5.22
CA GLY A 4 8.56 17.23 -4.79
C GLY A 4 8.92 17.38 -3.31
N SER A 5 9.17 16.25 -2.67
CA SER A 5 9.53 16.25 -1.26
C SER A 5 10.36 15.02 -0.94
N SER A 6 10.88 14.99 0.29
CA SER A 6 11.70 13.88 0.73
C SER A 6 11.87 13.94 2.25
N GLY A 7 11.71 12.78 2.88
CA GLY A 7 11.84 12.69 4.32
C GLY A 7 10.54 12.21 4.98
N SER A 8 10.40 10.89 5.04
CA SER A 8 9.21 10.30 5.63
C SER A 8 9.48 8.82 5.96
N SER A 9 8.66 8.30 6.86
CA SER A 9 8.79 6.91 7.28
C SER A 9 7.63 6.54 8.20
N PHE A 10 7.48 5.23 8.40
CA PHE A 10 6.42 4.72 9.25
C PHE A 10 6.63 5.15 10.70
N GLN A 11 5.56 5.62 11.32
CA GLN A 11 5.61 6.06 12.70
C GLN A 11 4.42 5.51 13.48
N SER A 12 4.27 4.21 13.45
CA SER A 12 3.18 3.55 14.14
C SER A 12 1.87 4.28 13.86
N THR A 13 1.23 3.89 12.77
CA THR A 13 -0.02 4.50 12.38
C THR A 13 -1.20 3.60 12.76
N THR A 14 -2.32 3.80 12.06
CA THR A 14 -3.50 3.00 12.32
C THR A 14 -3.15 1.53 12.43
N GLY A 15 -2.31 1.08 11.51
CA GLY A 15 -1.88 -0.31 11.50
C GLY A 15 -2.02 -0.91 10.10
N HIS A 16 -3.19 -0.72 9.53
CA HIS A 16 -3.46 -1.23 8.19
C HIS A 16 -2.69 -0.42 7.16
N CYS A 17 -1.69 -1.06 6.57
CA CYS A 17 -0.87 -0.41 5.57
C CYS A 17 -0.52 -1.43 4.49
N VAL A 18 -0.43 -0.94 3.25
CA VAL A 18 -0.11 -1.81 2.13
C VAL A 18 1.10 -1.23 1.38
N HIS A 19 2.19 -1.99 1.43
CA HIS A 19 3.41 -1.57 0.76
C HIS A 19 3.36 -2.00 -0.71
N MET A 20 4.19 -1.34 -1.51
CA MET A 20 4.25 -1.64 -2.93
C MET A 20 5.70 -1.89 -3.37
N ARG A 21 5.83 -2.76 -4.37
CA ARG A 21 7.14 -3.09 -4.89
C ARG A 21 7.06 -3.40 -6.38
N GLY A 22 8.09 -2.99 -7.11
CA GLY A 22 8.15 -3.23 -8.53
C GLY A 22 7.07 -2.42 -9.26
N LEU A 23 7.07 -1.12 -9.01
CA LEU A 23 6.11 -0.22 -9.63
C LEU A 23 6.69 0.32 -10.93
N PRO A 24 5.78 0.63 -11.88
CA PRO A 24 6.17 1.15 -13.18
C PRO A 24 6.61 2.61 -13.07
N TYR A 25 7.41 3.03 -14.03
CA TYR A 25 7.91 4.40 -14.06
C TYR A 25 6.76 5.39 -14.27
N ARG A 26 5.77 4.95 -15.03
CA ARG A 26 4.61 5.79 -15.31
C ARG A 26 3.50 5.50 -14.30
N ALA A 27 3.89 5.39 -13.05
CA ALA A 27 2.93 5.12 -11.98
C ALA A 27 2.86 6.33 -11.05
N THR A 28 1.71 6.97 -11.07
CA THR A 28 1.50 8.15 -10.22
C THR A 28 0.47 7.85 -9.14
N GLU A 29 0.57 8.60 -8.05
CA GLU A 29 -0.34 8.42 -6.93
C GLU A 29 -1.78 8.28 -7.45
N ASN A 30 -2.09 9.05 -8.48
CA ASN A 30 -3.42 9.02 -9.07
C ASN A 30 -3.71 7.61 -9.60
N ASP A 31 -2.68 7.02 -10.21
CA ASP A 31 -2.82 5.68 -10.77
C ASP A 31 -2.90 4.67 -9.62
N ILE A 32 -2.08 4.91 -8.60
CA ILE A 32 -2.05 4.02 -7.45
C ILE A 32 -3.42 4.05 -6.76
N TYR A 33 -4.09 5.19 -6.89
CA TYR A 33 -5.40 5.36 -6.29
C TYR A 33 -6.47 4.62 -7.08
N ASN A 34 -6.35 4.68 -8.40
CA ASN A 34 -7.28 4.02 -9.27
C ASN A 34 -6.87 2.56 -9.45
N PHE A 35 -5.63 2.28 -9.10
CA PHE A 35 -5.09 0.93 -9.22
C PHE A 35 -5.59 0.04 -8.06
N PHE A 36 -6.06 0.70 -7.01
CA PHE A 36 -6.55 -0.01 -5.85
C PHE A 36 -8.06 0.19 -5.69
N SER A 37 -8.60 1.04 -6.55
CA SER A 37 -10.03 1.33 -6.52
C SER A 37 -10.82 0.10 -6.96
N PRO A 38 -12.12 0.07 -6.55
CA PRO A 38 -12.68 1.14 -5.75
C PRO A 38 -12.18 1.07 -4.30
N LEU A 39 -11.44 2.09 -3.91
CA LEU A 39 -10.90 2.15 -2.56
C LEU A 39 -10.43 3.58 -2.26
N ASN A 40 -10.10 3.81 -1.00
CA ASN A 40 -9.64 5.12 -0.58
C ASN A 40 -8.48 4.95 0.40
N PRO A 41 -7.24 4.96 -0.17
CA PRO A 41 -6.05 4.81 0.64
C PRO A 41 -5.73 6.09 1.41
N MET A 42 -5.69 5.96 2.73
CA MET A 42 -5.41 7.10 3.59
C MET A 42 -4.33 8.00 2.98
N ARG A 43 -3.31 7.35 2.44
CA ARG A 43 -2.21 8.08 1.83
C ARG A 43 -1.37 7.13 0.96
N VAL A 44 -0.82 7.69 -0.10
CA VAL A 44 0.01 6.92 -1.02
C VAL A 44 1.39 7.57 -1.12
N HIS A 45 2.36 6.91 -0.49
CA HIS A 45 3.72 7.42 -0.50
C HIS A 45 4.46 6.86 -1.73
N ILE A 46 5.16 7.75 -2.41
CA ILE A 46 5.90 7.37 -3.59
C ILE A 46 7.41 7.48 -3.30
N GLU A 47 8.03 6.32 -3.10
CA GLU A 47 9.45 6.28 -2.81
C GLU A 47 10.25 6.75 -4.02
N ILE A 48 11.05 7.79 -3.80
CA ILE A 48 11.87 8.35 -4.85
C ILE A 48 13.33 8.01 -4.59
N GLY A 49 14.00 7.56 -5.64
CA GLY A 49 15.41 7.20 -5.54
C GLY A 49 16.30 8.45 -5.49
N PRO A 50 16.75 8.88 -6.70
CA PRO A 50 17.60 10.04 -6.81
C PRO A 50 16.79 11.33 -6.62
N ASP A 51 16.04 11.37 -5.53
CA ASP A 51 15.21 12.52 -5.22
C ASP A 51 14.62 13.08 -6.51
N GLY A 52 14.32 12.16 -7.43
CA GLY A 52 13.74 12.54 -8.71
C GLY A 52 13.01 11.36 -9.34
N ARG A 53 13.73 10.25 -9.48
CA ARG A 53 13.16 9.06 -10.08
C ARG A 53 12.55 8.17 -8.99
N VAL A 54 11.54 7.41 -9.39
CA VAL A 54 10.86 6.52 -8.46
C VAL A 54 11.69 5.24 -8.31
N THR A 55 11.48 4.57 -7.18
CA THR A 55 12.19 3.34 -6.89
C THR A 55 11.35 2.13 -7.29
N GLY A 56 10.04 2.33 -7.25
CA GLY A 56 9.11 1.26 -7.59
C GLY A 56 8.33 0.80 -6.36
N GLU A 57 8.59 1.46 -5.25
CA GLU A 57 7.92 1.13 -4.00
C GLU A 57 6.96 2.24 -3.60
N ALA A 58 5.95 1.85 -2.83
CA ALA A 58 4.95 2.80 -2.37
C ALA A 58 4.27 2.26 -1.11
N ASP A 59 4.00 3.17 -0.18
CA ASP A 59 3.36 2.79 1.06
C ASP A 59 1.91 3.28 1.06
N VAL A 60 1.00 2.34 1.27
CA VAL A 60 -0.42 2.66 1.28
C VAL A 60 -0.95 2.50 2.71
N GLU A 61 -1.78 3.45 3.11
CA GLU A 61 -2.37 3.42 4.44
C GLU A 61 -3.90 3.31 4.34
N PHE A 62 -4.46 2.54 5.27
CA PHE A 62 -5.90 2.35 5.30
C PHE A 62 -6.43 2.44 6.73
N ALA A 63 -7.64 2.98 6.84
CA ALA A 63 -8.28 3.12 8.14
C ALA A 63 -8.55 1.74 8.74
N THR A 64 -9.22 0.91 7.95
CA THR A 64 -9.54 -0.44 8.39
C THR A 64 -8.62 -1.46 7.71
N HIS A 65 -8.85 -2.72 8.03
CA HIS A 65 -8.05 -3.79 7.46
C HIS A 65 -8.61 -4.17 6.09
N GLU A 66 -9.93 -4.28 6.03
CA GLU A 66 -10.59 -4.63 4.79
C GLU A 66 -10.06 -3.77 3.63
N ASP A 67 -10.06 -2.47 3.85
CA ASP A 67 -9.58 -1.54 2.85
C ASP A 67 -8.20 -1.98 2.38
N ALA A 68 -7.52 -2.73 3.24
CA ALA A 68 -6.19 -3.23 2.91
C ALA A 68 -6.30 -4.44 1.99
N VAL A 69 -6.86 -5.51 2.54
CA VAL A 69 -7.04 -6.73 1.77
C VAL A 69 -7.66 -6.40 0.41
N ALA A 70 -8.53 -5.39 0.43
CA ALA A 70 -9.20 -4.97 -0.79
C ALA A 70 -8.16 -4.49 -1.80
N ALA A 71 -7.34 -3.55 -1.35
CA ALA A 71 -6.30 -3.00 -2.20
C ALA A 71 -5.44 -4.14 -2.75
N MET A 72 -5.20 -5.13 -1.89
CA MET A 72 -4.40 -6.27 -2.28
C MET A 72 -5.09 -7.08 -3.37
N ALA A 73 -6.33 -6.72 -3.65
CA ALA A 73 -7.10 -7.40 -4.67
C ALA A 73 -6.31 -7.41 -5.98
N LYS A 74 -5.36 -6.49 -6.07
CA LYS A 74 -4.52 -6.38 -7.25
C LYS A 74 -3.11 -6.91 -6.93
N ASP A 75 -3.05 -7.74 -5.91
CA ASP A 75 -1.78 -8.33 -5.49
C ASP A 75 -1.05 -8.88 -6.72
N LYS A 76 -0.16 -8.07 -7.25
CA LYS A 76 0.62 -8.46 -8.42
C LYS A 76 -0.25 -8.32 -9.68
N ALA A 77 -0.82 -7.13 -9.82
CA ALA A 77 -1.67 -6.84 -10.97
C ALA A 77 -0.97 -5.84 -11.88
N ASN A 78 -1.09 -6.09 -13.18
CA ASN A 78 -0.47 -5.22 -14.16
C ASN A 78 -1.14 -3.85 -14.12
N MET A 79 -0.51 -2.94 -13.40
CA MET A 79 -1.04 -1.59 -13.27
C MET A 79 -0.96 -0.84 -14.60
N GLN A 80 0.24 -0.78 -15.14
CA GLN A 80 0.45 -0.10 -16.42
C GLN A 80 1.10 -1.05 -17.42
N HIS A 81 2.36 -1.39 -17.15
CA HIS A 81 3.10 -2.28 -18.03
C HIS A 81 4.07 -3.12 -17.19
N ARG A 82 3.82 -3.14 -15.90
CA ARG A 82 4.66 -3.90 -14.98
C ARG A 82 3.80 -4.56 -13.89
N TYR A 83 4.46 -5.37 -13.09
CA TYR A 83 3.77 -6.06 -12.01
C TYR A 83 4.26 -5.58 -10.64
N VAL A 84 3.40 -4.85 -9.96
CA VAL A 84 3.72 -4.32 -8.64
C VAL A 84 3.29 -5.32 -7.57
N GLU A 85 4.15 -5.49 -6.58
CA GLU A 85 3.86 -6.40 -5.49
C GLU A 85 3.27 -5.65 -4.30
N LEU A 86 2.16 -6.18 -3.81
CA LEU A 86 1.47 -5.57 -2.68
C LEU A 86 1.70 -6.42 -1.43
N PHE A 87 2.08 -5.74 -0.36
CA PHE A 87 2.34 -6.41 0.91
C PHE A 87 1.32 -6.01 1.97
N LEU A 88 0.46 -6.96 2.31
CA LEU A 88 -0.56 -6.72 3.32
C LEU A 88 0.09 -6.59 4.69
N ASN A 89 0.00 -5.39 5.24
CA ASN A 89 0.58 -5.11 6.54
C ASN A 89 -0.47 -4.45 7.43
N SER A 90 -1.01 -5.24 8.35
CA SER A 90 -2.02 -4.73 9.27
C SER A 90 -1.83 -5.36 10.66
N THR A 91 -2.56 -4.82 11.62
CA THR A 91 -2.48 -5.31 12.99
C THR A 91 -3.67 -6.23 13.29
N ALA A 92 -4.80 -5.91 12.68
CA ALA A 92 -6.00 -6.69 12.86
C ALA A 92 -6.30 -6.79 14.36
N GLY A 93 -7.40 -7.49 14.67
CA GLY A 93 -7.81 -7.66 16.05
C GLY A 93 -7.41 -9.05 16.56
N THR A 94 -7.92 -9.36 17.75
CA THR A 94 -7.63 -10.65 18.36
C THR A 94 -8.92 -11.33 18.80
N SER A 95 -9.74 -11.70 17.82
CA SER A 95 -10.99 -12.36 18.10
C SER A 95 -10.75 -13.79 18.58
N GLY A 96 -10.17 -14.58 17.71
CA GLY A 96 -9.87 -15.97 18.03
C GLY A 96 -10.46 -16.92 17.00
N SER A 97 -10.34 -18.21 17.27
CA SER A 97 -10.86 -19.22 16.37
C SER A 97 -11.15 -20.51 17.15
N GLY A 98 -10.11 -21.00 17.81
CA GLY A 98 -10.23 -22.23 18.59
C GLY A 98 -9.79 -23.45 17.78
N PRO A 99 -9.22 -24.44 18.50
CA PRO A 99 -8.75 -25.66 17.86
C PRO A 99 -9.92 -26.56 17.48
N SER A 100 -9.81 -27.15 16.30
CA SER A 100 -10.86 -28.05 15.81
C SER A 100 -10.29 -28.96 14.72
N SER A 101 -9.90 -28.34 13.62
CA SER A 101 -9.35 -29.09 12.50
C SER A 101 -7.88 -29.46 12.79
N GLY A 102 -7.54 -30.68 12.44
CA GLY A 102 -6.18 -31.17 12.66
C GLY A 102 -5.48 -31.44 11.33
N GLY A 1 9.85 14.49 10.60
CA GLY A 1 10.24 15.58 9.72
C GLY A 1 10.33 15.11 8.27
N SER A 2 11.42 14.40 7.98
CA SER A 2 11.64 13.88 6.64
C SER A 2 12.85 12.94 6.63
N SER A 3 12.65 11.76 7.19
CA SER A 3 13.71 10.77 7.25
C SER A 3 14.00 10.21 5.86
N GLY A 4 15.28 10.03 5.57
CA GLY A 4 15.68 9.51 4.28
C GLY A 4 16.23 8.09 4.42
N SER A 5 16.15 7.34 3.34
CA SER A 5 16.64 5.97 3.32
C SER A 5 16.19 5.25 4.60
N SER A 6 14.97 4.76 4.57
CA SER A 6 14.41 4.05 5.71
C SER A 6 13.74 2.76 5.24
N GLY A 7 13.88 1.72 6.06
CA GLY A 7 13.28 0.44 5.74
C GLY A 7 12.19 0.08 6.74
N SER A 8 10.96 0.05 6.24
CA SER A 8 9.81 -0.28 7.08
C SER A 8 9.85 0.56 8.36
N SER A 9 9.13 1.66 8.33
CA SER A 9 9.06 2.56 9.48
C SER A 9 7.61 2.75 9.91
N PHE A 10 7.32 2.28 11.11
CA PHE A 10 5.97 2.40 11.66
C PHE A 10 5.95 2.10 13.16
N GLN A 11 5.06 2.77 13.85
CA GLN A 11 4.93 2.60 15.30
C GLN A 11 3.56 1.98 15.63
N SER A 12 2.53 2.76 15.38
CA SER A 12 1.17 2.32 15.66
C SER A 12 0.19 3.45 15.36
N THR A 13 0.18 3.88 14.11
CA THR A 13 -0.71 4.94 13.68
C THR A 13 -2.12 4.40 13.44
N THR A 14 -2.25 3.64 12.37
CA THR A 14 -3.54 3.05 12.02
C THR A 14 -3.49 1.53 12.19
N GLY A 15 -2.47 0.93 11.58
CA GLY A 15 -2.29 -0.50 11.65
C GLY A 15 -2.35 -1.13 10.25
N HIS A 16 -3.46 -0.89 9.57
CA HIS A 16 -3.64 -1.42 8.24
C HIS A 16 -2.80 -0.61 7.23
N CYS A 17 -1.91 -1.30 6.55
CA CYS A 17 -1.05 -0.66 5.58
C CYS A 17 -0.85 -1.63 4.41
N VAL A 18 -0.34 -1.08 3.32
CA VAL A 18 -0.10 -1.88 2.12
C VAL A 18 1.20 -1.42 1.47
N HIS A 19 2.13 -2.36 1.37
CA HIS A 19 3.43 -2.06 0.77
C HIS A 19 3.35 -2.33 -0.74
N MET A 20 4.14 -1.56 -1.47
CA MET A 20 4.18 -1.71 -2.92
C MET A 20 5.63 -1.85 -3.42
N ARG A 21 5.80 -2.78 -4.35
CA ARG A 21 7.11 -3.03 -4.91
C ARG A 21 7.00 -3.46 -6.38
N GLY A 22 7.96 -3.03 -7.18
CA GLY A 22 7.97 -3.36 -8.59
C GLY A 22 6.85 -2.64 -9.33
N LEU A 23 6.87 -1.31 -9.24
CA LEU A 23 5.85 -0.51 -9.89
C LEU A 23 6.41 0.03 -11.22
N PRO A 24 5.47 0.39 -12.13
CA PRO A 24 5.86 0.91 -13.44
C PRO A 24 6.36 2.35 -13.32
N TYR A 25 7.41 2.63 -14.07
CA TYR A 25 8.00 3.97 -14.06
C TYR A 25 6.95 5.03 -14.42
N ARG A 26 5.86 4.56 -14.99
CA ARG A 26 4.78 5.45 -15.38
C ARG A 26 3.55 5.21 -14.50
N ALA A 27 3.79 5.12 -13.20
CA ALA A 27 2.71 4.90 -12.26
C ALA A 27 2.82 5.92 -11.12
N THR A 28 1.82 6.79 -11.06
CA THR A 28 1.79 7.82 -10.04
C THR A 28 0.65 7.54 -9.04
N GLU A 29 0.67 8.31 -7.96
CA GLU A 29 -0.35 8.15 -6.93
C GLU A 29 -1.72 7.97 -7.57
N ASN A 30 -2.11 8.96 -8.37
CA ASN A 30 -3.40 8.92 -9.03
C ASN A 30 -3.65 7.50 -9.55
N ASP A 31 -2.59 6.90 -10.08
CA ASP A 31 -2.70 5.54 -10.61
C ASP A 31 -2.86 4.56 -9.45
N ILE A 32 -2.01 4.72 -8.45
CA ILE A 32 -2.05 3.86 -7.28
C ILE A 32 -3.39 4.05 -6.55
N TYR A 33 -4.07 5.13 -6.91
CA TYR A 33 -5.35 5.44 -6.30
C TYR A 33 -6.48 4.70 -7.02
N ASN A 34 -6.37 4.61 -8.33
CA ASN A 34 -7.37 3.94 -9.14
C ASN A 34 -6.96 2.48 -9.33
N PHE A 35 -5.75 2.17 -8.90
CA PHE A 35 -5.24 0.82 -9.02
C PHE A 35 -5.71 -0.05 -7.85
N PHE A 36 -6.29 0.62 -6.86
CA PHE A 36 -6.79 -0.09 -5.68
C PHE A 36 -8.30 0.09 -5.55
N SER A 37 -8.85 0.94 -6.40
CA SER A 37 -10.28 1.20 -6.39
C SER A 37 -11.04 -0.06 -6.81
N PRO A 38 -12.34 -0.12 -6.38
CA PRO A 38 -12.91 0.96 -5.59
C PRO A 38 -12.39 0.91 -4.15
N LEU A 39 -11.69 1.98 -3.77
CA LEU A 39 -11.13 2.08 -2.43
C LEU A 39 -10.67 3.51 -2.17
N ASN A 40 -10.29 3.77 -0.93
CA ASN A 40 -9.83 5.09 -0.55
C ASN A 40 -8.62 4.95 0.38
N PRO A 41 -7.41 5.00 -0.24
CA PRO A 41 -6.17 4.87 0.50
C PRO A 41 -5.87 6.17 1.27
N MET A 42 -5.80 6.04 2.59
CA MET A 42 -5.52 7.17 3.45
C MET A 42 -4.46 8.08 2.81
N ARG A 43 -3.43 7.45 2.26
CA ARG A 43 -2.35 8.18 1.63
C ARG A 43 -1.41 7.22 0.91
N VAL A 44 -0.88 7.69 -0.21
CA VAL A 44 0.03 6.88 -1.00
C VAL A 44 1.40 7.56 -1.05
N HIS A 45 2.37 6.93 -0.40
CA HIS A 45 3.72 7.46 -0.35
C HIS A 45 4.50 6.98 -1.57
N ILE A 46 5.16 7.91 -2.22
CA ILE A 46 5.95 7.59 -3.40
C ILE A 46 7.43 7.85 -3.10
N GLU A 47 8.17 6.77 -3.00
CA GLU A 47 9.60 6.85 -2.72
C GLU A 47 10.35 7.40 -3.95
N ILE A 48 11.08 8.48 -3.72
CA ILE A 48 11.83 9.10 -4.79
C ILE A 48 13.30 8.67 -4.68
N GLY A 49 13.89 8.39 -5.83
CA GLY A 49 15.28 7.98 -5.89
C GLY A 49 16.21 9.13 -5.53
N PRO A 50 16.64 9.87 -6.58
CA PRO A 50 17.53 11.01 -6.39
C PRO A 50 16.79 12.21 -5.80
N ASP A 51 15.95 12.80 -6.64
CA ASP A 51 15.17 13.96 -6.21
C ASP A 51 14.09 14.24 -7.27
N GLY A 52 13.59 13.18 -7.86
CA GLY A 52 12.55 13.29 -8.87
C GLY A 52 12.08 11.92 -9.34
N ARG A 53 13.05 11.12 -9.79
CA ARG A 53 12.74 9.78 -10.28
C ARG A 53 12.17 8.93 -9.14
N VAL A 54 11.59 7.81 -9.53
CA VAL A 54 11.00 6.90 -8.57
C VAL A 54 11.92 5.69 -8.38
N THR A 55 11.63 4.92 -7.34
CA THR A 55 12.42 3.74 -7.05
C THR A 55 11.67 2.47 -7.45
N GLY A 56 10.35 2.52 -7.28
CA GLY A 56 9.50 1.40 -7.64
C GLY A 56 8.59 1.02 -6.47
N GLU A 57 9.13 1.18 -5.26
CA GLU A 57 8.38 0.85 -4.06
C GLU A 57 7.38 1.98 -3.74
N ALA A 58 6.30 1.59 -3.08
CA ALA A 58 5.27 2.55 -2.71
C ALA A 58 4.60 2.08 -1.41
N ASP A 59 4.25 3.06 -0.58
CA ASP A 59 3.60 2.77 0.68
C ASP A 59 2.16 3.29 0.64
N VAL A 60 1.27 2.50 1.21
CA VAL A 60 -0.13 2.87 1.25
C VAL A 60 -0.65 2.74 2.68
N GLU A 61 -1.73 3.46 2.95
CA GLU A 61 -2.34 3.44 4.28
C GLU A 61 -3.87 3.37 4.16
N PHE A 62 -4.45 2.61 5.07
CA PHE A 62 -5.90 2.45 5.09
C PHE A 62 -6.46 2.62 6.51
N ALA A 63 -7.63 3.23 6.57
CA ALA A 63 -8.27 3.46 7.85
C ALA A 63 -8.63 2.11 8.49
N THR A 64 -9.36 1.31 7.73
CA THR A 64 -9.77 0.00 8.21
C THR A 64 -8.88 -1.09 7.61
N HIS A 65 -9.26 -2.33 7.87
CA HIS A 65 -8.51 -3.46 7.37
C HIS A 65 -9.02 -3.86 5.98
N GLU A 66 -10.34 -3.86 5.86
CA GLU A 66 -10.98 -4.21 4.60
C GLU A 66 -10.34 -3.44 3.45
N ASP A 67 -10.23 -2.13 3.64
CA ASP A 67 -9.64 -1.27 2.63
C ASP A 67 -8.21 -1.72 2.36
N ALA A 68 -7.66 -2.46 3.31
CA ALA A 68 -6.30 -2.95 3.19
C ALA A 68 -6.31 -4.27 2.41
N VAL A 69 -6.98 -5.26 2.99
CA VAL A 69 -7.06 -6.56 2.36
C VAL A 69 -7.72 -6.41 0.98
N ALA A 70 -8.62 -5.45 0.89
CA ALA A 70 -9.33 -5.20 -0.35
C ALA A 70 -8.33 -4.74 -1.41
N ALA A 71 -7.43 -3.85 -1.00
CA ALA A 71 -6.42 -3.33 -1.90
C ALA A 71 -5.66 -4.50 -2.54
N MET A 72 -5.68 -5.62 -1.84
CA MET A 72 -5.00 -6.81 -2.33
C MET A 72 -5.78 -7.46 -3.48
N ALA A 73 -6.91 -6.84 -3.81
CA ALA A 73 -7.75 -7.34 -4.88
C ALA A 73 -7.04 -7.12 -6.22
N LYS A 74 -6.01 -6.28 -6.18
CA LYS A 74 -5.25 -5.98 -7.38
C LYS A 74 -3.83 -6.50 -7.22
N ASP A 75 -3.59 -7.16 -6.09
CA ASP A 75 -2.28 -7.70 -5.80
C ASP A 75 -1.73 -8.39 -7.05
N LYS A 76 -0.45 -8.16 -7.31
CA LYS A 76 0.20 -8.74 -8.47
C LYS A 76 -0.29 -8.03 -9.74
N ALA A 77 -1.61 -7.99 -9.89
CA ALA A 77 -2.21 -7.35 -11.04
C ALA A 77 -1.31 -6.18 -11.50
N ASN A 78 -0.92 -6.26 -12.77
CA ASN A 78 -0.07 -5.23 -13.34
C ASN A 78 -0.89 -3.95 -13.54
N MET A 79 -0.59 -2.96 -12.71
CA MET A 79 -1.28 -1.68 -12.79
C MET A 79 -1.29 -1.16 -14.23
N GLN A 80 -0.20 -1.43 -14.94
CA GLN A 80 -0.08 -0.99 -16.31
C GLN A 80 0.43 -2.14 -17.20
N HIS A 81 1.72 -2.41 -17.09
CA HIS A 81 2.34 -3.47 -17.87
C HIS A 81 3.43 -4.14 -17.03
N ARG A 82 3.39 -3.89 -15.73
CA ARG A 82 4.36 -4.46 -14.82
C ARG A 82 3.67 -5.04 -13.58
N TYR A 83 4.12 -6.21 -13.18
CA TYR A 83 3.55 -6.88 -12.02
C TYR A 83 4.11 -6.29 -10.73
N VAL A 84 3.29 -5.47 -10.09
CA VAL A 84 3.68 -4.84 -8.83
C VAL A 84 3.31 -5.75 -7.66
N GLU A 85 4.21 -5.81 -6.70
CA GLU A 85 3.99 -6.64 -5.53
C GLU A 85 3.30 -5.82 -4.42
N LEU A 86 2.23 -6.40 -3.90
CA LEU A 86 1.47 -5.75 -2.85
C LEU A 86 1.51 -6.61 -1.58
N PHE A 87 1.98 -5.99 -0.50
CA PHE A 87 2.08 -6.68 0.77
C PHE A 87 1.10 -6.10 1.79
N LEU A 88 0.10 -6.90 2.13
CA LEU A 88 -0.91 -6.48 3.10
C LEU A 88 -0.35 -6.61 4.51
N ASN A 89 0.00 -5.48 5.09
CA ASN A 89 0.54 -5.46 6.43
C ASN A 89 -0.42 -4.71 7.36
N SER A 90 -1.11 -5.49 8.18
CA SER A 90 -2.07 -4.92 9.12
C SER A 90 -2.03 -5.70 10.44
N THR A 91 -2.70 -5.14 11.44
CA THR A 91 -2.75 -5.76 12.75
C THR A 91 -3.99 -6.64 12.88
N ALA A 92 -5.07 -6.18 12.26
CA ALA A 92 -6.32 -6.91 12.29
C ALA A 92 -6.68 -7.22 13.75
N GLY A 93 -7.86 -7.81 13.92
CA GLY A 93 -8.34 -8.16 15.25
C GLY A 93 -9.83 -8.52 15.21
N THR A 94 -10.24 -9.30 16.19
CA THR A 94 -11.62 -9.72 16.29
C THR A 94 -11.95 -10.18 17.72
N SER A 95 -13.23 -10.29 17.99
CA SER A 95 -13.68 -10.72 19.32
C SER A 95 -14.45 -12.03 19.20
N GLY A 96 -13.88 -13.07 19.80
CA GLY A 96 -14.51 -14.38 19.78
C GLY A 96 -14.08 -15.22 20.98
N SER A 97 -15.01 -15.38 21.91
CA SER A 97 -14.75 -16.15 23.12
C SER A 97 -16.05 -16.71 23.68
N GLY A 98 -16.20 -18.02 23.55
CA GLY A 98 -17.40 -18.69 24.03
C GLY A 98 -17.05 -20.07 24.60
N PRO A 99 -16.92 -21.05 23.67
CA PRO A 99 -16.60 -22.42 24.08
C PRO A 99 -15.13 -22.54 24.45
N SER A 100 -14.86 -23.45 25.39
CA SER A 100 -13.51 -23.67 25.85
C SER A 100 -13.24 -25.18 25.97
N SER A 101 -14.05 -25.82 26.80
CA SER A 101 -13.91 -27.25 27.02
C SER A 101 -12.50 -27.56 27.54
N GLY A 102 -12.44 -27.89 28.82
CA GLY A 102 -11.17 -28.21 29.46
C GLY A 102 -11.25 -29.56 30.17
N GLY A 1 15.96 18.97 2.71
CA GLY A 1 16.58 19.88 3.65
C GLY A 1 17.08 21.14 2.95
N SER A 2 18.21 21.00 2.28
CA SER A 2 18.80 22.11 1.56
C SER A 2 18.99 21.75 0.08
N SER A 3 19.75 20.68 -0.14
CA SER A 3 20.00 20.22 -1.50
C SER A 3 19.52 18.78 -1.65
N GLY A 4 18.51 18.61 -2.51
CA GLY A 4 17.95 17.30 -2.76
C GLY A 4 17.25 16.76 -1.51
N SER A 5 16.26 15.90 -1.75
CA SER A 5 15.51 15.30 -0.67
C SER A 5 14.71 16.38 0.06
N SER A 6 13.53 16.66 -0.48
CA SER A 6 12.65 17.65 0.11
C SER A 6 12.48 17.39 1.60
N GLY A 7 12.06 18.43 2.31
CA GLY A 7 11.86 18.33 3.74
C GLY A 7 10.42 17.88 4.06
N SER A 8 10.30 16.61 4.40
CA SER A 8 8.99 16.06 4.73
C SER A 8 9.16 14.85 5.66
N SER A 9 8.96 15.10 6.94
CA SER A 9 9.09 14.05 7.93
C SER A 9 7.91 13.07 7.81
N PHE A 10 8.24 11.84 7.45
CA PHE A 10 7.23 10.81 7.29
C PHE A 10 6.86 10.20 8.63
N GLN A 11 5.66 9.64 8.69
CA GLN A 11 5.17 9.02 9.91
C GLN A 11 4.35 7.78 9.58
N SER A 12 4.47 6.78 10.45
CA SER A 12 3.74 5.54 10.26
C SER A 12 2.45 5.56 11.06
N THR A 13 1.35 5.75 10.34
CA THR A 13 0.04 5.81 10.97
C THR A 13 -0.82 4.63 10.50
N THR A 14 -1.86 4.35 11.28
CA THR A 14 -2.76 3.26 10.96
C THR A 14 -1.97 1.97 10.72
N GLY A 15 -2.01 1.10 11.73
CA GLY A 15 -1.31 -0.17 11.64
C GLY A 15 -1.53 -0.84 10.28
N HIS A 16 -2.69 -0.52 9.69
CA HIS A 16 -3.03 -1.08 8.40
C HIS A 16 -2.34 -0.28 7.29
N CYS A 17 -1.42 -0.95 6.61
CA CYS A 17 -0.68 -0.33 5.52
C CYS A 17 -0.46 -1.36 4.43
N VAL A 18 -0.11 -0.86 3.25
CA VAL A 18 0.13 -1.74 2.11
C VAL A 18 1.47 -1.38 1.47
N HIS A 19 2.38 -2.34 1.49
CA HIS A 19 3.70 -2.14 0.92
C HIS A 19 3.66 -2.41 -0.58
N MET A 20 4.27 -1.52 -1.34
CA MET A 20 4.30 -1.66 -2.78
C MET A 20 5.74 -1.84 -3.27
N ARG A 21 5.89 -2.74 -4.24
CA ARG A 21 7.20 -3.03 -4.81
C ARG A 21 7.06 -3.40 -6.28
N GLY A 22 8.07 -3.01 -7.06
CA GLY A 22 8.08 -3.31 -8.47
C GLY A 22 7.01 -2.50 -9.22
N LEU A 23 7.11 -1.18 -9.07
CA LEU A 23 6.17 -0.29 -9.72
C LEU A 23 6.77 0.21 -11.04
N PRO A 24 5.85 0.65 -11.94
CA PRO A 24 6.27 1.14 -13.24
C PRO A 24 6.89 2.55 -13.12
N TYR A 25 7.81 2.84 -14.03
CA TYR A 25 8.47 4.13 -14.04
C TYR A 25 7.48 5.25 -14.35
N ARG A 26 6.29 4.84 -14.75
CA ARG A 26 5.25 5.80 -15.10
C ARG A 26 4.02 5.60 -14.20
N ALA A 27 4.29 5.39 -12.92
CA ALA A 27 3.23 5.18 -11.95
C ALA A 27 3.15 6.40 -11.02
N THR A 28 1.92 6.86 -10.82
CA THR A 28 1.69 8.01 -9.97
C THR A 28 0.56 7.72 -8.97
N GLU A 29 0.58 8.46 -7.88
CA GLU A 29 -0.42 8.29 -6.84
C GLU A 29 -1.80 8.09 -7.47
N ASN A 30 -2.12 8.98 -8.40
CA ASN A 30 -3.40 8.92 -9.09
C ASN A 30 -3.64 7.48 -9.59
N ASP A 31 -2.61 6.93 -10.20
CA ASP A 31 -2.69 5.58 -10.73
C ASP A 31 -2.85 4.60 -9.58
N ILE A 32 -2.07 4.82 -8.53
CA ILE A 32 -2.11 3.97 -7.35
C ILE A 32 -3.51 4.02 -6.74
N TYR A 33 -4.09 5.21 -6.78
CA TYR A 33 -5.42 5.43 -6.24
C TYR A 33 -6.46 4.60 -7.00
N ASN A 34 -6.28 4.54 -8.31
CA ASN A 34 -7.19 3.79 -9.16
C ASN A 34 -6.80 2.31 -9.14
N PHE A 35 -5.50 2.08 -9.04
CA PHE A 35 -4.98 0.72 -9.01
C PHE A 35 -5.47 -0.02 -7.77
N PHE A 36 -5.98 0.74 -6.81
CA PHE A 36 -6.48 0.17 -5.58
C PHE A 36 -8.00 0.30 -5.49
N SER A 37 -8.55 1.11 -6.40
CA SER A 37 -9.98 1.32 -6.43
C SER A 37 -10.70 0.05 -6.87
N PRO A 38 -11.99 -0.06 -6.46
CA PRO A 38 -12.61 1.00 -5.67
C PRO A 38 -12.12 0.96 -4.23
N LEU A 39 -11.48 2.05 -3.83
CA LEU A 39 -10.96 2.15 -2.48
C LEU A 39 -10.63 3.62 -2.18
N ASN A 40 -10.27 3.86 -0.93
CA ASN A 40 -9.93 5.22 -0.49
C ASN A 40 -8.71 5.16 0.43
N PRO A 41 -7.51 5.30 -0.20
CA PRO A 41 -6.27 5.27 0.54
C PRO A 41 -6.05 6.57 1.31
N MET A 42 -5.87 6.43 2.62
CA MET A 42 -5.64 7.59 3.47
C MET A 42 -4.48 8.44 2.97
N ARG A 43 -3.44 7.75 2.51
CA ARG A 43 -2.27 8.43 1.99
C ARG A 43 -1.38 7.44 1.21
N VAL A 44 -0.91 7.90 0.07
CA VAL A 44 -0.06 7.07 -0.78
C VAL A 44 1.31 7.73 -0.92
N HIS A 45 2.29 7.13 -0.25
CA HIS A 45 3.64 7.65 -0.28
C HIS A 45 4.37 7.09 -1.51
N ILE A 46 5.09 7.98 -2.18
CA ILE A 46 5.84 7.59 -3.37
C ILE A 46 7.34 7.68 -3.08
N GLU A 47 7.94 6.52 -2.88
CA GLU A 47 9.38 6.46 -2.61
C GLU A 47 10.17 7.04 -3.78
N ILE A 48 10.99 8.04 -3.47
CA ILE A 48 11.80 8.67 -4.48
C ILE A 48 13.28 8.33 -4.23
N GLY A 49 14.04 8.32 -5.32
CA GLY A 49 15.46 8.02 -5.24
C GLY A 49 16.27 9.26 -4.92
N PRO A 50 17.62 9.07 -4.90
CA PRO A 50 18.52 10.18 -4.61
C PRO A 50 18.65 11.10 -5.83
N ASP A 51 17.50 11.59 -6.28
CA ASP A 51 17.47 12.49 -7.42
C ASP A 51 16.03 12.93 -7.68
N GLY A 52 15.17 11.95 -7.87
CA GLY A 52 13.77 12.22 -8.13
C GLY A 52 13.06 10.99 -8.69
N ARG A 53 13.79 10.23 -9.50
CA ARG A 53 13.25 9.03 -10.09
C ARG A 53 12.66 8.12 -9.01
N VAL A 54 11.61 7.39 -9.40
CA VAL A 54 10.95 6.48 -8.48
C VAL A 54 11.80 5.21 -8.35
N THR A 55 11.57 4.51 -7.25
CA THR A 55 12.29 3.27 -7.00
C THR A 55 11.43 2.06 -7.39
N GLY A 56 10.13 2.27 -7.36
CA GLY A 56 9.19 1.21 -7.70
C GLY A 56 8.40 0.75 -6.47
N GLU A 57 8.66 1.42 -5.36
CA GLU A 57 7.99 1.10 -4.12
C GLU A 57 6.99 2.20 -3.75
N ALA A 58 5.99 1.81 -2.98
CA ALA A 58 4.96 2.74 -2.55
C ALA A 58 4.43 2.33 -1.17
N ASP A 59 3.96 3.32 -0.43
CA ASP A 59 3.43 3.08 0.90
C ASP A 59 2.01 3.62 0.99
N VAL A 60 1.05 2.71 0.95
CA VAL A 60 -0.35 3.09 1.03
C VAL A 60 -0.80 3.07 2.50
N GLU A 61 -1.74 3.95 2.80
CA GLU A 61 -2.26 4.04 4.16
C GLU A 61 -3.78 3.81 4.16
N PHE A 62 -4.20 2.81 4.93
CA PHE A 62 -5.61 2.48 5.01
C PHE A 62 -6.11 2.62 6.45
N ALA A 63 -7.30 3.19 6.58
CA ALA A 63 -7.90 3.40 7.88
C ALA A 63 -8.16 2.04 8.54
N THR A 64 -8.91 1.21 7.83
CA THR A 64 -9.23 -0.12 8.33
C THR A 64 -8.33 -1.17 7.68
N HIS A 65 -8.62 -2.42 7.99
CA HIS A 65 -7.84 -3.52 7.44
C HIS A 65 -8.45 -3.97 6.11
N GLU A 66 -9.77 -3.84 6.03
CA GLU A 66 -10.48 -4.22 4.82
C GLU A 66 -9.93 -3.46 3.62
N ASP A 67 -9.83 -2.16 3.77
CA ASP A 67 -9.31 -1.31 2.71
C ASP A 67 -7.95 -1.83 2.26
N ALA A 68 -7.35 -2.63 3.12
CA ALA A 68 -6.04 -3.21 2.82
C ALA A 68 -6.23 -4.51 2.05
N VAL A 69 -6.93 -5.44 2.67
CA VAL A 69 -7.19 -6.73 2.05
C VAL A 69 -7.85 -6.51 0.69
N ALA A 70 -8.62 -5.44 0.61
CA ALA A 70 -9.32 -5.11 -0.62
C ALA A 70 -8.28 -4.78 -1.71
N ALA A 71 -7.20 -4.16 -1.27
CA ALA A 71 -6.13 -3.79 -2.20
C ALA A 71 -5.47 -5.05 -2.73
N MET A 72 -5.24 -6.00 -1.84
CA MET A 72 -4.62 -7.25 -2.21
C MET A 72 -5.22 -7.81 -3.50
N ALA A 73 -6.46 -7.40 -3.75
CA ALA A 73 -7.17 -7.85 -4.94
C ALA A 73 -6.39 -7.42 -6.19
N LYS A 74 -5.79 -6.24 -6.09
CA LYS A 74 -5.02 -5.69 -7.19
C LYS A 74 -3.55 -6.10 -7.04
N ASP A 75 -3.35 -7.23 -6.37
CA ASP A 75 -2.01 -7.74 -6.14
C ASP A 75 -1.50 -8.40 -7.41
N LYS A 76 -0.19 -8.27 -7.63
CA LYS A 76 0.44 -8.86 -8.79
C LYS A 76 0.00 -8.08 -10.04
N ALA A 77 -1.30 -8.00 -10.24
CA ALA A 77 -1.86 -7.29 -11.37
C ALA A 77 -0.93 -6.13 -11.74
N ASN A 78 -0.50 -6.13 -12.99
CA ASN A 78 0.39 -5.07 -13.47
C ASN A 78 -0.40 -3.75 -13.55
N MET A 79 -0.19 -2.93 -12.53
CA MET A 79 -0.87 -1.65 -12.47
C MET A 79 -0.99 -1.02 -13.87
N GLN A 80 0.11 -1.08 -14.60
CA GLN A 80 0.14 -0.52 -15.94
C GLN A 80 0.67 -1.56 -16.93
N HIS A 81 1.98 -1.75 -16.89
CA HIS A 81 2.63 -2.72 -17.78
C HIS A 81 3.73 -3.45 -17.02
N ARG A 82 3.70 -3.29 -15.70
CA ARG A 82 4.69 -3.94 -14.85
C ARG A 82 4.01 -4.62 -13.67
N TYR A 83 4.44 -5.84 -13.40
CA TYR A 83 3.88 -6.62 -12.30
C TYR A 83 4.24 -5.97 -10.95
N VAL A 84 3.24 -5.37 -10.34
CA VAL A 84 3.44 -4.72 -9.05
C VAL A 84 3.22 -5.74 -7.93
N GLU A 85 3.90 -5.51 -6.82
CA GLU A 85 3.79 -6.40 -5.67
C GLU A 85 3.09 -5.69 -4.52
N LEU A 86 2.01 -6.30 -4.06
CA LEU A 86 1.25 -5.74 -2.96
C LEU A 86 1.36 -6.65 -1.74
N PHE A 87 1.66 -6.03 -0.61
CA PHE A 87 1.82 -6.78 0.64
C PHE A 87 0.92 -6.20 1.73
N LEU A 88 -0.11 -6.97 2.09
CA LEU A 88 -1.03 -6.54 3.13
C LEU A 88 -0.32 -6.52 4.48
N ASN A 89 -0.05 -5.32 4.96
CA ASN A 89 0.62 -5.16 6.23
C ASN A 89 -0.30 -4.42 7.21
N SER A 90 -0.85 -5.18 8.14
CA SER A 90 -1.75 -4.61 9.14
C SER A 90 -1.52 -5.29 10.49
N THR A 91 -2.13 -4.70 11.52
CA THR A 91 -2.01 -5.23 12.86
C THR A 91 -3.22 -6.09 13.22
N ALA A 92 -4.34 -5.75 12.60
CA ALA A 92 -5.58 -6.48 12.84
C ALA A 92 -5.84 -6.56 14.34
N GLY A 93 -6.97 -7.17 14.68
CA GLY A 93 -7.34 -7.31 16.08
C GLY A 93 -7.47 -8.79 16.46
N THR A 94 -6.49 -9.27 17.21
CA THR A 94 -6.48 -10.65 17.64
C THR A 94 -6.79 -11.58 16.46
N SER A 95 -7.17 -12.81 16.79
CA SER A 95 -7.50 -13.79 15.79
C SER A 95 -7.53 -15.19 16.41
N GLY A 96 -8.07 -16.13 15.64
CA GLY A 96 -8.17 -17.51 16.11
C GLY A 96 -8.40 -18.46 14.93
N SER A 97 -7.49 -19.42 14.82
CA SER A 97 -7.59 -20.40 13.74
C SER A 97 -6.83 -21.68 14.13
N GLY A 98 -7.23 -22.78 13.51
CA GLY A 98 -6.59 -24.06 13.78
C GLY A 98 -6.93 -25.07 12.68
N PRO A 99 -6.03 -25.12 11.66
CA PRO A 99 -6.21 -26.03 10.54
C PRO A 99 -5.87 -27.47 10.96
N SER A 100 -6.04 -28.37 10.00
CA SER A 100 -5.77 -29.78 10.26
C SER A 100 -4.28 -29.97 10.59
N SER A 101 -3.44 -29.56 9.65
CA SER A 101 -2.01 -29.68 9.84
C SER A 101 -1.31 -28.39 9.41
N GLY A 102 -0.51 -27.85 10.32
CA GLY A 102 0.21 -26.62 10.04
C GLY A 102 1.58 -26.91 9.42
N GLY A 1 30.87 -2.78 -3.30
CA GLY A 1 31.15 -1.61 -2.50
C GLY A 1 29.89 -0.80 -2.24
N SER A 2 29.21 -1.16 -1.17
CA SER A 2 27.98 -0.47 -0.79
C SER A 2 28.21 1.04 -0.78
N SER A 3 27.42 1.74 -1.58
CA SER A 3 27.53 3.18 -1.66
C SER A 3 26.37 3.83 -0.91
N GLY A 4 26.57 4.03 0.38
CA GLY A 4 25.55 4.64 1.22
C GLY A 4 24.22 3.90 1.09
N SER A 5 23.34 4.47 0.30
CA SER A 5 22.03 3.88 0.08
C SER A 5 21.42 3.45 1.41
N SER A 6 20.69 4.37 2.02
CA SER A 6 20.04 4.09 3.29
C SER A 6 18.85 5.03 3.50
N GLY A 7 17.89 4.55 4.27
CA GLY A 7 16.69 5.33 4.55
C GLY A 7 15.56 4.43 5.03
N SER A 8 15.67 4.01 6.29
CA SER A 8 14.66 3.15 6.88
C SER A 8 13.87 3.93 7.94
N SER A 9 12.85 4.63 7.47
CA SER A 9 12.01 5.41 8.36
C SER A 9 10.68 4.69 8.60
N PHE A 10 10.12 4.94 9.78
CA PHE A 10 8.86 4.32 10.16
C PHE A 10 8.09 5.20 11.13
N GLN A 11 6.78 4.95 11.19
CA GLN A 11 5.92 5.72 12.07
C GLN A 11 4.47 5.22 11.96
N SER A 12 4.08 4.39 12.92
CA SER A 12 2.74 3.85 12.94
C SER A 12 1.72 4.98 12.99
N THR A 13 0.56 4.71 12.40
CA THR A 13 -0.52 5.70 12.37
C THR A 13 -1.85 5.05 12.72
N THR A 14 -2.09 3.90 12.10
CA THR A 14 -3.33 3.17 12.34
C THR A 14 -3.02 1.72 12.71
N GLY A 15 -2.58 0.97 11.72
CA GLY A 15 -2.25 -0.43 11.93
C GLY A 15 -2.30 -1.21 10.61
N HIS A 16 -3.29 -0.87 9.80
CA HIS A 16 -3.46 -1.53 8.52
C HIS A 16 -2.81 -0.69 7.42
N CYS A 17 -1.82 -1.28 6.77
CA CYS A 17 -1.11 -0.60 5.70
C CYS A 17 -0.78 -1.62 4.62
N VAL A 18 -0.44 -1.11 3.44
CA VAL A 18 -0.11 -1.97 2.32
C VAL A 18 1.18 -1.46 1.67
N HIS A 19 2.13 -2.37 1.51
CA HIS A 19 3.41 -2.03 0.90
C HIS A 19 3.33 -2.27 -0.61
N MET A 20 4.11 -1.46 -1.34
CA MET A 20 4.13 -1.57 -2.79
C MET A 20 5.57 -1.74 -3.29
N ARG A 21 5.72 -2.61 -4.28
CA ARG A 21 7.02 -2.87 -4.85
C ARG A 21 6.89 -3.28 -6.32
N GLY A 22 7.90 -2.94 -7.10
CA GLY A 22 7.90 -3.27 -8.51
C GLY A 22 6.84 -2.47 -9.26
N LEU A 23 6.94 -1.15 -9.14
CA LEU A 23 6.00 -0.26 -9.79
C LEU A 23 6.60 0.24 -11.11
N PRO A 24 5.70 0.65 -12.05
CA PRO A 24 6.14 1.15 -13.34
C PRO A 24 6.72 2.55 -13.22
N TYR A 25 7.44 2.95 -14.27
CA TYR A 25 8.05 4.27 -14.30
C TYR A 25 6.99 5.37 -14.30
N ARG A 26 5.91 5.11 -15.02
CA ARG A 26 4.83 6.06 -15.11
C ARG A 26 3.75 5.74 -14.07
N ALA A 27 4.21 5.45 -12.87
CA ALA A 27 3.30 5.13 -11.77
C ALA A 27 3.27 6.30 -10.78
N THR A 28 2.12 6.96 -10.74
CA THR A 28 1.95 8.09 -9.84
C THR A 28 0.79 7.84 -8.88
N GLU A 29 0.73 8.66 -7.84
CA GLU A 29 -0.32 8.53 -6.84
C GLU A 29 -1.70 8.46 -7.53
N ASN A 30 -1.77 9.09 -8.69
CA ASN A 30 -3.01 9.10 -9.45
C ASN A 30 -3.31 7.69 -9.94
N ASP A 31 -2.26 6.95 -10.21
CA ASP A 31 -2.39 5.59 -10.69
C ASP A 31 -2.66 4.66 -9.51
N ILE A 32 -1.84 4.82 -8.48
CA ILE A 32 -1.97 4.01 -7.28
C ILE A 32 -3.38 4.19 -6.70
N TYR A 33 -3.98 5.31 -7.04
CA TYR A 33 -5.32 5.62 -6.57
C TYR A 33 -6.38 4.85 -7.36
N ASN A 34 -6.16 4.78 -8.67
CA ASN A 34 -7.08 4.07 -9.55
C ASN A 34 -6.77 2.58 -9.52
N PHE A 35 -5.53 2.27 -9.16
CA PHE A 35 -5.09 0.89 -9.08
C PHE A 35 -5.79 0.16 -7.94
N PHE A 36 -5.71 0.75 -6.76
CA PHE A 36 -6.33 0.16 -5.58
C PHE A 36 -7.85 0.33 -5.62
N SER A 37 -8.30 1.24 -6.48
CA SER A 37 -9.71 1.50 -6.62
C SER A 37 -10.42 0.27 -7.18
N PRO A 38 -11.75 0.19 -6.87
CA PRO A 38 -12.40 1.22 -6.08
C PRO A 38 -12.03 1.09 -4.61
N LEU A 39 -11.39 2.14 -4.10
CA LEU A 39 -10.96 2.16 -2.71
C LEU A 39 -10.55 3.59 -2.33
N ASN A 40 -10.21 3.75 -1.06
CA ASN A 40 -9.80 5.05 -0.56
C ASN A 40 -8.61 4.87 0.38
N PRO A 41 -7.38 5.03 -0.20
CA PRO A 41 -6.16 4.89 0.56
C PRO A 41 -5.93 6.12 1.46
N MET A 42 -5.77 5.85 2.74
CA MET A 42 -5.54 6.92 3.70
C MET A 42 -4.47 7.88 3.21
N ARG A 43 -3.40 7.31 2.67
CA ARG A 43 -2.30 8.10 2.16
C ARG A 43 -1.39 7.25 1.28
N VAL A 44 -0.98 7.83 0.16
CA VAL A 44 -0.11 7.13 -0.77
C VAL A 44 1.25 7.82 -0.81
N HIS A 45 2.26 7.11 -0.33
CA HIS A 45 3.61 7.64 -0.29
C HIS A 45 4.35 7.24 -1.57
N ILE A 46 5.08 8.20 -2.12
CA ILE A 46 5.83 7.97 -3.34
C ILE A 46 7.32 8.09 -3.05
N GLU A 47 8.06 7.04 -3.38
CA GLU A 47 9.50 7.01 -3.16
C GLU A 47 10.23 7.43 -4.43
N ILE A 48 11.23 8.28 -4.24
CA ILE A 48 12.02 8.77 -5.36
C ILE A 48 13.50 8.74 -4.99
N GLY A 49 14.27 8.07 -5.82
CA GLY A 49 15.70 7.96 -5.59
C GLY A 49 16.38 9.33 -5.66
N PRO A 50 16.75 9.72 -6.91
CA PRO A 50 17.41 11.00 -7.12
C PRO A 50 16.41 12.15 -7.02
N ASP A 51 15.18 11.79 -6.68
CA ASP A 51 14.12 12.78 -6.55
C ASP A 51 13.57 13.13 -7.93
N GLY A 52 13.67 12.16 -8.83
CA GLY A 52 13.18 12.35 -10.19
C GLY A 52 12.51 11.08 -10.72
N ARG A 53 13.16 9.96 -10.45
CA ARG A 53 12.63 8.67 -10.90
C ARG A 53 12.19 7.85 -9.69
N VAL A 54 11.08 7.14 -9.88
CA VAL A 54 10.53 6.31 -8.81
C VAL A 54 11.42 5.08 -8.62
N THR A 55 11.40 4.56 -7.41
CA THR A 55 12.20 3.38 -7.08
C THR A 55 11.44 2.10 -7.42
N GLY A 56 10.11 2.22 -7.39
CA GLY A 56 9.27 1.08 -7.69
C GLY A 56 8.52 0.61 -6.44
N GLU A 57 8.71 1.36 -5.37
CA GLU A 57 8.05 1.02 -4.10
C GLU A 57 7.09 2.14 -3.70
N ALA A 58 6.09 1.77 -2.91
CA ALA A 58 5.10 2.72 -2.45
C ALA A 58 4.46 2.20 -1.16
N ASP A 59 4.06 3.14 -0.32
CA ASP A 59 3.44 2.79 0.94
C ASP A 59 1.98 3.26 0.93
N VAL A 60 1.10 2.35 1.34
CA VAL A 60 -0.32 2.65 1.38
C VAL A 60 -0.83 2.49 2.81
N GLU A 61 -1.91 3.19 3.10
CA GLU A 61 -2.51 3.13 4.42
C GLU A 61 -4.04 3.09 4.31
N PHE A 62 -4.64 2.34 5.23
CA PHE A 62 -6.09 2.21 5.24
C PHE A 62 -6.62 2.23 6.68
N ALA A 63 -7.70 3.00 6.87
CA ALA A 63 -8.30 3.11 8.18
C ALA A 63 -8.55 1.71 8.76
N THR A 64 -9.30 0.91 8.00
CA THR A 64 -9.61 -0.44 8.42
C THR A 64 -8.70 -1.44 7.70
N HIS A 65 -8.92 -2.71 8.00
CA HIS A 65 -8.13 -3.77 7.40
C HIS A 65 -8.73 -4.13 6.03
N GLU A 66 -10.04 -4.22 6.01
CA GLU A 66 -10.74 -4.56 4.77
C GLU A 66 -10.18 -3.74 3.61
N ASP A 67 -10.29 -2.43 3.73
CA ASP A 67 -9.80 -1.54 2.70
C ASP A 67 -8.37 -1.94 2.31
N ALA A 68 -7.70 -2.60 3.24
CA ALA A 68 -6.34 -3.06 3.00
C ALA A 68 -6.37 -4.29 2.10
N VAL A 69 -6.97 -5.35 2.61
CA VAL A 69 -7.07 -6.59 1.86
C VAL A 69 -7.67 -6.30 0.48
N ALA A 70 -8.58 -5.35 0.46
CA ALA A 70 -9.24 -4.97 -0.78
C ALA A 70 -8.19 -4.52 -1.79
N ALA A 71 -7.27 -3.68 -1.33
CA ALA A 71 -6.21 -3.18 -2.18
C ALA A 71 -5.23 -4.31 -2.47
N MET A 72 -5.16 -5.25 -1.55
CA MET A 72 -4.26 -6.38 -1.69
C MET A 72 -4.76 -7.34 -2.77
N ALA A 73 -5.93 -7.01 -3.31
CA ALA A 73 -6.52 -7.84 -4.36
C ALA A 73 -5.83 -7.53 -5.69
N LYS A 74 -5.12 -6.41 -5.72
CA LYS A 74 -4.42 -6.00 -6.91
C LYS A 74 -2.98 -6.52 -6.86
N ASP A 75 -2.72 -7.36 -5.88
CA ASP A 75 -1.40 -7.94 -5.71
C ASP A 75 -0.96 -8.61 -7.01
N LYS A 76 0.26 -8.33 -7.41
CA LYS A 76 0.82 -8.89 -8.63
C LYS A 76 0.17 -8.21 -9.83
N ALA A 77 -1.16 -8.18 -9.81
CA ALA A 77 -1.91 -7.56 -10.90
C ALA A 77 -1.07 -6.45 -11.52
N ASN A 78 -0.91 -6.54 -12.84
CA ASN A 78 -0.14 -5.54 -13.57
C ASN A 78 -0.86 -4.19 -13.51
N MET A 79 -0.42 -3.38 -12.57
CA MET A 79 -1.01 -2.06 -12.39
C MET A 79 -1.27 -1.39 -13.75
N GLN A 80 -0.18 -1.17 -14.49
CA GLN A 80 -0.27 -0.53 -15.78
C GLN A 80 0.27 -1.47 -16.86
N HIS A 81 1.58 -1.61 -16.88
CA HIS A 81 2.24 -2.47 -17.85
C HIS A 81 3.33 -3.30 -17.15
N ARG A 82 3.31 -3.24 -15.84
CA ARG A 82 4.29 -3.97 -15.04
C ARG A 82 3.61 -4.66 -13.87
N TYR A 83 4.22 -5.75 -13.42
CA TYR A 83 3.68 -6.51 -12.31
C TYR A 83 4.09 -5.90 -10.97
N VAL A 84 3.12 -5.25 -10.33
CA VAL A 84 3.37 -4.62 -9.05
C VAL A 84 3.15 -5.64 -7.92
N GLU A 85 3.81 -5.39 -6.81
CA GLU A 85 3.70 -6.27 -5.66
C GLU A 85 2.98 -5.56 -4.51
N LEU A 86 2.27 -6.34 -3.72
CA LEU A 86 1.54 -5.80 -2.59
C LEU A 86 1.70 -6.74 -1.39
N PHE A 87 2.08 -6.14 -0.26
CA PHE A 87 2.28 -6.91 0.96
C PHE A 87 1.28 -6.48 2.04
N LEU A 88 0.35 -7.38 2.33
CA LEU A 88 -0.66 -7.11 3.34
C LEU A 88 0.00 -6.97 4.71
N ASN A 89 -0.07 -5.76 5.25
CA ASN A 89 0.52 -5.50 6.55
C ASN A 89 -0.51 -4.80 7.45
N SER A 90 -1.06 -5.58 8.36
CA SER A 90 -2.06 -5.06 9.28
C SER A 90 -1.90 -5.71 10.66
N THR A 91 -2.62 -5.16 11.62
CA THR A 91 -2.56 -5.67 12.98
C THR A 91 -3.81 -6.50 13.29
N ALA A 92 -4.91 -6.12 12.66
CA ALA A 92 -6.16 -6.82 12.85
C ALA A 92 -6.49 -6.86 14.35
N GLY A 93 -7.71 -7.30 14.64
CA GLY A 93 -8.15 -7.39 16.02
C GLY A 93 -8.98 -8.66 16.25
N THR A 94 -10.16 -8.66 15.66
CA THR A 94 -11.06 -9.81 15.79
C THR A 94 -11.29 -10.46 14.42
N SER A 95 -10.76 -11.68 14.30
CA SER A 95 -10.89 -12.42 13.06
C SER A 95 -12.22 -13.18 13.05
N GLY A 96 -12.38 -14.06 14.03
CA GLY A 96 -13.58 -14.86 14.14
C GLY A 96 -13.41 -15.98 15.16
N SER A 97 -14.46 -16.77 15.31
CA SER A 97 -14.43 -17.88 16.25
C SER A 97 -15.43 -18.96 15.81
N GLY A 98 -15.18 -20.18 16.27
CA GLY A 98 -16.04 -21.29 15.94
C GLY A 98 -15.95 -22.38 17.01
N PRO A 99 -16.56 -23.56 16.69
CA PRO A 99 -16.57 -24.68 17.60
C PRO A 99 -15.19 -25.37 17.63
N SER A 100 -14.65 -25.57 16.44
CA SER A 100 -13.35 -26.21 16.32
C SER A 100 -13.40 -27.62 16.91
N SER A 101 -13.39 -28.60 16.03
CA SER A 101 -13.44 -29.99 16.44
C SER A 101 -12.07 -30.42 17.00
N GLY A 102 -12.10 -30.93 18.22
CA GLY A 102 -10.88 -31.37 18.88
C GLY A 102 -11.18 -32.48 19.90
N GLY A 1 21.15 23.98 -2.69
CA GLY A 1 21.61 22.68 -3.14
C GLY A 1 22.42 21.98 -2.06
N SER A 2 21.92 20.84 -1.63
CA SER A 2 22.58 20.05 -0.60
C SER A 2 22.98 18.68 -1.16
N SER A 3 24.19 18.26 -0.82
CA SER A 3 24.69 16.98 -1.28
C SER A 3 23.94 15.85 -0.59
N GLY A 4 23.36 14.98 -1.41
CA GLY A 4 22.61 13.85 -0.89
C GLY A 4 21.50 14.32 0.06
N SER A 5 20.94 13.37 0.80
CA SER A 5 19.88 13.66 1.73
C SER A 5 19.98 12.75 2.95
N SER A 6 19.23 13.10 3.98
CA SER A 6 19.23 12.32 5.21
C SER A 6 18.25 12.93 6.22
N GLY A 7 17.06 12.37 6.27
CA GLY A 7 16.03 12.84 7.18
C GLY A 7 14.66 12.27 6.82
N SER A 8 14.55 10.95 6.93
CA SER A 8 13.31 10.28 6.62
C SER A 8 12.53 9.99 7.90
N SER A 9 11.41 10.68 8.05
CA SER A 9 10.57 10.50 9.22
C SER A 9 9.17 10.04 8.80
N PHE A 10 8.87 8.78 9.13
CA PHE A 10 7.58 8.22 8.78
C PHE A 10 7.06 7.35 9.93
N GLN A 11 5.75 7.48 10.18
CA GLN A 11 5.11 6.73 11.24
C GLN A 11 3.72 6.26 10.79
N SER A 12 3.61 4.96 10.59
CA SER A 12 2.34 4.38 10.16
C SER A 12 1.19 4.95 11.00
N THR A 13 0.06 5.11 10.34
CA THR A 13 -1.11 5.65 11.00
C THR A 13 -2.31 4.71 10.82
N THR A 14 -3.32 4.93 11.64
CA THR A 14 -4.52 4.11 11.59
C THR A 14 -4.22 2.68 12.04
N GLY A 15 -3.27 2.07 11.35
CA GLY A 15 -2.87 0.70 11.67
C GLY A 15 -2.67 -0.13 10.41
N HIS A 16 -3.68 -0.10 9.55
CA HIS A 16 -3.63 -0.83 8.30
C HIS A 16 -2.77 -0.08 7.29
N CYS A 17 -1.92 -0.82 6.61
CA CYS A 17 -1.04 -0.23 5.61
C CYS A 17 -0.90 -1.21 4.44
N VAL A 18 -0.32 -0.73 3.36
CA VAL A 18 -0.12 -1.55 2.18
C VAL A 18 1.16 -1.10 1.46
N HIS A 19 2.17 -1.95 1.52
CA HIS A 19 3.43 -1.65 0.88
C HIS A 19 3.42 -2.15 -0.57
N MET A 20 4.00 -1.35 -1.45
CA MET A 20 4.05 -1.70 -2.86
C MET A 20 5.50 -1.81 -3.34
N ARG A 21 5.71 -2.73 -4.26
CA ARG A 21 7.04 -2.96 -4.81
C ARG A 21 6.94 -3.33 -6.30
N GLY A 22 7.97 -2.94 -7.04
CA GLY A 22 8.01 -3.23 -8.46
C GLY A 22 6.91 -2.48 -9.20
N LEU A 23 6.94 -1.16 -9.06
CA LEU A 23 5.94 -0.31 -9.71
C LEU A 23 6.53 0.22 -11.02
N PRO A 24 5.60 0.61 -11.94
CA PRO A 24 6.01 1.15 -13.23
C PRO A 24 6.52 2.58 -13.09
N TYR A 25 7.35 2.97 -14.05
CA TYR A 25 7.91 4.32 -14.04
C TYR A 25 6.82 5.38 -14.16
N ARG A 26 5.95 5.17 -15.14
CA ARG A 26 4.84 6.10 -15.37
C ARG A 26 3.65 5.74 -14.48
N ALA A 27 3.96 5.53 -13.20
CA ALA A 27 2.93 5.19 -12.24
C ALA A 27 2.92 6.23 -11.12
N THR A 28 1.89 7.06 -11.12
CA THR A 28 1.76 8.09 -10.11
C THR A 28 0.69 7.69 -9.07
N GLU A 29 0.65 8.46 -7.99
CA GLU A 29 -0.30 8.20 -6.92
C GLU A 29 -1.70 8.01 -7.51
N ASN A 30 -2.14 9.01 -8.27
CA ASN A 30 -3.45 8.97 -8.88
C ASN A 30 -3.72 7.55 -9.40
N ASP A 31 -2.72 7.01 -10.08
CA ASP A 31 -2.84 5.67 -10.64
C ASP A 31 -2.95 4.66 -9.50
N ILE A 32 -2.14 4.88 -8.47
CA ILE A 32 -2.13 4.00 -7.31
C ILE A 32 -3.48 4.10 -6.59
N TYR A 33 -4.05 5.29 -6.65
CA TYR A 33 -5.33 5.53 -6.01
C TYR A 33 -6.45 4.76 -6.71
N ASN A 34 -6.37 4.74 -8.04
CA ASN A 34 -7.36 4.04 -8.83
C ASN A 34 -6.99 2.56 -8.93
N PHE A 35 -5.69 2.31 -8.95
CA PHE A 35 -5.19 0.95 -9.03
C PHE A 35 -5.68 0.11 -7.85
N PHE A 36 -6.19 0.80 -6.84
CA PHE A 36 -6.70 0.14 -5.65
C PHE A 36 -8.23 0.21 -5.59
N SER A 37 -8.78 1.09 -6.43
CA SER A 37 -10.22 1.27 -6.47
C SER A 37 -10.90 -0.04 -6.86
N PRO A 38 -12.12 -0.24 -6.32
CA PRO A 38 -12.72 0.75 -5.43
C PRO A 38 -12.07 0.72 -4.05
N LEU A 39 -11.49 1.85 -3.68
CA LEU A 39 -10.83 1.97 -2.39
C LEU A 39 -10.52 3.44 -2.10
N ASN A 40 -10.12 3.70 -0.87
CA ASN A 40 -9.80 5.06 -0.46
C ASN A 40 -8.54 5.04 0.41
N PRO A 41 -7.37 5.21 -0.27
CA PRO A 41 -6.09 5.22 0.42
C PRO A 41 -5.88 6.53 1.18
N MET A 42 -5.61 6.39 2.47
CA MET A 42 -5.39 7.54 3.32
C MET A 42 -4.30 8.44 2.74
N ARG A 43 -3.24 7.80 2.26
CA ARG A 43 -2.13 8.54 1.68
C ARG A 43 -1.23 7.59 0.89
N VAL A 44 -0.75 8.08 -0.25
CA VAL A 44 0.12 7.30 -1.11
C VAL A 44 1.53 7.88 -1.08
N HIS A 45 2.42 7.15 -0.43
CA HIS A 45 3.80 7.58 -0.33
C HIS A 45 4.61 7.00 -1.48
N ILE A 46 5.19 7.89 -2.27
CA ILE A 46 5.99 7.47 -3.41
C ILE A 46 7.48 7.64 -3.07
N GLU A 47 8.18 6.52 -3.05
CA GLU A 47 9.60 6.53 -2.74
C GLU A 47 10.39 7.13 -3.90
N ILE A 48 11.09 8.21 -3.59
CA ILE A 48 11.89 8.89 -4.60
C ILE A 48 13.37 8.52 -4.40
N GLY A 49 13.99 8.14 -5.51
CA GLY A 49 15.40 7.75 -5.48
C GLY A 49 16.28 8.93 -5.09
N PRO A 50 16.73 9.68 -6.14
CA PRO A 50 17.59 10.84 -5.92
C PRO A 50 16.77 12.02 -5.37
N ASP A 51 15.94 12.57 -6.25
CA ASP A 51 15.12 13.71 -5.88
C ASP A 51 14.07 13.95 -6.98
N GLY A 52 13.61 12.86 -7.56
CA GLY A 52 12.62 12.95 -8.62
C GLY A 52 12.20 11.56 -9.10
N ARG A 53 13.18 10.81 -9.58
CA ARG A 53 12.93 9.47 -10.08
C ARG A 53 12.36 8.59 -8.96
N VAL A 54 11.65 7.55 -9.37
CA VAL A 54 11.05 6.64 -8.42
C VAL A 54 11.96 5.42 -8.23
N THR A 55 11.62 4.62 -7.24
CA THR A 55 12.40 3.43 -6.94
C THR A 55 11.63 2.17 -7.34
N GLY A 56 10.31 2.27 -7.28
CA GLY A 56 9.45 1.16 -7.63
C GLY A 56 8.53 0.78 -6.46
N GLU A 57 8.97 1.15 -5.26
CA GLU A 57 8.21 0.86 -4.07
C GLU A 57 7.23 2.01 -3.77
N ALA A 58 6.15 1.67 -3.08
CA ALA A 58 5.14 2.64 -2.73
C ALA A 58 4.48 2.25 -1.42
N ASP A 59 4.19 3.25 -0.60
CA ASP A 59 3.56 3.02 0.69
C ASP A 59 2.12 3.54 0.65
N VAL A 60 1.21 2.73 1.16
CA VAL A 60 -0.19 3.09 1.20
C VAL A 60 -0.72 2.94 2.62
N GLU A 61 -1.79 3.68 2.90
CA GLU A 61 -2.39 3.64 4.23
C GLU A 61 -3.92 3.65 4.10
N PHE A 62 -4.55 2.89 5.00
CA PHE A 62 -6.01 2.80 5.00
C PHE A 62 -6.56 3.08 6.40
N ALA A 63 -7.86 3.40 6.43
CA ALA A 63 -8.51 3.68 7.69
C ALA A 63 -8.85 2.37 8.39
N THR A 64 -9.35 1.42 7.60
CA THR A 64 -9.72 0.12 8.14
C THR A 64 -8.79 -0.96 7.59
N HIS A 65 -9.10 -2.20 7.94
CA HIS A 65 -8.30 -3.33 7.48
C HIS A 65 -8.83 -3.82 6.13
N GLU A 66 -10.14 -3.88 6.03
CA GLU A 66 -10.78 -4.33 4.80
C GLU A 66 -10.21 -3.56 3.60
N ASP A 67 -10.04 -2.26 3.80
CA ASP A 67 -9.51 -1.41 2.75
C ASP A 67 -8.10 -1.87 2.38
N ALA A 68 -7.53 -2.68 3.26
CA ALA A 68 -6.19 -3.20 3.05
C ALA A 68 -6.27 -4.48 2.20
N VAL A 69 -7.06 -5.42 2.70
CA VAL A 69 -7.23 -6.69 2.02
C VAL A 69 -7.82 -6.43 0.62
N ALA A 70 -8.81 -5.55 0.59
CA ALA A 70 -9.46 -5.20 -0.66
C ALA A 70 -8.40 -4.95 -1.73
N ALA A 71 -7.21 -4.56 -1.28
CA ALA A 71 -6.11 -4.29 -2.17
C ALA A 71 -5.52 -5.61 -2.67
N MET A 72 -5.39 -6.55 -1.76
CA MET A 72 -4.85 -7.85 -2.09
C MET A 72 -5.49 -8.40 -3.37
N ALA A 73 -6.68 -7.90 -3.66
CA ALA A 73 -7.40 -8.34 -4.84
C ALA A 73 -6.60 -7.96 -6.08
N LYS A 74 -5.87 -6.86 -5.96
CA LYS A 74 -5.06 -6.39 -7.08
C LYS A 74 -3.59 -6.65 -6.77
N ASP A 75 -3.33 -7.83 -6.22
CA ASP A 75 -1.97 -8.21 -5.87
C ASP A 75 -1.28 -8.80 -7.11
N LYS A 76 -0.11 -8.25 -7.40
CA LYS A 76 0.66 -8.70 -8.55
C LYS A 76 -0.07 -8.31 -9.84
N ALA A 77 -1.09 -7.48 -9.67
CA ALA A 77 -1.88 -7.03 -10.80
C ALA A 77 -1.01 -6.13 -11.69
N ASN A 78 -1.51 -5.87 -12.89
CA ASN A 78 -0.79 -5.03 -13.83
C ASN A 78 -1.43 -3.64 -13.86
N MET A 79 -0.83 -2.74 -13.09
CA MET A 79 -1.32 -1.37 -13.01
C MET A 79 -1.24 -0.69 -14.37
N GLN A 80 -0.13 -0.91 -15.05
CA GLN A 80 0.08 -0.32 -16.36
C GLN A 80 0.58 -1.38 -17.35
N HIS A 81 1.86 -1.72 -17.20
CA HIS A 81 2.48 -2.71 -18.06
C HIS A 81 3.53 -3.49 -17.27
N ARG A 82 3.42 -3.40 -15.94
CA ARG A 82 4.35 -4.10 -15.08
C ARG A 82 3.59 -4.83 -13.96
N TYR A 83 4.33 -5.61 -13.20
CA TYR A 83 3.75 -6.36 -12.11
C TYR A 83 4.27 -5.86 -10.76
N VAL A 84 3.40 -5.15 -10.05
CA VAL A 84 3.76 -4.60 -8.76
C VAL A 84 3.35 -5.61 -7.67
N GLU A 85 4.22 -5.72 -6.67
CA GLU A 85 3.98 -6.64 -5.57
C GLU A 85 3.25 -5.91 -4.43
N LEU A 86 2.06 -6.41 -4.13
CA LEU A 86 1.26 -5.82 -3.07
C LEU A 86 1.54 -6.55 -1.75
N PHE A 87 1.72 -5.77 -0.70
CA PHE A 87 2.00 -6.32 0.62
C PHE A 87 0.94 -5.89 1.63
N LEU A 88 0.15 -6.86 2.06
CA LEU A 88 -0.90 -6.59 3.03
C LEU A 88 -0.29 -6.48 4.42
N ASN A 89 0.03 -5.25 4.81
CA ASN A 89 0.62 -5.01 6.12
C ASN A 89 -0.32 -4.13 6.94
N SER A 90 -0.99 -4.78 7.89
CA SER A 90 -1.93 -4.08 8.75
C SER A 90 -1.86 -4.64 10.17
N THR A 91 -2.51 -3.94 11.09
CA THR A 91 -2.53 -4.36 12.48
C THR A 91 -3.71 -5.30 12.73
N ALA A 92 -4.90 -4.78 12.48
CA ALA A 92 -6.11 -5.56 12.67
C ALA A 92 -6.26 -5.91 14.15
N GLY A 93 -7.28 -6.70 14.45
CA GLY A 93 -7.54 -7.11 15.82
C GLY A 93 -9.02 -7.43 16.02
N THR A 94 -9.50 -8.36 15.22
CA THR A 94 -10.89 -8.78 15.30
C THR A 94 -11.07 -9.85 16.38
N SER A 95 -11.78 -9.47 17.43
CA SER A 95 -12.03 -10.39 18.53
C SER A 95 -13.10 -9.83 19.45
N GLY A 96 -13.80 -10.73 20.13
CA GLY A 96 -14.86 -10.33 21.04
C GLY A 96 -16.20 -10.90 20.61
N SER A 97 -17.22 -10.05 20.68
CA SER A 97 -18.56 -10.45 20.31
C SER A 97 -19.15 -11.40 21.36
N GLY A 98 -18.48 -12.54 21.52
CA GLY A 98 -18.91 -13.53 22.49
C GLY A 98 -18.83 -14.94 21.91
N PRO A 99 -17.77 -15.67 22.32
CA PRO A 99 -17.57 -17.03 21.85
C PRO A 99 -18.54 -18.00 22.53
N SER A 100 -19.80 -17.90 22.11
CA SER A 100 -20.84 -18.75 22.66
C SER A 100 -22.03 -18.82 21.71
N SER A 101 -22.57 -20.02 21.57
CA SER A 101 -23.71 -20.23 20.70
C SER A 101 -24.99 -20.30 21.51
N GLY A 102 -25.09 -21.32 22.34
CA GLY A 102 -26.26 -21.51 23.18
C GLY A 102 -27.46 -22.01 22.36
N GLY A 1 4.34 26.26 -6.42
CA GLY A 1 4.62 25.01 -5.73
C GLY A 1 3.74 23.89 -6.26
N SER A 2 4.03 22.68 -5.79
CA SER A 2 3.27 21.51 -6.21
C SER A 2 3.20 20.50 -5.06
N SER A 3 1.98 20.09 -4.74
CA SER A 3 1.77 19.13 -3.67
C SER A 3 2.20 19.73 -2.33
N GLY A 4 3.47 19.58 -2.03
CA GLY A 4 4.02 20.10 -0.78
C GLY A 4 5.40 19.48 -0.50
N SER A 5 5.45 18.74 0.59
CA SER A 5 6.70 18.10 0.99
C SER A 5 6.42 16.68 1.49
N SER A 6 6.73 15.71 0.64
CA SER A 6 6.52 14.32 0.99
C SER A 6 7.69 13.79 1.80
N GLY A 7 7.36 13.07 2.86
CA GLY A 7 8.38 12.51 3.74
C GLY A 7 9.27 11.52 2.99
N SER A 8 9.55 10.41 3.64
CA SER A 8 10.38 9.38 3.04
C SER A 8 10.18 8.05 3.76
N SER A 9 10.45 8.07 5.07
CA SER A 9 10.31 6.88 5.88
C SER A 9 8.82 6.48 5.96
N PHE A 10 8.59 5.29 6.47
CA PHE A 10 7.24 4.78 6.61
C PHE A 10 6.44 5.64 7.60
N GLN A 11 5.11 5.54 7.49
CA GLN A 11 4.23 6.30 8.35
C GLN A 11 3.06 5.43 8.81
N SER A 12 2.76 5.53 10.09
CA SER A 12 1.67 4.75 10.68
C SER A 12 0.71 5.68 11.42
N THR A 13 -0.33 5.08 11.98
CA THR A 13 -1.33 5.83 12.71
C THR A 13 -2.56 4.96 13.00
N THR A 14 -2.82 4.05 12.07
CA THR A 14 -3.95 3.15 12.20
C THR A 14 -3.48 1.72 12.41
N GLY A 15 -2.51 1.33 11.59
CA GLY A 15 -1.97 -0.02 11.67
C GLY A 15 -2.05 -0.72 10.32
N HIS A 16 -3.22 -0.63 9.71
CA HIS A 16 -3.44 -1.25 8.41
C HIS A 16 -2.73 -0.45 7.32
N CYS A 17 -1.76 -1.09 6.69
CA CYS A 17 -1.00 -0.44 5.63
C CYS A 17 -0.72 -1.48 4.54
N VAL A 18 -0.25 -0.98 3.40
CA VAL A 18 0.06 -1.84 2.28
C VAL A 18 1.31 -1.32 1.56
N HIS A 19 2.35 -2.14 1.58
CA HIS A 19 3.59 -1.76 0.93
C HIS A 19 3.53 -2.11 -0.56
N MET A 20 4.23 -1.31 -1.35
CA MET A 20 4.26 -1.51 -2.79
C MET A 20 5.69 -1.70 -3.29
N ARG A 21 5.84 -2.60 -4.23
CA ARG A 21 7.15 -2.88 -4.81
C ARG A 21 7.01 -3.34 -6.26
N GLY A 22 7.97 -2.94 -7.07
CA GLY A 22 7.97 -3.30 -8.48
C GLY A 22 6.97 -2.44 -9.27
N LEU A 23 7.00 -1.15 -8.98
CA LEU A 23 6.11 -0.22 -9.66
C LEU A 23 6.77 0.27 -10.95
N PRO A 24 5.91 0.63 -11.93
CA PRO A 24 6.40 1.10 -13.22
C PRO A 24 6.90 2.55 -13.10
N TYR A 25 7.51 3.01 -14.18
CA TYR A 25 8.05 4.36 -14.22
C TYR A 25 6.92 5.39 -14.32
N ARG A 26 5.92 5.05 -15.13
CA ARG A 26 4.78 5.93 -15.33
C ARG A 26 3.70 5.63 -14.30
N ALA A 27 4.13 5.42 -13.07
CA ALA A 27 3.21 5.11 -11.99
C ALA A 27 3.21 6.27 -10.99
N THR A 28 2.01 6.77 -10.71
CA THR A 28 1.86 7.87 -9.77
C THR A 28 0.73 7.58 -8.78
N GLU A 29 0.57 8.49 -7.83
CA GLU A 29 -0.46 8.35 -6.82
C GLU A 29 -1.83 8.21 -7.49
N ASN A 30 -2.19 9.24 -8.24
CA ASN A 30 -3.48 9.26 -8.93
C ASN A 30 -3.74 7.88 -9.53
N ASP A 31 -2.66 7.26 -10.01
CA ASP A 31 -2.77 5.94 -10.61
C ASP A 31 -2.91 4.89 -9.50
N ILE A 32 -1.98 4.94 -8.56
CA ILE A 32 -2.00 4.00 -7.45
C ILE A 32 -3.39 3.98 -6.81
N TYR A 33 -4.07 5.12 -6.92
CA TYR A 33 -5.40 5.25 -6.37
C TYR A 33 -6.42 4.44 -7.18
N ASN A 34 -6.35 4.62 -8.50
CA ASN A 34 -7.26 3.91 -9.39
C ASN A 34 -6.75 2.49 -9.59
N PHE A 35 -5.54 2.25 -9.10
CA PHE A 35 -4.94 0.93 -9.22
C PHE A 35 -5.43 -0.01 -8.11
N PHE A 36 -6.02 0.60 -7.08
CA PHE A 36 -6.53 -0.16 -5.96
C PHE A 36 -8.04 0.02 -5.82
N SER A 37 -8.59 0.87 -6.69
CA SER A 37 -10.01 1.14 -6.67
C SER A 37 -10.79 -0.11 -7.09
N PRO A 38 -12.08 -0.15 -6.69
CA PRO A 38 -12.66 0.93 -5.91
C PRO A 38 -12.16 0.88 -4.46
N LEU A 39 -11.45 1.93 -4.08
CA LEU A 39 -10.92 2.02 -2.73
C LEU A 39 -10.43 3.45 -2.47
N ASN A 40 -10.13 3.72 -1.21
CA ASN A 40 -9.65 5.04 -0.82
C ASN A 40 -8.52 4.88 0.19
N PRO A 41 -7.26 4.87 -0.35
CA PRO A 41 -6.08 4.74 0.49
C PRO A 41 -5.79 6.03 1.23
N MET A 42 -5.81 5.94 2.56
CA MET A 42 -5.54 7.09 3.40
C MET A 42 -4.45 7.98 2.79
N ARG A 43 -3.37 7.33 2.37
CA ARG A 43 -2.26 8.04 1.77
C ARG A 43 -1.44 7.10 0.89
N VAL A 44 -0.80 7.68 -0.12
CA VAL A 44 0.01 6.91 -1.04
C VAL A 44 1.38 7.59 -1.20
N HIS A 45 2.36 7.06 -0.48
CA HIS A 45 3.71 7.60 -0.53
C HIS A 45 4.45 7.02 -1.74
N ILE A 46 5.15 7.88 -2.45
CA ILE A 46 5.91 7.46 -3.61
C ILE A 46 7.41 7.51 -3.29
N GLU A 47 7.95 6.32 -3.05
CA GLU A 47 9.37 6.21 -2.72
C GLU A 47 10.22 6.71 -3.89
N ILE A 48 11.11 7.64 -3.58
CA ILE A 48 11.99 8.22 -4.59
C ILE A 48 13.39 7.60 -4.44
N GLY A 49 13.97 7.29 -5.58
CA GLY A 49 15.30 6.71 -5.60
C GLY A 49 16.36 7.72 -5.16
N PRO A 50 16.89 8.46 -6.17
CA PRO A 50 17.91 9.48 -5.90
C PRO A 50 17.29 10.72 -5.26
N ASP A 51 16.83 11.61 -6.12
CA ASP A 51 16.21 12.84 -5.66
C ASP A 51 15.17 13.30 -6.68
N GLY A 52 14.48 12.33 -7.26
CA GLY A 52 13.45 12.62 -8.24
C GLY A 52 12.91 11.33 -8.87
N ARG A 53 13.84 10.49 -9.31
CA ARG A 53 13.47 9.23 -9.93
C ARG A 53 12.79 8.31 -8.91
N VAL A 54 11.93 7.44 -9.41
CA VAL A 54 11.22 6.51 -8.55
C VAL A 54 12.04 5.22 -8.41
N THR A 55 11.64 4.42 -7.44
CA THR A 55 12.32 3.16 -7.19
C THR A 55 11.40 1.98 -7.51
N GLY A 56 10.10 2.27 -7.52
CA GLY A 56 9.12 1.25 -7.81
C GLY A 56 8.41 0.78 -6.53
N GLU A 57 8.60 1.57 -5.48
CA GLU A 57 8.00 1.24 -4.20
C GLU A 57 7.01 2.33 -3.79
N ALA A 58 6.03 1.94 -2.98
CA ALA A 58 5.02 2.87 -2.52
C ALA A 58 4.41 2.34 -1.22
N ASP A 59 4.01 3.27 -0.36
CA ASP A 59 3.40 2.91 0.90
C ASP A 59 1.95 3.37 0.92
N VAL A 60 1.05 2.42 1.13
CA VAL A 60 -0.37 2.71 1.17
C VAL A 60 -0.87 2.57 2.60
N GLU A 61 -1.91 3.34 2.90
CA GLU A 61 -2.50 3.32 4.23
C GLU A 61 -4.02 3.27 4.14
N PHE A 62 -4.62 2.56 5.08
CA PHE A 62 -6.06 2.43 5.12
C PHE A 62 -6.60 2.63 6.54
N ALA A 63 -7.88 3.00 6.62
CA ALA A 63 -8.51 3.22 7.90
C ALA A 63 -8.73 1.88 8.60
N THR A 64 -9.13 0.90 7.80
CA THR A 64 -9.38 -0.43 8.33
C THR A 64 -8.51 -1.46 7.61
N HIS A 65 -8.66 -2.72 8.02
CA HIS A 65 -7.88 -3.79 7.43
C HIS A 65 -8.51 -4.20 6.09
N GLU A 66 -9.84 -4.26 6.09
CA GLU A 66 -10.57 -4.63 4.89
C GLU A 66 -10.06 -3.83 3.70
N ASP A 67 -10.11 -2.52 3.84
CA ASP A 67 -9.66 -1.63 2.78
C ASP A 67 -8.26 -2.03 2.33
N ALA A 68 -7.57 -2.72 3.24
CA ALA A 68 -6.21 -3.18 2.96
C ALA A 68 -6.28 -4.41 2.06
N VAL A 69 -6.94 -5.44 2.57
CA VAL A 69 -7.08 -6.68 1.84
C VAL A 69 -7.71 -6.40 0.47
N ALA A 70 -8.64 -5.46 0.47
CA ALA A 70 -9.32 -5.08 -0.75
C ALA A 70 -8.28 -4.69 -1.81
N ALA A 71 -7.40 -3.77 -1.42
CA ALA A 71 -6.36 -3.30 -2.31
C ALA A 71 -5.50 -4.49 -2.75
N MET A 72 -5.19 -5.34 -1.79
CA MET A 72 -4.38 -6.53 -2.07
C MET A 72 -5.08 -7.44 -3.07
N ALA A 73 -6.33 -7.13 -3.34
CA ALA A 73 -7.12 -7.92 -4.28
C ALA A 73 -6.37 -8.00 -5.62
N LYS A 74 -5.43 -7.08 -5.79
CA LYS A 74 -4.64 -7.04 -7.01
C LYS A 74 -3.20 -7.44 -6.70
N ASP A 75 -3.06 -8.17 -5.59
CA ASP A 75 -1.74 -8.62 -5.17
C ASP A 75 -1.03 -9.27 -6.35
N LYS A 76 -0.21 -8.47 -7.03
CA LYS A 76 0.54 -8.97 -8.17
C LYS A 76 -0.30 -8.76 -9.44
N ALA A 77 -0.74 -7.52 -9.62
CA ALA A 77 -1.54 -7.18 -10.78
C ALA A 77 -0.79 -6.14 -11.62
N ASN A 78 -0.87 -6.32 -12.94
CA ASN A 78 -0.21 -5.41 -13.86
C ASN A 78 -0.89 -4.04 -13.79
N MET A 79 -0.30 -3.16 -13.00
CA MET A 79 -0.84 -1.81 -12.85
C MET A 79 -0.90 -1.09 -14.19
N GLN A 80 0.19 -1.20 -14.94
CA GLN A 80 0.26 -0.56 -16.24
C GLN A 80 0.93 -1.51 -17.26
N HIS A 81 2.23 -1.66 -17.10
CA HIS A 81 3.00 -2.52 -17.98
C HIS A 81 4.00 -3.34 -17.18
N ARG A 82 3.83 -3.27 -15.86
CA ARG A 82 4.72 -4.00 -14.96
C ARG A 82 3.91 -4.67 -13.86
N TYR A 83 4.56 -5.61 -13.17
CA TYR A 83 3.91 -6.34 -12.10
C TYR A 83 4.19 -5.67 -10.75
N VAL A 84 3.14 -5.11 -10.16
CA VAL A 84 3.26 -4.45 -8.88
C VAL A 84 3.08 -5.46 -7.77
N GLU A 85 3.82 -5.24 -6.68
CA GLU A 85 3.74 -6.14 -5.53
C GLU A 85 3.08 -5.43 -4.35
N LEU A 86 2.06 -6.09 -3.80
CA LEU A 86 1.34 -5.55 -2.66
C LEU A 86 1.61 -6.41 -1.43
N PHE A 87 1.93 -5.74 -0.34
CA PHE A 87 2.21 -6.42 0.91
C PHE A 87 1.22 -6.00 2.00
N LEU A 88 0.37 -6.94 2.36
CA LEU A 88 -0.63 -6.68 3.39
C LEU A 88 0.06 -6.56 4.76
N ASN A 89 -0.05 -5.37 5.33
CA ASN A 89 0.55 -5.12 6.63
C ASN A 89 -0.47 -4.44 7.53
N SER A 90 -0.99 -5.22 8.47
CA SER A 90 -1.98 -4.71 9.40
C SER A 90 -1.78 -5.35 10.78
N THR A 91 -2.49 -4.80 11.76
CA THR A 91 -2.39 -5.32 13.12
C THR A 91 -3.59 -6.19 13.45
N ALA A 92 -4.70 -5.89 12.79
CA ALA A 92 -5.94 -6.63 13.00
C ALA A 92 -6.27 -6.65 14.50
N GLY A 93 -7.46 -7.14 14.80
CA GLY A 93 -7.90 -7.22 16.18
C GLY A 93 -7.46 -8.53 16.83
N THR A 94 -8.27 -9.55 16.64
CA THR A 94 -7.98 -10.86 17.21
C THR A 94 -8.60 -11.96 16.36
N SER A 95 -8.12 -12.08 15.14
CA SER A 95 -8.63 -13.09 14.23
C SER A 95 -8.01 -14.46 14.55
N GLY A 96 -8.69 -15.50 14.10
CA GLY A 96 -8.23 -16.85 14.34
C GLY A 96 -8.39 -17.72 13.09
N SER A 97 -8.04 -18.99 13.23
CA SER A 97 -8.15 -19.92 12.13
C SER A 97 -7.73 -21.32 12.58
N GLY A 98 -8.02 -22.30 11.74
CA GLY A 98 -7.67 -23.68 12.04
C GLY A 98 -6.99 -24.34 10.84
N PRO A 99 -6.20 -25.40 11.15
CA PRO A 99 -5.49 -26.13 10.11
C PRO A 99 -6.44 -27.03 9.32
N SER A 100 -5.91 -27.60 8.24
CA SER A 100 -6.70 -28.48 7.40
C SER A 100 -5.80 -29.14 6.35
N SER A 101 -5.76 -30.47 6.42
CA SER A 101 -4.95 -31.24 5.49
C SER A 101 -5.76 -32.43 4.95
N GLY A 102 -6.14 -33.31 5.87
CA GLY A 102 -6.91 -34.48 5.49
C GLY A 102 -6.39 -35.73 6.23
N GLY A 1 6.46 17.57 1.24
CA GLY A 1 6.65 17.03 -0.10
C GLY A 1 7.59 15.82 -0.07
N SER A 2 8.61 15.89 -0.92
CA SER A 2 9.59 14.82 -1.01
C SER A 2 10.13 14.49 0.39
N SER A 3 10.69 15.51 1.03
CA SER A 3 11.25 15.34 2.37
C SER A 3 10.50 16.23 3.36
N GLY A 4 9.80 15.58 4.27
CA GLY A 4 9.04 16.29 5.27
C GLY A 4 8.72 15.39 6.47
N SER A 5 7.89 15.90 7.36
CA SER A 5 7.50 15.16 8.55
C SER A 5 8.68 15.10 9.53
N SER A 6 9.73 14.42 9.12
CA SER A 6 10.91 14.27 9.94
C SER A 6 10.58 13.48 11.20
N GLY A 7 10.62 12.16 11.07
CA GLY A 7 10.32 11.27 12.18
C GLY A 7 10.82 9.86 11.90
N SER A 8 11.82 9.46 12.67
CA SER A 8 12.40 8.13 12.51
C SER A 8 11.73 7.16 13.49
N SER A 9 11.81 7.49 14.76
CA SER A 9 11.23 6.66 15.80
C SER A 9 9.79 6.30 15.43
N PHE A 10 9.29 5.25 16.07
CA PHE A 10 7.94 4.80 15.81
C PHE A 10 6.96 5.97 15.76
N GLN A 11 5.76 5.68 15.26
CA GLN A 11 4.74 6.70 15.14
C GLN A 11 3.35 6.07 15.25
N SER A 12 3.08 5.16 14.33
CA SER A 12 1.79 4.48 14.31
C SER A 12 0.67 5.47 14.02
N THR A 13 -0.16 5.12 13.05
CA THR A 13 -1.27 5.96 12.66
C THR A 13 -2.60 5.22 12.84
N THR A 14 -2.69 4.08 12.17
CA THR A 14 -3.89 3.27 12.25
C THR A 14 -3.54 1.83 12.59
N GLY A 15 -3.05 1.11 11.58
CA GLY A 15 -2.68 -0.27 11.77
C GLY A 15 -2.57 -1.00 10.42
N HIS A 16 -3.59 -0.80 9.60
CA HIS A 16 -3.61 -1.42 8.28
C HIS A 16 -2.81 -0.57 7.30
N CYS A 17 -1.93 -1.24 6.57
CA CYS A 17 -1.10 -0.56 5.59
C CYS A 17 -0.91 -1.50 4.40
N VAL A 18 -0.31 -0.95 3.35
CA VAL A 18 -0.06 -1.72 2.14
C VAL A 18 1.21 -1.23 1.47
N HIS A 19 2.22 -2.08 1.48
CA HIS A 19 3.50 -1.75 0.89
C HIS A 19 3.46 -2.06 -0.60
N MET A 20 4.20 -1.25 -1.35
CA MET A 20 4.26 -1.43 -2.80
C MET A 20 5.71 -1.62 -3.26
N ARG A 21 5.86 -2.53 -4.22
CA ARG A 21 7.18 -2.83 -4.76
C ARG A 21 7.07 -3.22 -6.24
N GLY A 22 8.10 -2.86 -6.99
CA GLY A 22 8.13 -3.17 -8.41
C GLY A 22 7.04 -2.40 -9.16
N LEU A 23 7.09 -1.09 -9.04
CA LEU A 23 6.12 -0.24 -9.70
C LEU A 23 6.70 0.25 -11.03
N PRO A 24 5.77 0.68 -11.93
CA PRO A 24 6.19 1.17 -13.24
C PRO A 24 6.79 2.57 -13.13
N TYR A 25 7.73 2.85 -14.02
CA TYR A 25 8.40 4.14 -14.04
C TYR A 25 7.38 5.27 -14.26
N ARG A 26 6.23 4.89 -14.79
CA ARG A 26 5.18 5.86 -15.06
C ARG A 26 3.98 5.61 -14.15
N ALA A 27 4.29 5.41 -12.87
CA ALA A 27 3.25 5.17 -11.89
C ALA A 27 3.19 6.34 -10.90
N THR A 28 2.03 6.97 -10.84
CA THR A 28 1.84 8.10 -9.95
C THR A 28 0.71 7.81 -8.96
N GLU A 29 0.77 8.49 -7.83
CA GLU A 29 -0.24 8.32 -6.80
C GLU A 29 -1.63 8.21 -7.42
N ASN A 30 -1.98 9.23 -8.20
CA ASN A 30 -3.27 9.27 -8.85
C ASN A 30 -3.58 7.88 -9.42
N ASP A 31 -2.56 7.25 -9.96
CA ASP A 31 -2.71 5.92 -10.54
C ASP A 31 -2.90 4.90 -9.41
N ILE A 32 -2.01 4.97 -8.44
CA ILE A 32 -2.06 4.06 -7.30
C ILE A 32 -3.48 4.10 -6.70
N TYR A 33 -4.09 5.27 -6.78
CA TYR A 33 -5.42 5.44 -6.26
C TYR A 33 -6.45 4.66 -7.08
N ASN A 34 -6.29 4.73 -8.39
CA ASN A 34 -7.19 4.03 -9.29
C ASN A 34 -6.87 2.54 -9.27
N PHE A 35 -5.58 2.25 -9.20
CA PHE A 35 -5.12 0.87 -9.18
C PHE A 35 -5.72 0.11 -7.98
N PHE A 36 -5.67 0.77 -6.83
CA PHE A 36 -6.20 0.18 -5.61
C PHE A 36 -7.73 0.24 -5.59
N SER A 37 -8.27 1.09 -6.46
CA SER A 37 -9.71 1.25 -6.54
C SER A 37 -10.35 -0.04 -7.06
N PRO A 38 -11.64 -0.23 -6.68
CA PRO A 38 -12.34 0.74 -5.85
C PRO A 38 -11.86 0.66 -4.41
N LEU A 39 -11.28 1.75 -3.93
CA LEU A 39 -10.80 1.82 -2.57
C LEU A 39 -10.54 3.29 -2.19
N ASN A 40 -10.15 3.48 -0.94
CA ASN A 40 -9.87 4.82 -0.44
C ASN A 40 -8.62 4.78 0.43
N PRO A 41 -7.45 5.03 -0.21
CA PRO A 41 -6.19 5.03 0.50
C PRO A 41 -6.03 6.29 1.34
N MET A 42 -5.76 6.09 2.62
CA MET A 42 -5.59 7.19 3.54
C MET A 42 -4.50 8.15 3.06
N ARG A 43 -3.41 7.56 2.60
CA ARG A 43 -2.29 8.34 2.10
C ARG A 43 -1.33 7.44 1.31
N VAL A 44 -0.90 7.96 0.16
CA VAL A 44 0.02 7.23 -0.69
C VAL A 44 1.34 7.99 -0.78
N HIS A 45 2.43 7.23 -0.86
CA HIS A 45 3.75 7.82 -0.97
C HIS A 45 4.48 7.22 -2.15
N ILE A 46 5.37 8.03 -2.73
CA ILE A 46 6.15 7.59 -3.88
C ILE A 46 7.64 7.71 -3.55
N GLU A 47 8.26 6.56 -3.34
CA GLU A 47 9.67 6.51 -3.02
C GLU A 47 10.50 6.89 -4.25
N ILE A 48 11.43 7.81 -4.03
CA ILE A 48 12.30 8.27 -5.10
C ILE A 48 13.76 8.04 -4.71
N GLY A 49 14.54 7.61 -5.69
CA GLY A 49 15.95 7.35 -5.46
C GLY A 49 16.67 8.60 -4.95
N PRO A 50 17.34 9.31 -5.91
CA PRO A 50 18.05 10.52 -5.57
C PRO A 50 17.10 11.69 -5.33
N ASP A 51 16.29 11.97 -6.35
CA ASP A 51 15.33 13.05 -6.26
C ASP A 51 14.68 13.26 -7.63
N GLY A 52 14.39 12.15 -8.30
CA GLY A 52 13.78 12.20 -9.60
C GLY A 52 13.19 10.84 -9.99
N ARG A 53 14.08 9.89 -10.25
CA ARG A 53 13.67 8.55 -10.63
C ARG A 53 13.01 7.84 -9.44
N VAL A 54 11.99 7.07 -9.73
CA VAL A 54 11.28 6.34 -8.70
C VAL A 54 11.89 4.95 -8.56
N THR A 55 11.83 4.43 -7.34
CA THR A 55 12.38 3.12 -7.05
C THR A 55 11.37 2.02 -7.44
N GLY A 56 10.10 2.39 -7.37
CA GLY A 56 9.04 1.46 -7.71
C GLY A 56 8.30 0.99 -6.45
N GLU A 57 8.59 1.67 -5.35
CA GLU A 57 7.96 1.34 -4.08
C GLU A 57 6.92 2.41 -3.71
N ALA A 58 5.97 1.99 -2.87
CA ALA A 58 4.93 2.90 -2.43
C ALA A 58 4.36 2.40 -1.11
N ASP A 59 3.96 3.35 -0.26
CA ASP A 59 3.40 3.02 1.03
C ASP A 59 1.98 3.57 1.11
N VAL A 60 1.03 2.64 1.23
CA VAL A 60 -0.38 3.01 1.32
C VAL A 60 -0.85 2.81 2.75
N GLU A 61 -1.93 3.52 3.08
CA GLU A 61 -2.50 3.44 4.42
C GLU A 61 -4.02 3.32 4.34
N PHE A 62 -4.57 2.45 5.17
CA PHE A 62 -6.00 2.24 5.21
C PHE A 62 -6.53 2.31 6.64
N ALA A 63 -7.71 2.90 6.77
CA ALA A 63 -8.34 3.03 8.07
C ALA A 63 -8.70 1.65 8.61
N THR A 64 -9.46 0.91 7.79
CA THR A 64 -9.88 -0.42 8.16
C THR A 64 -8.95 -1.47 7.56
N HIS A 65 -9.28 -2.73 7.79
CA HIS A 65 -8.49 -3.82 7.27
C HIS A 65 -8.98 -4.20 5.86
N GLU A 66 -10.29 -4.23 5.73
CA GLU A 66 -10.90 -4.57 4.45
C GLU A 66 -10.27 -3.74 3.32
N ASP A 67 -10.13 -2.46 3.59
CA ASP A 67 -9.55 -1.55 2.62
C ASP A 67 -8.14 -2.01 2.27
N ALA A 68 -7.58 -2.81 3.16
CA ALA A 68 -6.24 -3.33 2.96
C ALA A 68 -6.31 -4.67 2.23
N VAL A 69 -7.06 -5.60 2.84
CA VAL A 69 -7.22 -6.91 2.26
C VAL A 69 -7.87 -6.78 0.89
N ALA A 70 -8.47 -5.63 0.65
CA ALA A 70 -9.13 -5.36 -0.61
C ALA A 70 -8.07 -5.04 -1.67
N ALA A 71 -6.96 -4.48 -1.20
CA ALA A 71 -5.88 -4.13 -2.10
C ALA A 71 -5.13 -5.39 -2.52
N MET A 72 -5.35 -6.45 -1.76
CA MET A 72 -4.70 -7.73 -2.05
C MET A 72 -5.24 -8.34 -3.34
N ALA A 73 -6.25 -7.68 -3.89
CA ALA A 73 -6.86 -8.15 -5.12
C ALA A 73 -6.06 -7.63 -6.32
N LYS A 74 -5.50 -6.44 -6.13
CA LYS A 74 -4.71 -5.81 -7.19
C LYS A 74 -3.24 -6.22 -7.02
N ASP A 75 -3.02 -7.19 -6.15
CA ASP A 75 -1.68 -7.67 -5.89
C ASP A 75 -1.14 -8.38 -7.14
N LYS A 76 0.15 -8.21 -7.36
CA LYS A 76 0.80 -8.82 -8.51
C LYS A 76 0.31 -8.13 -9.79
N ALA A 77 -1.00 -8.14 -9.97
CA ALA A 77 -1.61 -7.52 -11.14
C ALA A 77 -0.76 -6.32 -11.57
N ASN A 78 -0.34 -6.35 -12.83
CA ASN A 78 0.47 -5.28 -13.38
C ASN A 78 -0.36 -4.00 -13.44
N MET A 79 -0.14 -3.15 -12.44
CA MET A 79 -0.85 -1.89 -12.36
C MET A 79 -1.01 -1.26 -13.75
N GLN A 80 -0.01 -1.48 -14.59
CA GLN A 80 -0.02 -0.95 -15.94
C GLN A 80 0.60 -1.96 -16.91
N HIS A 81 1.93 -2.03 -16.85
CA HIS A 81 2.66 -2.94 -17.72
C HIS A 81 3.79 -3.61 -16.94
N ARG A 82 3.74 -3.42 -15.62
CA ARG A 82 4.75 -4.00 -14.74
C ARG A 82 4.09 -4.67 -13.54
N TYR A 83 4.56 -5.87 -13.24
CA TYR A 83 4.04 -6.63 -12.12
C TYR A 83 4.38 -5.95 -10.79
N VAL A 84 3.36 -5.33 -10.20
CA VAL A 84 3.53 -4.65 -8.94
C VAL A 84 3.31 -5.63 -7.80
N GLU A 85 3.88 -5.30 -6.65
CA GLU A 85 3.75 -6.14 -5.47
C GLU A 85 3.01 -5.40 -4.36
N LEU A 86 2.02 -6.08 -3.80
CA LEU A 86 1.22 -5.50 -2.72
C LEU A 86 1.39 -6.35 -1.46
N PHE A 87 1.75 -5.67 -0.38
CA PHE A 87 1.95 -6.34 0.90
C PHE A 87 0.89 -5.91 1.91
N LEU A 88 0.00 -6.84 2.22
CA LEU A 88 -1.07 -6.59 3.17
C LEU A 88 -0.49 -6.58 4.59
N ASN A 89 -0.11 -5.41 5.05
CA ASN A 89 0.45 -5.26 6.38
C ASN A 89 -0.59 -4.61 7.29
N SER A 90 -1.19 -5.43 8.15
CA SER A 90 -2.19 -4.94 9.08
C SER A 90 -2.05 -5.67 10.41
N THR A 91 -2.78 -5.17 11.40
CA THR A 91 -2.75 -5.76 12.73
C THR A 91 -4.01 -6.60 12.96
N ALA A 92 -5.09 -6.19 12.30
CA ALA A 92 -6.35 -6.90 12.43
C ALA A 92 -6.71 -7.03 13.90
N GLY A 93 -7.92 -7.53 14.14
CA GLY A 93 -8.40 -7.70 15.50
C GLY A 93 -8.38 -9.18 15.90
N THR A 94 -9.55 -9.72 16.15
CA THR A 94 -9.68 -11.11 16.54
C THR A 94 -11.04 -11.67 16.10
N SER A 95 -11.02 -12.93 15.71
CA SER A 95 -12.24 -13.59 15.26
C SER A 95 -11.98 -15.09 15.09
N GLY A 96 -12.95 -15.88 15.53
CA GLY A 96 -12.84 -17.33 15.42
C GLY A 96 -13.71 -17.85 14.28
N SER A 97 -13.16 -18.84 13.57
CA SER A 97 -13.87 -19.44 12.45
C SER A 97 -15.10 -20.20 12.96
N GLY A 98 -16.02 -20.45 12.04
CA GLY A 98 -17.24 -21.16 12.39
C GLY A 98 -17.01 -22.68 12.37
N PRO A 99 -18.04 -23.41 11.86
CA PRO A 99 -17.96 -24.86 11.77
C PRO A 99 -17.06 -25.29 10.63
N SER A 100 -16.20 -26.25 10.93
CA SER A 100 -15.26 -26.77 9.93
C SER A 100 -15.64 -28.21 9.56
N SER A 101 -15.11 -28.64 8.44
CA SER A 101 -15.38 -29.99 7.95
C SER A 101 -15.32 -30.98 9.12
N GLY A 102 -14.18 -30.98 9.81
CA GLY A 102 -13.99 -31.86 10.94
C GLY A 102 -13.53 -33.24 10.47
N GLY A 1 20.43 23.70 -9.87
CA GLY A 1 21.00 22.48 -9.33
C GLY A 1 19.92 21.43 -9.08
N SER A 2 20.36 20.21 -8.78
CA SER A 2 19.45 19.12 -8.52
C SER A 2 19.90 18.34 -7.28
N SER A 3 19.44 18.81 -6.14
CA SER A 3 19.79 18.17 -4.87
C SER A 3 18.55 18.09 -3.98
N GLY A 4 18.38 16.93 -3.36
CA GLY A 4 17.26 16.71 -2.47
C GLY A 4 17.22 15.26 -1.97
N SER A 5 17.05 15.12 -0.67
CA SER A 5 17.00 13.80 -0.06
C SER A 5 16.85 13.94 1.46
N SER A 6 15.66 13.60 1.93
CA SER A 6 15.37 13.67 3.35
C SER A 6 13.98 13.11 3.63
N GLY A 7 13.93 12.15 4.55
CA GLY A 7 12.67 11.53 4.92
C GLY A 7 12.47 10.20 4.18
N SER A 8 12.55 9.13 4.95
CA SER A 8 12.39 7.80 4.39
C SER A 8 12.15 6.78 5.51
N SER A 9 10.91 6.29 5.57
CA SER A 9 10.54 5.31 6.58
C SER A 9 9.12 4.81 6.32
N PHE A 10 8.86 3.62 6.84
CA PHE A 10 7.54 3.02 6.67
C PHE A 10 6.44 3.95 7.19
N GLN A 11 6.64 4.42 8.42
CA GLN A 11 5.68 5.31 9.04
C GLN A 11 4.33 4.61 9.20
N SER A 12 3.74 4.78 10.37
CA SER A 12 2.46 4.18 10.67
C SER A 12 1.62 5.10 11.55
N THR A 13 0.31 5.02 11.38
CA THR A 13 -0.60 5.86 12.14
C THR A 13 -1.70 5.00 12.76
N THR A 14 -2.33 4.19 11.91
CA THR A 14 -3.41 3.32 12.36
C THR A 14 -2.89 1.88 12.53
N GLY A 15 -2.39 1.34 11.43
CA GLY A 15 -1.86 -0.02 11.45
C GLY A 15 -2.07 -0.70 10.10
N HIS A 16 -3.25 -0.50 9.54
CA HIS A 16 -3.60 -1.09 8.26
C HIS A 16 -2.89 -0.32 7.14
N CYS A 17 -1.92 -0.99 6.52
CA CYS A 17 -1.17 -0.38 5.43
C CYS A 17 -0.88 -1.45 4.39
N VAL A 18 -0.43 -1.00 3.23
CA VAL A 18 -0.11 -1.91 2.14
C VAL A 18 1.16 -1.41 1.43
N HIS A 19 2.16 -2.29 1.42
CA HIS A 19 3.43 -1.96 0.78
C HIS A 19 3.34 -2.28 -0.70
N MET A 20 4.11 -1.52 -1.48
CA MET A 20 4.13 -1.71 -2.92
C MET A 20 5.57 -1.93 -3.43
N ARG A 21 5.66 -2.65 -4.53
CA ARG A 21 6.95 -2.95 -5.12
C ARG A 21 6.80 -3.27 -6.61
N GLY A 22 7.90 -3.14 -7.34
CA GLY A 22 7.91 -3.41 -8.76
C GLY A 22 6.83 -2.58 -9.47
N LEU A 23 6.97 -1.27 -9.38
CA LEU A 23 6.03 -0.37 -10.00
C LEU A 23 6.64 0.17 -11.30
N PRO A 24 5.73 0.47 -12.27
CA PRO A 24 6.16 0.99 -13.57
C PRO A 24 6.58 2.45 -13.46
N TYR A 25 7.48 2.85 -14.35
CA TYR A 25 7.97 4.21 -14.37
C TYR A 25 6.83 5.20 -14.62
N ARG A 26 5.75 4.68 -15.18
CA ARG A 26 4.59 5.51 -15.48
C ARG A 26 3.48 5.26 -14.45
N ALA A 27 3.91 5.07 -13.21
CA ALA A 27 2.98 4.81 -12.13
C ALA A 27 3.08 5.94 -11.10
N THR A 28 1.95 6.60 -10.87
CA THR A 28 1.90 7.71 -9.92
C THR A 28 0.80 7.46 -8.89
N GLU A 29 0.67 8.42 -7.98
CA GLU A 29 -0.33 8.32 -6.93
C GLU A 29 -1.73 8.29 -7.54
N ASN A 30 -1.90 9.07 -8.60
CA ASN A 30 -3.18 9.14 -9.27
C ASN A 30 -3.54 7.76 -9.83
N ASP A 31 -2.50 6.95 -10.01
CA ASP A 31 -2.69 5.60 -10.53
C ASP A 31 -2.89 4.63 -9.36
N ILE A 32 -2.03 4.77 -8.36
CA ILE A 32 -2.10 3.91 -7.20
C ILE A 32 -3.47 4.08 -6.53
N TYR A 33 -4.11 5.20 -6.82
CA TYR A 33 -5.41 5.50 -6.26
C TYR A 33 -6.50 4.69 -6.99
N ASN A 34 -6.36 4.62 -8.30
CA ASN A 34 -7.32 3.90 -9.12
C ASN A 34 -6.94 2.42 -9.16
N PHE A 35 -5.71 2.16 -8.74
CA PHE A 35 -5.21 0.78 -8.73
C PHE A 35 -5.86 -0.03 -7.62
N PHE A 36 -6.32 0.68 -6.60
CA PHE A 36 -6.97 0.05 -5.47
C PHE A 36 -8.49 0.20 -5.54
N SER A 37 -8.91 1.15 -6.36
CA SER A 37 -10.33 1.41 -6.54
C SER A 37 -11.05 0.14 -6.96
N PRO A 38 -12.30 -0.02 -6.43
CA PRO A 38 -12.87 0.98 -5.55
C PRO A 38 -12.24 0.89 -4.14
N LEU A 39 -11.66 2.01 -3.73
CA LEU A 39 -11.02 2.09 -2.43
C LEU A 39 -10.63 3.53 -2.14
N ASN A 40 -10.23 3.76 -0.90
CA ASN A 40 -9.82 5.09 -0.47
C ASN A 40 -8.59 4.98 0.43
N PRO A 41 -7.40 5.11 -0.22
CA PRO A 41 -6.14 5.02 0.51
C PRO A 41 -5.89 6.30 1.31
N MET A 42 -5.74 6.12 2.62
CA MET A 42 -5.50 7.25 3.51
C MET A 42 -4.38 8.14 2.97
N ARG A 43 -3.41 7.50 2.33
CA ARG A 43 -2.29 8.22 1.76
C ARG A 43 -1.37 7.25 1.00
N VAL A 44 -0.73 7.79 -0.03
CA VAL A 44 0.17 7.00 -0.85
C VAL A 44 1.55 7.66 -0.88
N HIS A 45 2.54 6.91 -0.44
CA HIS A 45 3.91 7.41 -0.41
C HIS A 45 4.67 6.88 -1.63
N ILE A 46 5.26 7.82 -2.35
CA ILE A 46 6.03 7.47 -3.54
C ILE A 46 7.51 7.65 -3.25
N GLU A 47 8.18 6.55 -2.97
CA GLU A 47 9.60 6.57 -2.67
C GLU A 47 10.39 7.03 -3.90
N ILE A 48 11.11 8.12 -3.74
CA ILE A 48 11.91 8.68 -4.83
C ILE A 48 13.39 8.40 -4.56
N GLY A 49 14.11 8.15 -5.63
CA GLY A 49 15.53 7.88 -5.53
C GLY A 49 16.35 9.17 -5.46
N PRO A 50 17.69 9.00 -5.37
CA PRO A 50 18.58 10.14 -5.29
C PRO A 50 18.72 10.83 -6.66
N ASP A 51 17.69 11.56 -7.02
CA ASP A 51 17.67 12.27 -8.29
C ASP A 51 16.25 12.78 -8.58
N GLY A 52 15.29 11.87 -8.43
CA GLY A 52 13.90 12.21 -8.67
C GLY A 52 13.12 11.00 -9.17
N ARG A 53 13.83 10.12 -9.87
CA ARG A 53 13.22 8.91 -10.42
C ARG A 53 12.61 8.08 -9.30
N VAL A 54 11.55 7.37 -9.63
CA VAL A 54 10.87 6.53 -8.66
C VAL A 54 11.76 5.34 -8.33
N THR A 55 11.28 4.53 -7.39
CA THR A 55 12.03 3.36 -6.97
C THR A 55 11.26 2.08 -7.33
N GLY A 56 9.94 2.21 -7.34
CA GLY A 56 9.09 1.07 -7.67
C GLY A 56 8.24 0.67 -6.47
N GLU A 57 8.63 1.16 -5.31
CA GLU A 57 7.91 0.85 -4.09
C GLU A 57 6.93 1.98 -3.75
N ALA A 58 5.93 1.64 -2.95
CA ALA A 58 4.93 2.61 -2.55
C ALA A 58 4.24 2.14 -1.26
N ASP A 59 3.93 3.09 -0.41
CA ASP A 59 3.27 2.78 0.85
C ASP A 59 1.82 3.25 0.80
N VAL A 60 0.93 2.39 1.26
CA VAL A 60 -0.49 2.70 1.27
C VAL A 60 -1.02 2.58 2.70
N GLU A 61 -2.02 3.39 2.99
CA GLU A 61 -2.64 3.39 4.31
C GLU A 61 -4.16 3.32 4.19
N PHE A 62 -4.75 2.55 5.09
CA PHE A 62 -6.20 2.39 5.10
C PHE A 62 -6.75 2.45 6.52
N ALA A 63 -7.94 3.03 6.64
CA ALA A 63 -8.59 3.14 7.94
C ALA A 63 -8.80 1.74 8.53
N THR A 64 -9.44 0.90 7.74
CA THR A 64 -9.71 -0.46 8.17
C THR A 64 -8.71 -1.44 7.54
N HIS A 65 -8.92 -2.71 7.83
CA HIS A 65 -8.04 -3.74 7.30
C HIS A 65 -8.57 -4.22 5.94
N GLU A 66 -9.88 -4.39 5.87
CA GLU A 66 -10.51 -4.84 4.65
C GLU A 66 -10.06 -3.97 3.47
N ASP A 67 -10.18 -2.68 3.64
CA ASP A 67 -9.78 -1.73 2.61
C ASP A 67 -8.31 -1.95 2.27
N ALA A 68 -7.63 -2.64 3.17
CA ALA A 68 -6.21 -2.93 2.98
C ALA A 68 -6.06 -4.23 2.20
N VAL A 69 -6.89 -5.20 2.56
CA VAL A 69 -6.85 -6.50 1.90
C VAL A 69 -7.29 -6.33 0.44
N ALA A 70 -8.41 -5.66 0.26
CA ALA A 70 -8.96 -5.43 -1.06
C ALA A 70 -7.93 -4.64 -1.89
N ALA A 71 -7.24 -3.75 -1.21
CA ALA A 71 -6.24 -2.93 -1.87
C ALA A 71 -5.10 -3.82 -2.38
N MET A 72 -4.57 -4.62 -1.46
CA MET A 72 -3.48 -5.52 -1.80
C MET A 72 -4.00 -6.77 -2.52
N ALA A 73 -5.32 -6.80 -2.68
CA ALA A 73 -5.96 -7.93 -3.35
C ALA A 73 -5.51 -7.97 -4.81
N LYS A 74 -4.87 -6.89 -5.23
CA LYS A 74 -4.40 -6.79 -6.60
C LYS A 74 -2.90 -7.13 -6.64
N ASP A 75 -2.55 -8.16 -5.90
CA ASP A 75 -1.16 -8.60 -5.83
C ASP A 75 -0.78 -9.29 -7.15
N LYS A 76 0.45 -9.04 -7.57
CA LYS A 76 0.94 -9.63 -8.81
C LYS A 76 0.20 -9.00 -9.99
N ALA A 77 -0.31 -7.80 -9.76
CA ALA A 77 -1.04 -7.08 -10.79
C ALA A 77 -0.16 -5.95 -11.32
N ASN A 78 -0.15 -5.83 -12.65
CA ASN A 78 0.65 -4.80 -13.29
C ASN A 78 -0.20 -3.53 -13.42
N MET A 79 0.38 -2.42 -12.94
CA MET A 79 -0.32 -1.15 -13.00
C MET A 79 -0.49 -0.69 -14.44
N GLN A 80 0.50 -1.01 -15.25
CA GLN A 80 0.47 -0.63 -16.66
C GLN A 80 1.05 -1.75 -17.53
N HIS A 81 2.25 -2.17 -17.16
CA HIS A 81 2.93 -3.22 -17.89
C HIS A 81 4.04 -3.81 -17.02
N ARG A 82 3.88 -3.66 -15.72
CA ARG A 82 4.86 -4.17 -14.77
C ARG A 82 4.16 -4.72 -13.53
N TYR A 83 4.27 -6.03 -13.36
CA TYR A 83 3.65 -6.68 -12.22
C TYR A 83 4.01 -5.97 -10.91
N VAL A 84 3.00 -5.39 -10.29
CA VAL A 84 3.19 -4.66 -9.04
C VAL A 84 3.03 -5.64 -7.88
N GLU A 85 3.68 -5.30 -6.78
CA GLU A 85 3.62 -6.12 -5.58
C GLU A 85 2.77 -5.44 -4.50
N LEU A 86 2.15 -6.26 -3.68
CA LEU A 86 1.31 -5.75 -2.60
C LEU A 86 1.48 -6.64 -1.37
N PHE A 87 1.95 -6.02 -0.29
CA PHE A 87 2.16 -6.74 0.95
C PHE A 87 1.18 -6.26 2.02
N LEU A 88 0.26 -7.15 2.38
CA LEU A 88 -0.73 -6.84 3.39
C LEU A 88 -0.03 -6.62 4.73
N ASN A 89 -0.17 -5.39 5.24
CA ASN A 89 0.44 -5.03 6.51
C ASN A 89 -0.59 -4.33 7.39
N SER A 90 -1.10 -5.07 8.36
CA SER A 90 -2.09 -4.53 9.27
C SER A 90 -1.87 -5.07 10.68
N THR A 91 -2.58 -4.49 11.64
CA THR A 91 -2.47 -4.91 13.02
C THR A 91 -3.67 -5.78 13.41
N ALA A 92 -4.76 -5.59 12.69
CA ALA A 92 -5.98 -6.34 12.95
C ALA A 92 -6.28 -6.30 14.45
N GLY A 93 -7.33 -7.03 14.82
CA GLY A 93 -7.73 -7.09 16.22
C GLY A 93 -7.82 -8.53 16.70
N THR A 94 -8.93 -8.84 17.36
CA THR A 94 -9.15 -10.18 17.88
C THR A 94 -10.55 -10.67 17.52
N SER A 95 -10.59 -11.83 16.88
CA SER A 95 -11.85 -12.42 16.47
C SER A 95 -12.25 -13.53 17.44
N GLY A 96 -11.41 -14.55 17.51
CA GLY A 96 -11.66 -15.67 18.39
C GLY A 96 -11.21 -16.98 17.74
N SER A 97 -11.75 -18.08 18.25
CA SER A 97 -11.42 -19.40 17.75
C SER A 97 -12.31 -20.46 18.39
N GLY A 98 -12.31 -21.63 17.78
CA GLY A 98 -13.12 -22.73 18.27
C GLY A 98 -12.63 -24.07 17.72
N PRO A 99 -11.79 -24.75 18.54
CA PRO A 99 -11.24 -26.04 18.15
C PRO A 99 -12.30 -27.15 18.24
N SER A 100 -11.96 -28.30 17.70
CA SER A 100 -12.86 -29.43 17.73
C SER A 100 -12.19 -30.65 17.06
N SER A 101 -11.88 -31.63 17.89
CA SER A 101 -11.24 -32.84 17.40
C SER A 101 -12.30 -33.79 16.84
N GLY A 102 -13.22 -34.19 17.71
CA GLY A 102 -14.28 -35.10 17.31
C GLY A 102 -13.98 -36.53 17.77
#